data_8U4D
#
_entry.id   8U4D
#
_cell.length_a   1.00
_cell.length_b   1.00
_cell.length_c   1.00
_cell.angle_alpha   90.00
_cell.angle_beta   90.00
_cell.angle_gamma   90.00
#
_symmetry.space_group_name_H-M   'P 1'
#
loop_
_entity.id
_entity.type
_entity.pdbx_description
1 polymer 'Transient receptor potential cation channel subfamily V member 1'
2 non-polymer '(2S)-2-[(9,10-dibromooctadecanoyl)oxy]-3-{[(S)-hydroxy{[(1S,2R,3R,4S,5S,6R)-2,3,4,5,6-pentahydroxycyclohexyl]oxy}phosphoryl]oxy}propyl (9R,10S)-9,10-dibromooctadecanoate'
3 non-polymer 'SODIUM ION'
4 water water
#
_entity_poly.entity_id   1
_entity_poly.type   'polypeptide(L)'
_entity_poly.pdbx_seq_one_letter_code
;MGSRLYDRRSIFDAVAQSNCQELESLLPFLQRSKKRLTDSEFKDPETGKTCLLKAMLNLHNGQNDTIALLLDVARKTDSL
KQFVNASYTDSYYKGQTALHIAIERRNMTLVTLLVENGADVQAAANGDFFKKTKGRPGFYFGELPLSLAACTNQLAIVKF
LLQNSWQPADISARDSVGNTVLHALVEVADNTVDNTKFVTSMYNEILILGAKLHPTLKLEEITNRKGLTPLALAASSGKI
GVLAYILQREIHEPECRHLSRKFTEWAYGPVHSSLYDLSCIDTCEKNSVLEVIAYSSSETPNRHDMLLVEPLNRLLQDKW
DRFVKRIFYFNFFVYCLYMIIFTAAAYYRPVEGLPPYKLKNTVGDYFRVTGEILSVSGGVYFFFRGIQYFLQRRPSLKSL
FVDSYSEILFFVQSLFMLVSVVLYFSQRKEYVASMVFSLAMGWTNMLYYTRGFQQMGIYAVMIEKMILRDLCRFMFVYLV
FLFGFSTAVVTLIEDGKYNSLYSTCLELFKFTIGMGDLEFTENYDFKAVFIILLLAYVILTYILLLNMLIALMGETVNKI
AQESKNIWKLQRAITILDTEKSFLKCMRKAFRSGKLLQVGFTPDGKDDYRWCFRVDEVNWTTWNTNVGIINEDPG
;
_entity_poly.pdbx_strand_id   A,D,B,C
#
# COMPACT_ATOMS: atom_id res chain seq x y z
N LEU A 71 -14.82 6.64 63.41
CA LEU A 71 -15.14 5.90 64.63
C LEU A 71 -15.49 6.85 65.76
N ASP A 72 -14.59 7.80 66.03
CA ASP A 72 -14.73 8.71 67.17
C ASP A 72 -15.82 9.75 66.97
N VAL A 73 -16.63 9.71 65.91
CA VAL A 73 -17.69 10.69 65.70
C VAL A 73 -19.07 10.07 65.62
N ALA A 74 -19.17 8.75 65.51
CA ALA A 74 -20.48 8.09 65.45
C ALA A 74 -21.03 7.95 66.86
N ARG A 75 -22.03 8.76 67.19
CA ARG A 75 -22.57 8.86 68.54
C ARG A 75 -24.01 8.41 68.58
N LYS A 76 -24.33 7.53 69.52
CA LYS A 76 -25.71 7.06 69.72
C LYS A 76 -26.47 7.99 70.65
N THR A 77 -26.46 9.28 70.34
CA THR A 77 -27.11 10.28 71.18
C THR A 77 -28.55 10.51 70.74
N LEU A 80 -27.05 8.44 65.96
CA LEU A 80 -26.32 7.68 64.97
C LEU A 80 -26.90 7.92 63.57
N LYS A 81 -28.16 7.57 63.39
CA LYS A 81 -28.83 7.86 62.13
C LYS A 81 -29.04 9.36 61.98
N GLN A 82 -29.23 9.79 60.73
CA GLN A 82 -29.34 11.20 60.36
C GLN A 82 -27.97 11.88 60.43
N PHE A 83 -26.95 11.16 60.89
CA PHE A 83 -25.57 11.62 60.86
C PHE A 83 -24.68 10.69 60.06
N VAL A 84 -24.86 9.37 60.21
CA VAL A 84 -24.22 8.42 59.30
C VAL A 84 -24.97 8.30 57.99
N ASN A 85 -26.09 9.00 57.84
CA ASN A 85 -26.85 9.04 56.60
C ASN A 85 -27.03 10.46 56.08
N ALA A 86 -26.29 11.42 56.62
CA ALA A 86 -26.37 12.79 56.13
C ALA A 86 -25.80 12.88 54.72
N SER A 87 -26.37 13.77 53.92
CA SER A 87 -26.05 13.87 52.50
C SER A 87 -25.92 15.32 52.09
N TYR A 88 -25.18 15.55 51.01
CA TYR A 88 -25.01 16.89 50.47
C TYR A 88 -26.36 17.48 50.06
N THR A 89 -26.59 18.73 50.43
CA THR A 89 -27.74 19.49 49.94
C THR A 89 -27.38 20.35 48.74
N ASP A 90 -26.11 20.44 48.38
CA ASP A 90 -25.69 21.22 47.23
C ASP A 90 -26.32 20.67 45.96
N SER A 91 -26.78 21.57 45.08
CA SER A 91 -27.36 21.14 43.82
C SER A 91 -26.35 20.39 42.96
N TYR A 92 -25.06 20.70 43.12
CA TYR A 92 -24.03 20.03 42.32
C TYR A 92 -23.82 18.60 42.79
N TYR A 93 -23.75 18.39 44.11
CA TYR A 93 -23.55 17.07 44.69
C TYR A 93 -24.79 16.55 45.39
N LYS A 94 -25.97 17.07 45.04
CA LYS A 94 -27.18 16.69 45.75
C LYS A 94 -27.36 15.18 45.76
N GLY A 95 -27.60 14.62 46.94
CA GLY A 95 -27.83 13.22 47.12
C GLY A 95 -26.62 12.42 47.52
N GLN A 96 -25.42 12.96 47.34
CA GLN A 96 -24.22 12.22 47.73
C GLN A 96 -24.18 12.02 49.24
N THR A 97 -23.85 10.81 49.65
CA THR A 97 -23.79 10.43 51.05
C THR A 97 -22.42 9.83 51.34
N ALA A 98 -22.17 9.57 52.62
CA ALA A 98 -20.88 9.02 53.01
C ALA A 98 -20.65 7.63 52.43
N LEU A 99 -21.72 6.88 52.21
CA LEU A 99 -21.58 5.57 51.58
C LEU A 99 -21.04 5.71 50.16
N HIS A 100 -21.53 6.70 49.42
CA HIS A 100 -21.02 6.95 48.07
C HIS A 100 -19.52 7.22 48.11
N ILE A 101 -19.09 8.08 49.04
CA ILE A 101 -17.67 8.42 49.14
C ILE A 101 -16.86 7.19 49.49
N ALA A 102 -17.34 6.40 50.45
CA ALA A 102 -16.61 5.20 50.85
C ALA A 102 -16.46 4.23 49.69
N ILE A 103 -17.53 4.03 48.92
CA ILE A 103 -17.45 3.15 47.76
C ILE A 103 -16.46 3.70 46.74
N GLU A 104 -16.53 5.00 46.47
CA GLU A 104 -15.67 5.60 45.45
C GLU A 104 -14.20 5.40 45.79
N ARG A 105 -13.83 5.50 47.07
CA ARG A 105 -12.45 5.33 47.47
C ARG A 105 -12.03 3.87 47.53
N ARG A 106 -12.95 2.93 47.34
CA ARG A 106 -12.62 1.51 47.29
C ARG A 106 -12.18 0.99 48.66
N ASN A 107 -12.88 1.43 49.71
CA ASN A 107 -12.57 1.05 51.08
C ASN A 107 -13.64 0.06 51.54
N MET A 108 -13.30 -1.23 51.49
CA MET A 108 -14.25 -2.26 51.88
C MET A 108 -14.61 -2.14 53.36
N THR A 109 -13.60 -2.01 54.22
CA THR A 109 -13.86 -1.94 55.66
C THR A 109 -14.71 -0.73 56.01
N LEU A 110 -14.43 0.42 55.39
CA LEU A 110 -15.23 1.60 55.66
C LEU A 110 -16.68 1.39 55.22
N VAL A 111 -16.88 0.75 54.07
CA VAL A 111 -18.24 0.50 53.59
C VAL A 111 -18.98 -0.41 54.57
N THR A 112 -18.32 -1.46 55.05
CA THR A 112 -18.96 -2.31 56.05
C THR A 112 -19.29 -1.52 57.31
N LEU A 113 -18.38 -0.63 57.73
CA LEU A 113 -18.62 0.17 58.92
C LEU A 113 -19.86 1.04 58.75
N LEU A 114 -19.99 1.69 57.59
CA LEU A 114 -21.16 2.54 57.36
C LEU A 114 -22.43 1.72 57.24
N VAL A 115 -22.35 0.54 56.62
CA VAL A 115 -23.53 -0.31 56.47
C VAL A 115 -24.02 -0.79 57.83
N GLU A 116 -23.09 -1.11 58.74
CA GLU A 116 -23.47 -1.62 60.04
C GLU A 116 -24.32 -0.61 60.81
N ASN A 117 -23.95 0.66 60.76
CA ASN A 117 -24.61 1.71 61.54
C ASN A 117 -25.92 2.17 60.92
N GLY A 118 -26.47 1.43 59.97
CA GLY A 118 -27.75 1.79 59.39
C GLY A 118 -27.69 2.73 58.20
N ALA A 119 -26.53 2.86 57.55
CA ALA A 119 -26.46 3.65 56.33
C ALA A 119 -27.36 3.04 55.27
N ASP A 120 -28.13 3.89 54.60
CA ASP A 120 -29.05 3.44 53.57
C ASP A 120 -28.28 3.08 52.30
N VAL A 121 -28.51 1.87 51.78
CA VAL A 121 -27.88 1.44 50.54
C VAL A 121 -28.69 1.82 49.31
N GLN A 122 -29.86 2.43 49.49
CA GLN A 122 -30.67 2.91 48.38
C GLN A 122 -30.55 4.43 48.19
N ALA A 123 -29.56 5.05 48.84
CA ALA A 123 -29.36 6.48 48.66
C ALA A 123 -29.01 6.78 47.21
N ALA A 124 -29.57 7.87 46.69
CA ALA A 124 -29.39 8.26 45.30
C ALA A 124 -28.61 9.56 45.22
N ALA A 125 -27.50 9.55 44.47
CA ALA A 125 -26.69 10.74 44.26
C ALA A 125 -27.25 11.47 43.05
N ASN A 126 -28.13 12.43 43.30
CA ASN A 126 -28.90 13.10 42.26
C ASN A 126 -28.29 14.42 41.83
N GLY A 127 -27.08 14.74 42.28
CA GLY A 127 -26.48 16.00 41.94
C GLY A 127 -26.16 16.12 40.46
N ASP A 128 -25.93 17.37 40.04
CA ASP A 128 -25.59 17.62 38.63
C ASP A 128 -24.28 16.95 38.25
N PHE A 129 -23.30 16.97 39.16
CA PHE A 129 -22.01 16.34 38.86
C PHE A 129 -22.18 14.87 38.51
N PHE A 130 -23.21 14.22 39.04
CA PHE A 130 -23.49 12.83 38.75
C PHE A 130 -24.48 12.64 37.61
N LYS A 131 -24.92 13.71 36.97
CA LYS A 131 -25.81 13.58 35.82
C LYS A 131 -25.00 13.12 34.60
N LYS A 132 -25.74 12.68 33.58
CA LYS A 132 -25.11 12.03 32.43
C LYS A 132 -24.07 12.94 31.77
N THR A 133 -24.49 14.07 31.21
CA THR A 133 -23.56 14.99 30.54
C THR A 133 -23.81 16.45 30.82
N LYS A 134 -25.01 16.86 31.23
CA LYS A 134 -25.30 18.29 31.42
C LYS A 134 -24.28 18.91 32.37
N GLY A 135 -23.48 19.84 31.85
CA GLY A 135 -22.33 20.33 32.58
C GLY A 135 -21.12 19.48 32.25
N ARG A 136 -20.07 20.10 31.70
CA ARG A 136 -18.97 19.34 31.12
C ARG A 136 -18.35 18.33 32.08
N PRO A 137 -18.07 18.65 33.33
CA PRO A 137 -17.52 17.65 34.25
C PRO A 137 -18.58 16.83 34.94
N GLY A 138 -18.20 15.63 35.33
CA GLY A 138 -19.09 14.72 36.04
C GLY A 138 -18.89 13.29 35.58
N PHE A 139 -19.27 12.35 36.46
CA PHE A 139 -19.22 10.93 36.17
C PHE A 139 -20.59 10.34 36.46
N TYR A 140 -21.16 9.66 35.47
CA TYR A 140 -22.47 9.04 35.61
C TYR A 140 -22.29 7.55 35.89
N PHE A 141 -22.99 7.07 36.92
CA PHE A 141 -22.88 5.67 37.33
C PHE A 141 -24.22 5.08 37.72
N GLY A 142 -25.33 5.80 37.58
CA GLY A 142 -26.63 5.32 38.01
C GLY A 142 -27.10 5.86 39.35
N GLU A 143 -26.29 6.67 40.02
CA GLU A 143 -26.70 7.42 41.21
C GLU A 143 -26.81 6.54 42.46
N LEU A 144 -26.69 5.22 42.31
CA LEU A 144 -26.88 4.35 43.46
C LEU A 144 -25.56 3.73 43.89
N PRO A 145 -25.37 3.45 45.18
CA PRO A 145 -24.10 2.84 45.62
C PRO A 145 -23.83 1.50 44.96
N LEU A 146 -24.86 0.69 44.72
CA LEU A 146 -24.64 -0.57 44.01
C LEU A 146 -24.19 -0.33 42.58
N SER A 147 -24.84 0.61 41.88
CA SER A 147 -24.40 0.95 40.53
C SER A 147 -23.01 1.58 40.55
N LEU A 148 -22.70 2.37 41.57
CA LEU A 148 -21.38 2.96 41.68
C LEU A 148 -20.30 1.88 41.84
N ALA A 149 -20.57 0.88 42.68
CA ALA A 149 -19.62 -0.22 42.84
C ALA A 149 -19.51 -1.04 41.57
N ALA A 150 -20.63 -1.23 40.86
CA ALA A 150 -20.61 -2.01 39.63
C ALA A 150 -19.80 -1.30 38.53
N CYS A 151 -20.04 0.00 38.36
CA CYS A 151 -19.43 0.76 37.28
C CYS A 151 -18.00 1.20 37.59
N THR A 152 -17.49 0.90 38.79
CA THR A 152 -16.11 1.14 39.13
C THR A 152 -15.31 -0.15 39.25
N ASN A 153 -15.89 -1.29 38.85
CA ASN A 153 -15.20 -2.58 38.84
C ASN A 153 -14.82 -3.00 40.26
N GLN A 154 -15.83 -3.08 41.13
CA GLN A 154 -15.65 -3.49 42.52
C GLN A 154 -16.62 -4.64 42.79
N LEU A 155 -16.17 -5.87 42.52
CA LEU A 155 -17.04 -7.02 42.66
C LEU A 155 -17.34 -7.33 44.13
N ALA A 156 -16.32 -7.24 44.99
CA ALA A 156 -16.52 -7.58 46.40
C ALA A 156 -17.53 -6.66 47.05
N ILE A 157 -17.45 -5.35 46.77
CA ILE A 157 -18.41 -4.42 47.34
C ILE A 157 -19.81 -4.70 46.81
N VAL A 158 -19.92 -5.03 45.53
CA VAL A 158 -21.24 -5.35 44.96
C VAL A 158 -21.84 -6.56 45.68
N LYS A 159 -21.04 -7.61 45.85
CA LYS A 159 -21.53 -8.81 46.51
C LYS A 159 -21.95 -8.50 47.95
N PHE A 160 -21.11 -7.75 48.67
CA PHE A 160 -21.45 -7.39 50.04
C PHE A 160 -22.76 -6.62 50.10
N LEU A 161 -22.92 -5.61 49.24
CA LEU A 161 -24.11 -4.79 49.26
C LEU A 161 -25.36 -5.59 48.88
N LEU A 162 -25.20 -6.60 48.02
CA LEU A 162 -26.36 -7.40 47.64
C LEU A 162 -26.74 -8.41 48.71
N GLN A 163 -25.76 -8.97 49.42
CA GLN A 163 -25.99 -10.08 50.33
C GLN A 163 -25.44 -9.76 51.72
N ASN A 164 -25.82 -8.60 52.25
CA ASN A 164 -25.40 -8.17 53.60
C ASN A 164 -26.54 -8.49 54.54
N SER A 165 -26.23 -8.78 55.80
CA SER A 165 -27.21 -9.18 56.79
C SER A 165 -27.91 -8.00 57.45
N TRP A 166 -27.54 -6.77 57.11
CA TRP A 166 -28.15 -5.58 57.70
C TRP A 166 -29.21 -4.97 56.79
N GLN A 167 -28.82 -4.53 55.60
CA GLN A 167 -29.76 -3.92 54.62
C GLN A 167 -29.43 -4.32 53.17
N PRO A 168 -29.80 -5.52 52.67
CA PRO A 168 -29.45 -5.86 51.28
C PRO A 168 -29.87 -4.83 50.23
N ALA A 169 -29.03 -4.69 49.21
CA ALA A 169 -29.30 -3.76 48.12
C ALA A 169 -30.34 -4.33 47.17
N ASP A 170 -31.22 -3.46 46.67
CA ASP A 170 -32.25 -3.86 45.73
C ASP A 170 -31.66 -3.89 44.32
N ILE A 171 -31.43 -5.10 43.80
CA ILE A 171 -30.80 -5.25 42.50
C ILE A 171 -31.67 -4.71 41.38
N SER A 172 -32.97 -4.62 41.58
CA SER A 172 -33.90 -4.15 40.56
C SER A 172 -34.17 -2.66 40.65
N ALA A 173 -33.49 -1.94 41.53
CA ALA A 173 -33.75 -0.52 41.71
C ALA A 173 -33.41 0.26 40.44
N ARG A 174 -34.21 1.29 40.18
CA ARG A 174 -34.04 2.15 39.02
C ARG A 174 -33.69 3.56 39.48
N ASP A 175 -32.74 4.18 38.79
CA ASP A 175 -32.27 5.51 39.15
C ASP A 175 -33.25 6.56 38.65
N SER A 176 -32.84 7.83 38.66
CA SER A 176 -33.75 8.91 38.29
C SER A 176 -34.24 8.76 36.85
N VAL A 177 -33.38 8.33 35.94
CA VAL A 177 -33.74 8.22 34.53
C VAL A 177 -34.25 6.82 34.23
N GLY A 178 -34.55 6.05 35.26
CA GLY A 178 -35.07 4.71 35.09
C GLY A 178 -34.03 3.64 34.85
N ASN A 179 -32.75 4.00 34.84
CA ASN A 179 -31.69 3.03 34.56
C ASN A 179 -31.44 2.16 35.80
N THR A 180 -31.36 0.86 35.58
CA THR A 180 -30.95 -0.08 36.61
C THR A 180 -29.43 -0.23 36.57
N VAL A 181 -28.90 -1.20 37.32
CA VAL A 181 -27.44 -1.39 37.32
C VAL A 181 -26.96 -1.89 35.97
N LEU A 182 -27.75 -2.74 35.30
CA LEU A 182 -27.40 -3.17 33.95
C LEU A 182 -27.42 -2.02 32.97
N HIS A 183 -28.44 -1.15 33.08
CA HIS A 183 -28.50 0.03 32.22
C HIS A 183 -27.29 0.92 32.43
N ALA A 184 -26.92 1.15 33.69
CA ALA A 184 -25.76 1.98 33.98
C ALA A 184 -24.47 1.35 33.45
N LEU A 185 -24.36 0.03 33.56
CA LEU A 185 -23.19 -0.65 33.02
C LEU A 185 -23.11 -0.46 31.51
N VAL A 186 -24.25 -0.54 30.82
CA VAL A 186 -24.26 -0.27 29.38
C VAL A 186 -23.88 1.18 29.12
N GLU A 187 -24.33 2.09 29.98
CA GLU A 187 -24.08 3.52 29.77
C GLU A 187 -22.60 3.88 29.97
N VAL A 188 -21.90 3.20 30.88
CA VAL A 188 -20.48 3.52 31.09
C VAL A 188 -19.58 2.79 30.12
N ALA A 189 -20.10 1.86 29.33
CA ALA A 189 -19.29 1.22 28.31
C ALA A 189 -18.89 2.21 27.23
N ASP A 190 -17.66 2.07 26.73
CA ASP A 190 -17.15 3.01 25.74
C ASP A 190 -16.42 2.31 24.60
N ASN A 191 -16.62 1.01 24.42
CA ASN A 191 -16.07 0.28 23.27
C ASN A 191 -14.54 0.30 23.26
N THR A 192 -13.95 0.04 24.42
CA THR A 192 -12.51 -0.12 24.55
C THR A 192 -12.23 -1.43 25.25
N VAL A 193 -11.05 -2.01 24.97
CA VAL A 193 -10.80 -3.40 25.30
C VAL A 193 -10.93 -3.64 26.81
N ASP A 194 -10.21 -2.85 27.61
CA ASP A 194 -10.27 -3.04 29.06
C ASP A 194 -11.65 -2.67 29.60
N ASN A 195 -12.22 -1.58 29.11
CA ASN A 195 -13.57 -1.21 29.50
C ASN A 195 -14.57 -2.31 29.17
N THR A 196 -14.45 -2.87 27.96
CA THR A 196 -15.37 -3.93 27.55
C THR A 196 -15.23 -5.15 28.44
N LYS A 197 -13.97 -5.55 28.70
CA LYS A 197 -13.75 -6.70 29.56
C LYS A 197 -14.40 -6.50 30.92
N PHE A 198 -14.11 -5.36 31.57
CA PHE A 198 -14.64 -5.14 32.90
C PHE A 198 -16.17 -5.05 32.88
N VAL A 199 -16.72 -4.34 31.90
CA VAL A 199 -18.17 -4.13 31.87
C VAL A 199 -18.90 -5.45 31.65
N THR A 200 -18.42 -6.28 30.72
CA THR A 200 -19.12 -7.53 30.45
C THR A 200 -18.94 -8.52 31.61
N SER A 201 -17.76 -8.56 32.23
CA SER A 201 -17.58 -9.43 33.39
C SER A 201 -18.51 -9.02 34.52
N MET A 202 -18.60 -7.71 34.80
CA MET A 202 -19.49 -7.26 35.86
C MET A 202 -20.95 -7.53 35.51
N TYR A 203 -21.31 -7.36 34.24
CA TYR A 203 -22.66 -7.66 33.80
C TYR A 203 -23.00 -9.12 34.05
N ASN A 204 -22.10 -10.02 33.69
CA ASN A 204 -22.33 -11.45 33.89
C ASN A 204 -22.45 -11.78 35.38
N GLU A 205 -21.56 -11.22 36.20
CA GLU A 205 -21.61 -11.48 37.63
C GLU A 205 -22.92 -10.99 38.25
N ILE A 206 -23.34 -9.78 37.86
CA ILE A 206 -24.59 -9.23 38.40
C ILE A 206 -25.76 -10.10 37.98
N LEU A 207 -25.78 -10.53 36.72
CA LEU A 207 -26.86 -11.39 36.26
C LEU A 207 -26.92 -12.68 37.06
N ILE A 208 -25.78 -13.31 37.29
CA ILE A 208 -25.75 -14.57 38.03
C ILE A 208 -26.23 -14.35 39.46
N LEU A 209 -25.74 -13.29 40.11
CA LEU A 209 -26.14 -13.03 41.49
C LEU A 209 -27.63 -12.72 41.58
N GLY A 210 -28.16 -11.98 40.61
CA GLY A 210 -29.58 -11.70 40.61
C GLY A 210 -30.42 -12.95 40.41
N ALA A 211 -29.96 -13.85 39.55
CA ALA A 211 -30.67 -15.11 39.39
C ALA A 211 -30.66 -15.92 40.67
N LYS A 212 -29.52 -15.97 41.35
CA LYS A 212 -29.44 -16.71 42.60
C LYS A 212 -30.35 -16.11 43.67
N LEU A 213 -30.33 -14.78 43.80
CA LEU A 213 -31.11 -14.14 44.86
C LEU A 213 -32.60 -14.12 44.53
N HIS A 214 -32.94 -13.85 43.27
CA HIS A 214 -34.34 -13.75 42.83
C HIS A 214 -34.50 -14.60 41.58
N PRO A 215 -34.72 -15.91 41.73
CA PRO A 215 -34.79 -16.79 40.55
C PRO A 215 -35.88 -16.41 39.58
N THR A 216 -36.95 -15.75 40.04
CA THR A 216 -38.06 -15.40 39.17
C THR A 216 -37.93 -14.01 38.56
N LEU A 217 -37.13 -13.13 39.16
CA LEU A 217 -37.01 -11.77 38.64
C LEU A 217 -36.45 -11.78 37.22
N LYS A 218 -37.00 -10.90 36.38
CA LYS A 218 -36.61 -10.78 34.98
C LYS A 218 -35.82 -9.48 34.82
N LEU A 219 -34.50 -9.56 35.04
CA LEU A 219 -33.69 -8.35 35.14
C LEU A 219 -33.56 -7.64 33.80
N GLU A 220 -33.25 -8.36 32.73
CA GLU A 220 -32.91 -7.73 31.42
C GLU A 220 -34.11 -7.24 30.62
N GLU A 221 -35.34 -7.40 31.09
CA GLU A 221 -36.49 -6.81 30.42
C GLU A 221 -37.09 -5.64 31.20
N ILE A 222 -36.40 -5.18 32.24
CA ILE A 222 -36.79 -3.93 32.91
C ILE A 222 -36.34 -2.77 32.04
N THR A 223 -37.26 -1.87 31.73
CA THR A 223 -36.98 -0.72 30.88
C THR A 223 -36.77 0.52 31.73
N ASN A 224 -36.09 1.50 31.14
CA ASN A 224 -35.89 2.79 31.77
C ASN A 224 -37.05 3.71 31.38
N ARG A 225 -36.93 5.00 31.71
CA ARG A 225 -38.00 5.94 31.38
C ARG A 225 -38.21 6.05 29.87
N LYS A 226 -37.17 5.80 29.08
CA LYS A 226 -37.25 5.87 27.63
C LYS A 226 -37.82 4.61 27.00
N GLY A 227 -38.15 3.60 27.79
CA GLY A 227 -38.66 2.36 27.23
C GLY A 227 -37.63 1.50 26.56
N LEU A 228 -36.40 1.52 27.06
CA LEU A 228 -35.30 0.73 26.50
C LEU A 228 -34.82 -0.28 27.54
N THR A 229 -34.67 -1.52 27.10
CA THR A 229 -33.99 -2.52 27.90
C THR A 229 -32.49 -2.33 27.79
N PRO A 230 -31.70 -2.95 28.67
CA PRO A 230 -30.24 -2.83 28.53
C PRO A 230 -29.75 -3.27 27.15
N LEU A 231 -30.37 -4.30 26.56
CA LEU A 231 -30.00 -4.72 25.22
C LEU A 231 -30.39 -3.68 24.18
N ALA A 232 -31.63 -3.18 24.26
CA ALA A 232 -32.07 -2.13 23.34
C ALA A 232 -31.25 -0.86 23.54
N LEU A 233 -30.95 -0.51 24.79
CA LEU A 233 -30.10 0.65 25.05
C LEU A 233 -28.72 0.47 24.43
N ALA A 234 -28.14 -0.72 24.57
CA ALA A 234 -26.82 -0.96 23.99
C ALA A 234 -26.87 -0.83 22.47
N ALA A 235 -27.88 -1.43 21.84
CA ALA A 235 -27.99 -1.39 20.38
C ALA A 235 -28.20 0.04 19.88
N SER A 236 -29.05 0.81 20.56
CA SER A 236 -29.36 2.17 20.13
C SER A 236 -28.23 3.16 20.42
N SER A 237 -27.22 2.77 21.18
CA SER A 237 -26.14 3.66 21.57
C SER A 237 -24.79 3.28 20.96
N GLY A 238 -24.72 2.18 20.23
CA GLY A 238 -23.48 1.78 19.60
C GLY A 238 -22.49 1.07 20.49
N LYS A 239 -22.92 0.59 21.67
CA LYS A 239 -22.04 -0.14 22.57
C LYS A 239 -21.87 -1.56 22.02
N ILE A 240 -21.01 -1.65 21.01
CA ILE A 240 -20.93 -2.87 20.20
C ILE A 240 -20.36 -4.03 21.02
N GLY A 241 -19.40 -3.76 21.89
CA GLY A 241 -18.85 -4.83 22.72
C GLY A 241 -19.89 -5.44 23.64
N VAL A 242 -20.69 -4.60 24.29
CA VAL A 242 -21.76 -5.09 25.16
C VAL A 242 -22.78 -5.87 24.34
N LEU A 243 -23.12 -5.37 23.15
CA LEU A 243 -24.09 -6.06 22.30
C LEU A 243 -23.59 -7.44 21.90
N ALA A 244 -22.32 -7.53 21.49
CA ALA A 244 -21.76 -8.82 21.12
C ALA A 244 -21.74 -9.76 22.31
N TYR A 245 -21.38 -9.26 23.50
CA TYR A 245 -21.40 -10.12 24.68
C TYR A 245 -22.82 -10.63 24.95
N ILE A 246 -23.81 -9.75 24.87
CA ILE A 246 -25.18 -10.14 25.23
C ILE A 246 -25.71 -11.17 24.24
N LEU A 247 -25.51 -10.94 22.95
CA LEU A 247 -26.15 -11.80 21.95
C LEU A 247 -25.59 -13.21 21.94
N GLN A 248 -24.35 -13.40 22.40
CA GLN A 248 -23.71 -14.71 22.40
C GLN A 248 -23.53 -15.26 23.82
N ARG A 249 -24.33 -14.81 24.77
CA ARG A 249 -24.10 -15.12 26.18
C ARG A 249 -24.30 -16.62 26.43
N GLU A 250 -23.26 -17.27 26.93
CA GLU A 250 -23.29 -18.69 27.27
C GLU A 250 -22.89 -18.86 28.72
N ILE A 251 -23.86 -19.16 29.58
CA ILE A 251 -23.63 -19.37 31.01
C ILE A 251 -23.66 -20.88 31.25
N HIS A 252 -22.51 -21.44 31.61
CA HIS A 252 -22.31 -22.89 31.64
C HIS A 252 -22.45 -23.47 33.05
N GLU A 253 -23.36 -22.94 33.86
CA GLU A 253 -23.53 -23.45 35.21
C GLU A 253 -24.97 -23.90 35.44
N PRO A 254 -25.19 -24.95 36.24
CA PRO A 254 -26.57 -25.38 36.50
C PRO A 254 -27.33 -24.36 37.33
N GLU A 255 -28.65 -24.37 37.16
CA GLU A 255 -29.60 -23.50 37.86
C GLU A 255 -29.57 -22.08 37.35
N CYS A 256 -28.65 -21.71 36.45
CA CYS A 256 -28.61 -20.39 35.87
C CYS A 256 -28.41 -20.44 34.36
N ARG A 257 -28.42 -21.63 33.74
CA ARG A 257 -28.23 -21.73 32.30
C ARG A 257 -29.35 -21.06 31.53
N HIS A 258 -30.49 -20.81 32.17
CA HIS A 258 -31.60 -20.15 31.49
C HIS A 258 -31.29 -18.69 31.15
N LEU A 259 -30.29 -18.10 31.81
CA LEU A 259 -29.90 -16.74 31.50
C LEU A 259 -29.16 -16.64 30.17
N SER A 260 -28.60 -17.75 29.69
CA SER A 260 -27.82 -17.72 28.47
C SER A 260 -28.72 -17.45 27.27
N ARG A 261 -28.11 -16.92 26.21
CA ARG A 261 -28.80 -16.69 24.94
C ARG A 261 -28.31 -17.57 23.82
N LYS A 262 -27.13 -18.18 23.96
CA LYS A 262 -26.58 -19.11 22.99
C LYS A 262 -26.57 -20.50 23.60
N PHE A 263 -27.08 -21.48 22.87
CA PHE A 263 -27.16 -22.86 23.33
C PHE A 263 -26.56 -23.79 22.30
N THR A 264 -26.26 -25.01 22.75
CA THR A 264 -25.79 -26.09 21.89
C THR A 264 -26.88 -27.14 21.80
N GLU A 265 -27.44 -27.34 20.61
CA GLU A 265 -28.49 -28.33 20.44
C GLU A 265 -27.93 -29.74 20.39
N TRP A 266 -26.75 -29.93 19.80
CA TRP A 266 -26.13 -31.23 19.74
C TRP A 266 -24.70 -31.07 19.21
N ALA A 267 -23.86 -32.04 19.55
CA ALA A 267 -22.47 -32.06 19.11
C ALA A 267 -22.09 -33.49 18.75
N TYR A 268 -21.55 -33.67 17.54
CA TYR A 268 -21.12 -34.98 17.06
C TYR A 268 -19.75 -34.81 16.41
N GLY A 269 -18.74 -35.46 16.98
CA GLY A 269 -17.40 -35.34 16.47
C GLY A 269 -16.91 -33.90 16.54
N PRO A 270 -16.51 -33.33 15.40
CA PRO A 270 -16.04 -31.95 15.39
C PRO A 270 -17.10 -30.91 15.10
N VAL A 271 -18.32 -31.31 14.77
CA VAL A 271 -19.38 -30.39 14.34
C VAL A 271 -20.42 -30.31 15.45
N HIS A 272 -20.80 -29.09 15.82
CA HIS A 272 -21.82 -28.85 16.82
C HIS A 272 -22.76 -27.77 16.34
N SER A 273 -24.05 -27.96 16.58
CA SER A 273 -25.09 -27.04 16.16
C SER A 273 -25.42 -26.10 17.32
N SER A 274 -25.38 -24.80 17.05
CA SER A 274 -25.67 -23.78 18.05
C SER A 274 -27.05 -23.20 17.83
N LEU A 275 -27.70 -22.82 18.93
CA LEU A 275 -28.99 -22.17 18.91
C LEU A 275 -28.85 -20.76 19.48
N TYR A 276 -29.31 -19.77 18.72
CA TYR A 276 -29.22 -18.37 19.11
C TYR A 276 -30.60 -17.86 19.46
N ASP A 277 -30.76 -17.39 20.70
CA ASP A 277 -32.01 -16.78 21.12
C ASP A 277 -32.31 -15.56 20.25
N LEU A 278 -33.54 -15.50 19.75
CA LEU A 278 -33.95 -14.41 18.87
C LEU A 278 -34.96 -13.47 19.52
N SER A 279 -35.35 -13.71 20.77
CA SER A 279 -36.28 -12.81 21.43
C SER A 279 -35.70 -11.40 21.48
N CYS A 280 -36.51 -10.42 21.08
CA CYS A 280 -36.15 -9.01 21.04
C CYS A 280 -35.09 -8.70 19.98
N ILE A 281 -34.95 -9.54 18.96
CA ILE A 281 -33.94 -9.31 17.93
C ILE A 281 -34.61 -8.81 16.66
N ASP A 282 -35.56 -9.58 16.13
CA ASP A 282 -36.23 -9.22 14.89
C ASP A 282 -37.73 -8.97 15.06
N THR A 283 -38.26 -9.11 16.28
CA THR A 283 -39.64 -8.73 16.56
C THR A 283 -39.78 -8.53 18.06
N CYS A 284 -40.13 -7.31 18.47
CA CYS A 284 -40.28 -6.98 19.87
C CYS A 284 -41.54 -6.17 20.19
N GLU A 285 -42.14 -5.50 19.21
CA GLU A 285 -43.35 -4.70 19.39
C GLU A 285 -43.04 -3.41 20.15
N LYS A 286 -41.83 -3.27 20.69
CA LYS A 286 -41.37 -2.00 21.23
C LYS A 286 -40.18 -1.45 20.46
N ASN A 287 -39.06 -2.18 20.43
CA ASN A 287 -37.95 -1.86 19.54
C ASN A 287 -37.04 -3.08 19.46
N SER A 288 -37.03 -3.75 18.32
CA SER A 288 -36.14 -4.87 18.13
C SER A 288 -34.72 -4.36 17.86
N VAL A 289 -33.74 -5.23 18.11
CA VAL A 289 -32.36 -4.86 17.89
C VAL A 289 -32.13 -4.48 16.43
N LEU A 290 -32.71 -5.25 15.50
CA LEU A 290 -32.53 -4.96 14.08
C LEU A 290 -33.15 -3.61 13.71
N GLU A 291 -34.37 -3.35 14.17
CA GLU A 291 -35.00 -2.06 13.88
C GLU A 291 -34.20 -0.92 14.50
N VAL A 292 -33.72 -1.11 15.73
CA VAL A 292 -32.97 -0.06 16.41
C VAL A 292 -31.69 0.25 15.66
N ILE A 293 -30.97 -0.78 15.20
CA ILE A 293 -29.70 -0.56 14.51
C ILE A 293 -29.94 0.04 13.13
N ALA A 294 -30.89 -0.51 12.38
CA ALA A 294 -31.09 -0.11 10.99
C ALA A 294 -31.55 1.34 10.90
N TYR A 295 -32.42 1.78 11.80
CA TYR A 295 -32.99 3.12 11.77
C TYR A 295 -32.31 4.07 12.74
N SER A 296 -31.12 3.73 13.23
CA SER A 296 -30.39 4.64 14.10
C SER A 296 -29.94 5.86 13.32
N SER A 297 -29.69 6.95 14.06
CA SER A 297 -29.20 8.17 13.44
C SER A 297 -27.76 7.99 12.97
N SER A 298 -27.34 8.89 12.09
CA SER A 298 -25.99 8.83 11.55
C SER A 298 -24.93 9.08 12.62
N GLU A 299 -25.29 9.75 13.72
CA GLU A 299 -24.33 10.02 14.79
C GLU A 299 -24.01 8.79 15.63
N THR A 300 -24.78 7.71 15.53
CA THR A 300 -24.55 6.55 16.37
C THR A 300 -23.16 5.99 16.10
N PRO A 301 -22.32 5.82 17.13
CA PRO A 301 -20.88 5.58 16.89
C PRO A 301 -20.57 4.40 15.99
N ASN A 302 -21.26 3.27 16.17
CA ASN A 302 -20.87 2.02 15.51
C ASN A 302 -22.00 1.47 14.63
N ARG A 303 -22.80 2.36 14.03
CA ARG A 303 -24.03 1.90 13.38
C ARG A 303 -23.75 0.97 12.22
N HIS A 304 -22.66 1.21 11.47
CA HIS A 304 -22.35 0.37 10.32
C HIS A 304 -21.64 -0.92 10.73
N ASP A 305 -21.13 -1.01 11.94
CA ASP A 305 -20.39 -2.18 12.40
C ASP A 305 -21.22 -3.15 13.23
N MET A 306 -22.39 -2.72 13.72
CA MET A 306 -23.13 -3.56 14.66
C MET A 306 -23.80 -4.74 13.98
N LEU A 307 -24.14 -4.62 12.69
CA LEU A 307 -24.73 -5.75 11.97
C LEU A 307 -23.75 -6.88 11.76
N LEU A 308 -22.46 -6.67 12.00
CA LEU A 308 -21.47 -7.73 11.90
C LEU A 308 -21.45 -8.65 13.12
N VAL A 309 -22.12 -8.27 14.21
CA VAL A 309 -22.16 -9.13 15.38
C VAL A 309 -22.86 -10.44 15.02
N GLU A 310 -22.32 -11.54 15.53
CA GLU A 310 -22.43 -12.87 14.94
C GLU A 310 -23.83 -13.22 14.43
N PRO A 311 -24.84 -13.32 15.29
CA PRO A 311 -26.14 -13.82 14.80
C PRO A 311 -26.82 -12.91 13.78
N LEU A 312 -26.62 -11.60 13.88
CA LEU A 312 -27.44 -10.66 13.11
C LEU A 312 -27.18 -10.78 11.61
N ASN A 313 -25.91 -10.95 11.22
CA ASN A 313 -25.60 -11.05 9.79
C ASN A 313 -26.24 -12.28 9.17
N ARG A 314 -26.11 -13.43 9.84
CA ARG A 314 -26.72 -14.65 9.33
C ARG A 314 -28.24 -14.53 9.30
N LEU A 315 -28.82 -13.89 10.31
CA LEU A 315 -30.28 -13.71 10.33
C LEU A 315 -30.74 -12.86 9.15
N LEU A 316 -30.02 -11.78 8.86
CA LEU A 316 -30.38 -10.92 7.74
C LEU A 316 -30.23 -11.67 6.42
N GLN A 317 -29.15 -12.42 6.26
CA GLN A 317 -28.95 -13.19 5.04
C GLN A 317 -30.04 -14.25 4.88
N ASP A 318 -30.46 -14.85 6.00
CA ASP A 318 -31.54 -15.83 5.96
C ASP A 318 -32.84 -15.19 5.50
N LYS A 319 -33.18 -14.01 6.05
CA LYS A 319 -34.37 -13.31 5.59
C LYS A 319 -34.29 -13.00 4.11
N TRP A 320 -33.15 -12.46 3.67
CA TRP A 320 -32.92 -12.16 2.26
C TRP A 320 -33.24 -13.38 1.40
N ASP A 321 -32.46 -14.45 1.60
CA ASP A 321 -32.56 -15.63 0.76
C ASP A 321 -33.93 -16.29 0.86
N ARG A 322 -34.61 -16.19 2.00
CA ARG A 322 -35.86 -16.90 2.16
C ARG A 322 -36.99 -16.20 1.44
N PHE A 323 -37.16 -14.88 1.66
CA PHE A 323 -38.27 -14.21 1.00
C PHE A 323 -38.01 -12.81 0.46
N VAL A 324 -36.92 -12.14 0.81
CA VAL A 324 -36.84 -10.72 0.46
C VAL A 324 -36.21 -10.51 -0.91
N LYS A 325 -35.31 -11.40 -1.33
CA LYS A 325 -34.64 -11.23 -2.61
C LYS A 325 -35.63 -11.26 -3.77
N ARG A 326 -36.61 -12.16 -3.72
CA ARG A 326 -37.60 -12.25 -4.80
C ARG A 326 -38.46 -11.00 -4.88
N ILE A 327 -38.89 -10.49 -3.72
CA ILE A 327 -39.70 -9.26 -3.71
C ILE A 327 -38.88 -8.08 -4.22
N PHE A 328 -37.60 -8.02 -3.83
CA PHE A 328 -36.73 -6.95 -4.32
C PHE A 328 -36.55 -7.02 -5.83
N TYR A 329 -36.37 -8.23 -6.36
CA TYR A 329 -36.25 -8.39 -7.82
C TYR A 329 -37.53 -7.95 -8.52
N PHE A 330 -38.69 -8.31 -7.96
CA PHE A 330 -39.95 -7.89 -8.56
C PHE A 330 -40.08 -6.37 -8.55
N ASN A 331 -39.68 -5.73 -7.44
CA ASN A 331 -39.71 -4.27 -7.37
C ASN A 331 -38.80 -3.65 -8.43
N PHE A 332 -37.61 -4.21 -8.58
CA PHE A 332 -36.67 -3.71 -9.58
C PHE A 332 -37.25 -3.84 -10.99
N PHE A 333 -37.87 -4.99 -11.28
CA PHE A 333 -38.47 -5.19 -12.58
C PHE A 333 -39.59 -4.19 -12.84
N VAL A 334 -40.42 -3.94 -11.82
CA VAL A 334 -41.51 -2.99 -11.98
C VAL A 334 -40.97 -1.58 -12.23
N TYR A 335 -39.90 -1.21 -11.52
CA TYR A 335 -39.31 0.10 -11.75
C TYR A 335 -38.71 0.21 -13.14
N CYS A 336 -38.08 -0.86 -13.64
CA CYS A 336 -37.57 -0.85 -15.00
C CYS A 336 -38.69 -0.67 -16.01
N LEU A 337 -39.80 -1.38 -15.83
CA LEU A 337 -40.94 -1.20 -16.72
C LEU A 337 -41.46 0.22 -16.67
N TYR A 338 -41.55 0.80 -15.46
CA TYR A 338 -42.03 2.15 -15.33
C TYR A 338 -41.13 3.13 -16.06
N MET A 339 -39.81 2.97 -15.94
CA MET A 339 -38.89 3.88 -16.61
C MET A 339 -38.94 3.72 -18.11
N ILE A 340 -39.08 2.49 -18.60
CA ILE A 340 -39.18 2.28 -20.05
C ILE A 340 -40.44 2.95 -20.60
N ILE A 341 -41.57 2.79 -19.89
CA ILE A 341 -42.81 3.41 -20.35
C ILE A 341 -42.71 4.93 -20.30
N PHE A 342 -42.13 5.46 -19.23
CA PHE A 342 -41.94 6.91 -19.13
C PHE A 342 -41.06 7.43 -20.27
N THR A 343 -39.96 6.73 -20.55
CA THR A 343 -39.08 7.15 -21.63
C THR A 343 -39.78 7.12 -22.98
N ALA A 344 -40.54 6.06 -23.26
CA ALA A 344 -41.26 5.99 -24.52
C ALA A 344 -42.29 7.11 -24.63
N ALA A 345 -43.04 7.38 -23.56
CA ALA A 345 -44.05 8.42 -23.61
C ALA A 345 -43.40 9.79 -23.83
N ALA A 346 -42.30 10.07 -23.15
CA ALA A 346 -41.62 11.34 -23.32
C ALA A 346 -41.01 11.47 -24.71
N TYR A 347 -40.49 10.37 -25.26
CA TYR A 347 -39.86 10.40 -26.57
C TYR A 347 -40.83 10.80 -27.67
N TYR A 348 -42.10 10.42 -27.54
CA TYR A 348 -43.10 10.68 -28.56
C TYR A 348 -44.02 11.84 -28.18
N ARG A 349 -43.54 12.76 -27.35
CA ARG A 349 -44.35 13.92 -27.00
C ARG A 349 -44.68 14.72 -28.25
N PRO A 350 -45.92 15.21 -28.38
CA PRO A 350 -46.24 16.08 -29.52
C PRO A 350 -45.48 17.39 -29.46
N VAL A 351 -45.14 17.90 -30.63
CA VAL A 351 -44.36 19.13 -30.77
C VAL A 351 -45.17 20.15 -31.57
N GLU A 352 -46.49 20.13 -31.43
CA GLU A 352 -47.36 20.92 -32.29
C GLU A 352 -47.54 22.34 -31.78
N GLY A 353 -48.11 22.49 -30.58
CA GLY A 353 -48.38 23.81 -30.03
C GLY A 353 -48.14 23.90 -28.54
N LEU A 354 -49.12 24.39 -27.83
CA LEU A 354 -49.07 24.40 -26.38
C LEU A 354 -49.86 23.24 -25.81
N PRO A 355 -49.52 22.76 -24.62
CA PRO A 355 -50.35 21.76 -23.96
C PRO A 355 -51.60 22.39 -23.38
N PRO A 356 -52.63 21.59 -23.06
CA PRO A 356 -52.70 20.15 -23.32
C PRO A 356 -52.88 19.86 -24.80
N TYR A 357 -52.49 18.67 -25.23
CA TYR A 357 -52.50 18.31 -26.64
C TYR A 357 -53.68 17.40 -26.93
N LYS A 358 -54.44 17.73 -27.98
CA LYS A 358 -55.63 16.99 -28.31
C LYS A 358 -55.29 15.55 -28.67
N LEU A 359 -56.18 14.64 -28.31
CA LEU A 359 -55.96 13.20 -28.51
C LEU A 359 -56.40 12.82 -29.91
N LYS A 360 -55.44 12.45 -30.75
CA LYS A 360 -55.76 11.95 -32.08
C LYS A 360 -56.34 10.53 -31.99
N ASN A 361 -57.09 10.16 -33.02
CA ASN A 361 -57.73 8.85 -33.07
C ASN A 361 -56.81 7.88 -33.81
N THR A 362 -55.78 7.44 -33.09
CA THR A 362 -54.79 6.52 -33.64
C THR A 362 -54.33 5.59 -32.53
N VAL A 363 -53.83 4.41 -32.93
CA VAL A 363 -53.32 3.46 -31.94
C VAL A 363 -52.13 4.05 -31.21
N GLY A 364 -51.21 4.68 -31.94
CA GLY A 364 -50.05 5.28 -31.30
C GLY A 364 -50.43 6.36 -30.31
N ASP A 365 -51.42 7.18 -30.67
CA ASP A 365 -51.86 8.24 -29.76
C ASP A 365 -52.42 7.67 -28.46
N TYR A 366 -53.24 6.61 -28.57
CA TYR A 366 -53.80 5.99 -27.37
C TYR A 366 -52.71 5.37 -26.52
N PHE A 367 -51.74 4.70 -27.15
CA PHE A 367 -50.64 4.14 -26.38
C PHE A 367 -49.84 5.23 -25.70
N ARG A 368 -49.61 6.35 -26.38
CA ARG A 368 -48.87 7.45 -25.76
C ARG A 368 -49.60 8.00 -24.55
N VAL A 369 -50.92 8.21 -24.68
CA VAL A 369 -51.68 8.75 -23.55
C VAL A 369 -51.69 7.75 -22.39
N THR A 370 -51.76 6.46 -22.70
CA THR A 370 -51.64 5.44 -21.67
C THR A 370 -50.31 5.54 -20.95
N GLY A 371 -49.22 5.69 -21.72
CA GLY A 371 -47.91 5.83 -21.11
C GLY A 371 -47.80 7.05 -20.22
N GLU A 372 -48.41 8.13 -20.62
CA GLU A 372 -48.36 9.37 -19.85
C GLU A 372 -49.15 9.18 -18.56
N ILE A 373 -50.30 8.51 -18.60
CA ILE A 373 -51.08 8.24 -17.40
C ILE A 373 -50.28 7.37 -16.44
N LEU A 374 -49.62 6.34 -16.96
CA LEU A 374 -48.80 5.47 -16.11
C LEU A 374 -47.64 6.23 -15.50
N SER A 375 -47.01 7.12 -16.26
CA SER A 375 -45.90 7.90 -15.72
C SER A 375 -46.36 8.81 -14.58
N VAL A 376 -47.49 9.48 -14.77
CA VAL A 376 -48.02 10.34 -13.72
C VAL A 376 -48.40 9.51 -12.50
N SER A 377 -48.94 8.30 -12.73
CA SER A 377 -49.28 7.43 -11.62
C SER A 377 -48.05 7.05 -10.80
N GLY A 378 -46.96 6.71 -11.48
CA GLY A 378 -45.73 6.41 -10.77
C GLY A 378 -45.20 7.60 -10.01
N GLY A 379 -45.31 8.80 -10.60
CA GLY A 379 -44.91 10.00 -9.88
C GLY A 379 -45.71 10.22 -8.61
N VAL A 380 -47.04 10.03 -8.70
CA VAL A 380 -47.89 10.18 -7.53
C VAL A 380 -47.52 9.14 -6.47
N TYR A 381 -47.28 7.90 -6.91
CA TYR A 381 -46.91 6.84 -5.99
C TYR A 381 -45.63 7.19 -5.24
N PHE A 382 -44.61 7.69 -5.95
CA PHE A 382 -43.35 8.00 -5.28
C PHE A 382 -43.46 9.24 -4.41
N PHE A 383 -44.28 10.22 -4.81
CA PHE A 383 -44.52 11.38 -3.96
C PHE A 383 -45.13 10.95 -2.63
N PHE A 384 -46.13 10.07 -2.69
CA PHE A 384 -46.77 9.60 -1.46
C PHE A 384 -45.85 8.69 -0.66
N ARG A 385 -44.99 7.91 -1.33
CA ARG A 385 -44.02 7.11 -0.59
C ARG A 385 -43.04 7.99 0.15
N GLY A 386 -42.61 9.09 -0.47
CA GLY A 386 -41.74 10.03 0.22
C GLY A 386 -42.42 10.68 1.41
N ILE A 387 -43.67 11.10 1.25
CA ILE A 387 -44.41 11.66 2.38
C ILE A 387 -44.52 10.63 3.51
N GLN A 388 -44.85 9.39 3.15
CA GLN A 388 -44.98 8.34 4.15
C GLN A 388 -43.66 8.10 4.88
N TYR A 389 -42.54 8.10 4.15
CA TYR A 389 -41.25 7.94 4.80
C TYR A 389 -40.96 9.09 5.75
N PHE A 390 -41.23 10.32 5.31
CA PHE A 390 -40.96 11.47 6.17
C PHE A 390 -41.81 11.41 7.45
N LEU A 391 -43.04 10.92 7.34
CA LEU A 391 -43.90 10.85 8.51
C LEU A 391 -43.51 9.69 9.43
N GLN A 392 -43.18 8.52 8.86
CA GLN A 392 -42.93 7.34 9.67
C GLN A 392 -41.57 7.38 10.34
N ARG A 393 -40.55 7.92 9.68
CA ARG A 393 -39.21 7.93 10.23
C ARG A 393 -38.85 9.27 10.88
N ARG A 394 -39.60 10.32 10.53
CA ARG A 394 -39.37 11.69 11.06
C ARG A 394 -37.87 11.99 11.13
N PRO A 395 -37.20 12.23 9.98
CA PRO A 395 -35.80 12.62 9.98
C PRO A 395 -35.57 13.91 10.78
N SER A 396 -34.42 13.97 11.44
CA SER A 396 -34.10 15.06 12.35
C SER A 396 -33.53 16.28 11.66
N LEU A 397 -33.71 16.41 10.35
CA LEU A 397 -33.27 17.58 9.58
C LEU A 397 -31.76 17.61 9.39
N LYS A 398 -31.05 16.71 10.06
CA LYS A 398 -29.62 16.49 9.82
C LYS A 398 -29.37 15.15 9.16
N SER A 399 -29.97 14.09 9.68
CA SER A 399 -30.01 12.83 8.96
C SER A 399 -30.83 12.93 7.68
N LEU A 400 -31.61 14.00 7.53
CA LEU A 400 -32.36 14.21 6.30
C LEU A 400 -31.42 14.37 5.11
N PHE A 401 -30.47 15.29 5.21
CA PHE A 401 -29.54 15.56 4.13
C PHE A 401 -28.15 14.96 4.36
N VAL A 402 -27.99 14.12 5.38
CA VAL A 402 -26.73 13.41 5.60
C VAL A 402 -26.99 11.91 5.51
N ASP A 403 -28.22 11.52 5.82
CA ASP A 403 -28.72 10.19 5.56
C ASP A 403 -29.88 10.30 4.58
N SER A 404 -30.49 9.16 4.26
CA SER A 404 -31.71 9.14 3.44
C SER A 404 -31.50 9.82 2.09
N TYR A 405 -30.36 9.56 1.44
CA TYR A 405 -30.13 10.10 0.11
C TYR A 405 -31.13 9.55 -0.90
N SER A 406 -31.34 8.23 -0.89
CA SER A 406 -32.19 7.62 -1.90
C SER A 406 -33.65 8.05 -1.74
N GLU A 407 -34.13 8.18 -0.51
CA GLU A 407 -35.49 8.67 -0.30
C GLU A 407 -35.66 10.07 -0.87
N ILE A 408 -34.69 10.95 -0.62
CA ILE A 408 -34.74 12.31 -1.15
C ILE A 408 -34.70 12.30 -2.67
N LEU A 409 -33.84 11.48 -3.26
CA LEU A 409 -33.71 11.48 -4.72
C LEU A 409 -35.00 11.01 -5.39
N PHE A 410 -35.61 9.93 -4.87
CA PHE A 410 -36.88 9.48 -5.45
C PHE A 410 -37.98 10.52 -5.25
N PHE A 411 -38.01 11.17 -4.07
CA PHE A 411 -39.01 12.20 -3.83
C PHE A 411 -38.83 13.39 -4.76
N VAL A 412 -37.58 13.79 -5.03
CA VAL A 412 -37.34 14.93 -5.91
C VAL A 412 -37.72 14.58 -7.35
N GLN A 413 -37.45 13.35 -7.78
CA GLN A 413 -37.91 12.92 -9.09
C GLN A 413 -39.43 13.02 -9.19
N SER A 414 -40.13 12.55 -8.16
CA SER A 414 -41.60 12.64 -8.17
C SER A 414 -42.06 14.09 -8.20
N LEU A 415 -41.36 14.97 -7.49
CA LEU A 415 -41.72 16.39 -7.48
C LEU A 415 -41.58 16.98 -8.87
N PHE A 416 -40.50 16.65 -9.58
CA PHE A 416 -40.34 17.13 -10.95
C PHE A 416 -41.49 16.63 -11.83
N MET A 417 -41.88 15.36 -11.66
CA MET A 417 -43.00 14.84 -12.44
C MET A 417 -44.29 15.62 -12.17
N LEU A 418 -44.58 15.90 -10.89
CA LEU A 418 -45.83 16.57 -10.57
C LEU A 418 -45.82 18.03 -11.02
N VAL A 419 -44.67 18.69 -10.91
CA VAL A 419 -44.54 20.04 -11.44
C VAL A 419 -44.76 20.03 -12.95
N SER A 420 -44.26 18.99 -13.63
CA SER A 420 -44.49 18.88 -15.06
C SER A 420 -45.98 18.76 -15.36
N VAL A 421 -46.71 17.97 -14.57
CA VAL A 421 -48.15 17.85 -14.78
C VAL A 421 -48.83 19.21 -14.61
N VAL A 422 -48.46 19.93 -13.55
CA VAL A 422 -49.08 21.22 -13.26
C VAL A 422 -48.82 22.19 -14.41
N LEU A 423 -47.57 22.26 -14.88
CA LEU A 423 -47.24 23.15 -15.98
C LEU A 423 -47.96 22.74 -17.25
N TYR A 424 -48.09 21.44 -17.49
CA TYR A 424 -48.73 20.96 -18.70
C TYR A 424 -50.19 21.39 -18.76
N PHE A 425 -50.91 21.29 -17.64
CA PHE A 425 -52.30 21.73 -17.68
C PHE A 425 -52.43 23.24 -17.53
N SER A 426 -51.36 23.96 -17.23
CA SER A 426 -51.34 25.41 -17.26
C SER A 426 -50.91 25.94 -18.62
N GLN A 427 -50.83 25.09 -19.64
CA GLN A 427 -50.52 25.50 -21.01
C GLN A 427 -49.12 26.07 -21.17
N ARG A 428 -48.20 25.66 -20.31
CA ARG A 428 -46.82 26.11 -20.36
C ARG A 428 -45.93 25.02 -20.96
N LYS A 429 -45.03 25.41 -21.86
CA LYS A 429 -44.12 24.47 -22.49
C LYS A 429 -42.92 24.13 -21.62
N GLU A 430 -42.74 24.80 -20.48
CA GLU A 430 -41.69 24.45 -19.52
C GLU A 430 -41.95 23.11 -18.85
N TYR A 431 -43.15 22.56 -19.03
CA TYR A 431 -43.42 21.21 -18.55
C TYR A 431 -42.43 20.22 -19.15
N VAL A 432 -41.94 20.49 -20.36
CA VAL A 432 -40.95 19.62 -20.98
C VAL A 432 -39.64 19.66 -20.19
N ALA A 433 -39.22 20.84 -19.76
CA ALA A 433 -37.99 20.95 -18.96
C ALA A 433 -38.13 20.17 -17.66
N SER A 434 -39.26 20.37 -16.97
CA SER A 434 -39.48 19.64 -15.73
C SER A 434 -39.49 18.13 -15.98
N MET A 435 -40.13 17.71 -17.07
CA MET A 435 -40.25 16.30 -17.39
C MET A 435 -38.90 15.66 -17.72
N VAL A 436 -38.03 16.38 -18.45
CA VAL A 436 -36.73 15.79 -18.78
C VAL A 436 -35.86 15.72 -17.53
N PHE A 437 -35.97 16.68 -16.62
CA PHE A 437 -35.26 16.53 -15.36
C PHE A 437 -35.74 15.29 -14.60
N SER A 438 -37.06 15.09 -14.57
CA SER A 438 -37.61 13.89 -13.94
C SER A 438 -37.08 12.63 -14.60
N LEU A 439 -37.03 12.61 -15.93
CA LEU A 439 -36.57 11.43 -16.66
C LEU A 439 -35.11 11.12 -16.37
N ALA A 440 -34.25 12.14 -16.36
CA ALA A 440 -32.84 11.91 -16.07
C ALA A 440 -32.65 11.39 -14.65
N MET A 441 -33.36 11.98 -13.69
CA MET A 441 -33.25 11.48 -12.32
C MET A 441 -33.80 10.06 -12.21
N GLY A 442 -34.88 9.76 -12.91
CA GLY A 442 -35.43 8.42 -12.87
C GLY A 442 -34.45 7.39 -13.37
N TRP A 443 -33.71 7.71 -14.43
CA TRP A 443 -32.71 6.75 -14.90
C TRP A 443 -31.53 6.64 -13.96
N THR A 444 -31.03 7.76 -13.41
CA THR A 444 -29.91 7.63 -12.48
C THR A 444 -30.30 6.97 -11.18
N ASN A 445 -31.58 7.01 -10.80
CA ASN A 445 -32.06 6.35 -9.60
C ASN A 445 -32.08 4.84 -9.72
N MET A 446 -31.86 4.30 -10.92
CA MET A 446 -31.68 2.86 -11.06
C MET A 446 -30.53 2.34 -10.22
N LEU A 447 -29.55 3.19 -9.93
CA LEU A 447 -28.40 2.77 -9.14
C LEU A 447 -28.82 2.32 -7.74
N TYR A 448 -30.01 2.71 -7.28
CA TYR A 448 -30.50 2.24 -5.99
C TYR A 448 -30.60 0.73 -5.95
N TYR A 449 -30.99 0.10 -7.05
CA TYR A 449 -31.22 -1.34 -7.08
C TYR A 449 -29.94 -2.16 -7.19
N THR A 450 -28.77 -1.53 -7.36
CA THR A 450 -27.53 -2.28 -7.26
C THR A 450 -27.37 -2.91 -5.89
N ARG A 451 -27.89 -2.27 -4.84
CA ARG A 451 -28.08 -2.97 -3.58
C ARG A 451 -29.05 -4.11 -3.83
N GLY A 452 -28.71 -5.30 -3.34
CA GLY A 452 -29.32 -6.51 -3.82
C GLY A 452 -28.35 -7.40 -4.58
N PHE A 453 -27.19 -6.86 -4.93
CA PHE A 453 -26.09 -7.63 -5.49
C PHE A 453 -24.81 -7.11 -4.82
N GLN A 454 -24.00 -8.01 -4.30
CA GLN A 454 -22.91 -7.59 -3.43
C GLN A 454 -21.90 -6.71 -4.16
N GLN A 455 -21.43 -7.15 -5.33
CA GLN A 455 -20.37 -6.42 -6.01
C GLN A 455 -20.86 -5.06 -6.51
N MET A 456 -22.01 -5.05 -7.19
CA MET A 456 -22.57 -3.79 -7.68
C MET A 456 -22.97 -2.88 -6.52
N GLY A 457 -23.50 -3.46 -5.44
CA GLY A 457 -23.88 -2.65 -4.29
C GLY A 457 -22.69 -1.96 -3.65
N ILE A 458 -21.59 -2.68 -3.47
CA ILE A 458 -20.39 -2.08 -2.92
C ILE A 458 -19.84 -1.04 -3.87
N TYR A 459 -19.92 -1.30 -5.18
CA TYR A 459 -19.49 -0.31 -6.16
C TYR A 459 -20.31 0.99 -6.05
N ALA A 460 -21.63 0.86 -5.89
CA ALA A 460 -22.47 2.05 -5.72
C ALA A 460 -22.13 2.80 -4.44
N VAL A 461 -21.84 2.07 -3.36
CA VAL A 461 -21.42 2.73 -2.13
C VAL A 461 -20.13 3.51 -2.35
N MET A 462 -19.18 2.91 -3.06
CA MET A 462 -17.94 3.62 -3.35
C MET A 462 -18.20 4.86 -4.20
N ILE A 463 -19.14 4.78 -5.14
CA ILE A 463 -19.49 5.94 -5.95
C ILE A 463 -20.01 7.06 -5.06
N GLU A 464 -20.89 6.72 -4.12
CA GLU A 464 -21.42 7.72 -3.19
C GLU A 464 -20.28 8.36 -2.39
N LYS A 465 -19.37 7.55 -1.89
CA LYS A 465 -18.28 8.08 -1.07
C LYS A 465 -17.35 8.97 -1.90
N MET A 466 -17.05 8.58 -3.13
CA MET A 466 -16.22 9.41 -3.99
C MET A 466 -16.88 10.75 -4.23
N ILE A 467 -18.17 10.75 -4.55
CA ILE A 467 -18.89 12.00 -4.75
C ILE A 467 -18.79 12.86 -3.49
N LEU A 468 -19.03 12.27 -2.32
CA LEU A 468 -19.17 13.09 -1.13
C LEU A 468 -17.84 13.64 -0.64
N ARG A 469 -16.74 12.96 -0.89
CA ARG A 469 -15.44 13.48 -0.45
C ARG A 469 -14.62 14.10 -1.58
N ASP A 470 -14.22 13.28 -2.55
CA ASP A 470 -13.17 13.71 -3.47
C ASP A 470 -13.71 14.70 -4.48
N LEU A 471 -14.84 14.35 -5.09
CA LEU A 471 -15.42 15.22 -6.12
C LEU A 471 -15.82 16.56 -5.53
N CYS A 472 -16.35 16.57 -4.31
CA CYS A 472 -16.79 17.82 -3.69
C CYS A 472 -15.60 18.76 -3.45
N ARG A 473 -14.52 18.25 -2.83
CA ARG A 473 -13.36 19.10 -2.60
C ARG A 473 -12.77 19.59 -3.93
N PHE A 474 -12.63 18.68 -4.89
CA PHE A 474 -12.09 19.05 -6.18
C PHE A 474 -12.95 20.12 -6.84
N MET A 475 -14.27 19.98 -6.77
CA MET A 475 -15.15 20.91 -7.45
C MET A 475 -15.06 22.30 -6.83
N PHE A 476 -14.97 22.39 -5.50
CA PHE A 476 -14.80 23.71 -4.92
C PHE A 476 -13.55 24.39 -5.47
N VAL A 477 -12.40 23.71 -5.38
CA VAL A 477 -11.18 24.36 -5.83
C VAL A 477 -11.23 24.66 -7.33
N TYR A 478 -11.74 23.71 -8.11
CA TYR A 478 -11.78 23.86 -9.56
C TYR A 478 -12.68 25.01 -9.98
N LEU A 479 -13.84 25.15 -9.34
CA LEU A 479 -14.74 26.24 -9.71
C LEU A 479 -14.15 27.58 -9.33
N VAL A 480 -13.44 27.66 -8.21
CA VAL A 480 -12.73 28.90 -7.91
C VAL A 480 -11.75 29.26 -9.02
N PHE A 481 -10.93 28.29 -9.42
CA PHE A 481 -9.92 28.57 -10.44
C PHE A 481 -10.56 28.92 -11.78
N LEU A 482 -11.62 28.21 -12.16
CA LEU A 482 -12.29 28.46 -13.42
C LEU A 482 -12.90 29.86 -13.44
N PHE A 483 -13.61 30.22 -12.37
CA PHE A 483 -14.23 31.54 -12.34
C PHE A 483 -13.17 32.64 -12.37
N GLY A 484 -12.09 32.48 -11.61
CA GLY A 484 -11.06 33.51 -11.59
C GLY A 484 -10.42 33.72 -12.94
N PHE A 485 -10.01 32.63 -13.59
CA PHE A 485 -9.36 32.77 -14.88
C PHE A 485 -10.34 33.22 -15.96
N SER A 486 -11.61 32.83 -15.86
CA SER A 486 -12.62 33.30 -16.81
C SER A 486 -12.84 34.80 -16.67
N THR A 487 -12.91 35.31 -15.45
CA THR A 487 -13.10 36.75 -15.29
C THR A 487 -11.88 37.51 -15.79
N ALA A 488 -10.68 37.00 -15.54
CA ALA A 488 -9.48 37.65 -16.08
C ALA A 488 -9.51 37.67 -17.61
N VAL A 489 -9.84 36.53 -18.23
CA VAL A 489 -9.82 36.44 -19.68
C VAL A 489 -10.88 37.34 -20.29
N VAL A 490 -12.10 37.31 -19.75
CA VAL A 490 -13.18 38.12 -20.30
C VAL A 490 -12.89 39.60 -20.10
N THR A 491 -12.25 39.98 -18.99
CA THR A 491 -11.81 41.36 -18.83
C THR A 491 -10.80 41.74 -19.90
N LEU A 492 -9.85 40.85 -20.19
CA LEU A 492 -8.86 41.15 -21.22
C LEU A 492 -9.50 41.27 -22.60
N ILE A 493 -10.58 40.53 -22.87
CA ILE A 493 -11.20 40.56 -24.19
C ILE A 493 -11.89 41.90 -24.42
N GLU A 494 -11.73 42.44 -25.61
CA GLU A 494 -12.21 43.80 -25.90
C GLU A 494 -13.69 43.80 -26.30
N ASP A 495 -14.07 42.88 -27.18
CA ASP A 495 -15.44 42.81 -27.67
C ASP A 495 -15.60 41.48 -28.42
N GLY A 496 -16.75 41.30 -29.04
CA GLY A 496 -16.99 40.13 -29.87
C GLY A 496 -17.87 39.09 -29.21
N LYS A 497 -17.80 37.88 -29.77
CA LYS A 497 -18.67 36.79 -29.37
C LYS A 497 -18.33 36.24 -27.98
N TYR A 498 -17.13 36.51 -27.47
CA TYR A 498 -16.67 35.94 -26.21
C TYR A 498 -16.53 36.99 -25.11
N ASN A 499 -17.12 38.17 -25.30
CA ASN A 499 -17.05 39.23 -24.30
C ASN A 499 -18.14 39.11 -23.24
N SER A 500 -18.65 37.90 -23.02
CA SER A 500 -19.57 37.62 -21.94
C SER A 500 -18.96 36.56 -21.03
N LEU A 501 -19.30 36.64 -19.75
CA LEU A 501 -18.74 35.70 -18.77
C LEU A 501 -19.15 34.27 -19.07
N TYR A 502 -20.40 34.07 -19.49
CA TYR A 502 -20.87 32.72 -19.76
C TYR A 502 -20.08 32.05 -20.89
N SER A 503 -19.89 32.78 -21.99
CA SER A 503 -19.18 32.22 -23.14
C SER A 503 -17.74 31.87 -22.81
N THR A 504 -17.04 32.75 -22.10
CA THR A 504 -15.64 32.49 -21.76
C THR A 504 -15.53 31.37 -20.73
N CYS A 505 -16.46 31.32 -19.78
CA CYS A 505 -16.46 30.22 -18.83
C CYS A 505 -16.65 28.88 -19.54
N LEU A 506 -17.53 28.84 -20.53
CA LEU A 506 -17.72 27.62 -21.32
C LEU A 506 -16.46 27.27 -22.10
N GLU A 507 -15.82 28.26 -22.72
CA GLU A 507 -14.58 28.00 -23.44
C GLU A 507 -13.52 27.41 -22.52
N LEU A 508 -13.38 27.96 -21.32
CA LEU A 508 -12.36 27.44 -20.40
C LEU A 508 -12.74 26.07 -19.86
N PHE A 509 -14.03 25.80 -19.66
CA PHE A 509 -14.45 24.48 -19.23
C PHE A 509 -14.17 23.43 -20.30
N LYS A 510 -14.21 23.82 -21.58
CA LYS A 510 -13.88 22.87 -22.65
C LYS A 510 -12.49 22.26 -22.48
N PHE A 511 -11.54 23.02 -21.91
CA PHE A 511 -10.21 22.47 -21.65
C PHE A 511 -10.27 21.27 -20.72
N THR A 512 -11.22 21.27 -19.79
CA THR A 512 -11.30 20.18 -18.81
C THR A 512 -11.73 18.86 -19.46
N ILE A 513 -12.44 18.92 -20.59
CA ILE A 513 -12.94 17.71 -21.24
C ILE A 513 -12.17 17.42 -22.52
N GLY A 514 -10.93 17.91 -22.64
CA GLY A 514 -10.12 17.60 -23.79
C GLY A 514 -10.50 18.32 -25.07
N MET A 515 -11.17 19.47 -24.97
CA MET A 515 -11.66 20.17 -26.15
C MET A 515 -11.24 21.63 -26.19
N GLY A 516 -10.25 22.03 -25.38
CA GLY A 516 -9.88 23.43 -25.31
C GLY A 516 -9.16 23.90 -26.57
N ASP A 517 -9.47 25.13 -26.98
CA ASP A 517 -9.00 25.65 -28.26
C ASP A 517 -7.62 26.32 -28.19
N LEU A 518 -7.39 27.18 -27.20
CA LEU A 518 -6.16 27.95 -27.04
C LEU A 518 -6.06 29.10 -28.04
N GLU A 519 -6.96 29.14 -29.02
CA GLU A 519 -7.03 30.26 -29.95
C GLU A 519 -8.49 30.60 -30.26
N PHE A 520 -9.37 30.41 -29.27
CA PHE A 520 -10.80 30.58 -29.52
C PHE A 520 -11.18 32.01 -29.84
N THR A 521 -10.33 32.98 -29.53
CA THR A 521 -10.60 34.35 -29.91
C THR A 521 -9.27 35.08 -30.16
N GLU A 522 -9.36 36.18 -30.89
CA GLU A 522 -8.25 37.12 -31.06
C GLU A 522 -8.65 38.54 -30.70
N ASN A 523 -9.81 38.74 -30.10
CA ASN A 523 -10.37 40.07 -29.84
C ASN A 523 -9.76 40.65 -28.57
N TYR A 524 -8.49 41.04 -28.68
CA TYR A 524 -7.78 41.59 -27.54
C TYR A 524 -6.56 42.35 -28.06
N ASP A 525 -5.99 43.16 -27.18
CA ASP A 525 -4.58 43.51 -27.27
C ASP A 525 -3.81 42.58 -26.34
N PHE A 526 -2.49 42.54 -26.51
CA PHE A 526 -1.62 41.75 -25.63
C PHE A 526 -1.98 40.27 -25.71
N LYS A 527 -1.70 39.70 -26.88
CA LYS A 527 -1.80 38.25 -27.06
C LYS A 527 -0.97 37.49 -26.04
N ALA A 528 0.19 38.03 -25.66
CA ALA A 528 1.03 37.35 -24.68
C ALA A 528 0.28 37.15 -23.37
N VAL A 529 -0.46 38.17 -22.92
CA VAL A 529 -1.23 38.04 -21.69
C VAL A 529 -2.30 36.97 -21.83
N PHE A 530 -2.98 36.95 -22.98
CA PHE A 530 -4.02 35.96 -23.21
C PHE A 530 -3.46 34.54 -23.12
N ILE A 531 -2.35 34.28 -23.81
CA ILE A 531 -1.79 32.94 -23.82
C ILE A 531 -1.21 32.60 -22.45
N ILE A 532 -0.62 33.56 -21.75
CA ILE A 532 -0.11 33.28 -20.41
C ILE A 532 -1.24 32.89 -19.48
N LEU A 533 -2.36 33.62 -19.53
CA LEU A 533 -3.50 33.27 -18.70
C LEU A 533 -4.02 31.87 -19.03
N LEU A 534 -4.17 31.57 -20.33
CA LEU A 534 -4.68 30.26 -20.71
C LEU A 534 -3.73 29.14 -20.28
N LEU A 535 -2.42 29.34 -20.47
CA LEU A 535 -1.46 28.31 -20.09
C LEU A 535 -1.42 28.10 -18.58
N ALA A 536 -1.49 29.19 -17.80
CA ALA A 536 -1.54 29.05 -16.35
C ALA A 536 -2.77 28.30 -15.92
N TYR A 537 -3.93 28.65 -16.48
CA TYR A 537 -5.16 27.93 -16.16
C TYR A 537 -5.04 26.46 -16.52
N VAL A 538 -4.49 26.16 -17.70
CA VAL A 538 -4.35 24.78 -18.14
C VAL A 538 -3.45 24.00 -17.19
N ILE A 539 -2.28 24.55 -16.88
CA ILE A 539 -1.35 23.87 -16.00
C ILE A 539 -1.98 23.62 -14.63
N LEU A 540 -2.67 24.62 -14.09
CA LEU A 540 -3.21 24.49 -12.74
C LEU A 540 -4.37 23.50 -12.70
N THR A 541 -5.26 23.52 -13.69
CA THR A 541 -6.45 22.67 -13.63
C THR A 541 -6.22 21.33 -14.33
N TYR A 542 -5.96 21.35 -15.63
CA TYR A 542 -5.89 20.11 -16.40
C TYR A 542 -4.72 19.24 -15.95
N ILE A 543 -3.52 19.82 -15.87
CA ILE A 543 -2.33 19.00 -15.62
C ILE A 543 -2.18 18.69 -14.14
N LEU A 544 -2.56 19.62 -13.25
CA LEU A 544 -2.37 19.40 -11.83
C LEU A 544 -3.63 18.85 -11.16
N LEU A 545 -4.75 19.57 -11.22
CA LEU A 545 -5.88 19.28 -10.35
C LEU A 545 -6.61 17.99 -10.75
N LEU A 546 -6.80 17.76 -12.05
CA LEU A 546 -7.49 16.55 -12.50
C LEU A 546 -6.69 15.29 -12.18
N ASN A 547 -5.38 15.32 -12.45
CA ASN A 547 -4.54 14.18 -12.14
C ASN A 547 -4.42 13.96 -10.63
N MET A 548 -4.39 15.06 -9.88
CA MET A 548 -4.44 14.96 -8.42
C MET A 548 -5.75 14.32 -7.96
N LEU A 549 -6.85 14.64 -8.64
CA LEU A 549 -8.13 14.01 -8.32
C LEU A 549 -8.05 12.51 -8.52
N ILE A 550 -7.42 12.07 -9.61
CA ILE A 550 -7.24 10.63 -9.82
C ILE A 550 -6.45 10.01 -8.67
N ALA A 551 -5.34 10.65 -8.29
CA ALA A 551 -4.52 10.10 -7.20
C ALA A 551 -5.28 10.06 -5.88
N LEU A 552 -6.05 11.09 -5.58
CA LEU A 552 -6.83 11.12 -4.35
C LEU A 552 -7.93 10.07 -4.36
N MET A 553 -8.56 9.85 -5.52
CA MET A 553 -9.53 8.77 -5.64
C MET A 553 -8.87 7.43 -5.38
N GLY A 554 -7.65 7.23 -5.88
CA GLY A 554 -6.93 6.00 -5.59
C GLY A 554 -6.72 5.79 -4.10
N GLU A 555 -6.30 6.84 -3.42
CA GLU A 555 -6.15 6.76 -1.96
C GLU A 555 -7.47 6.39 -1.28
N THR A 556 -8.55 7.08 -1.65
CA THR A 556 -9.84 6.80 -1.04
C THR A 556 -10.27 5.35 -1.28
N VAL A 557 -10.15 4.89 -2.52
CA VAL A 557 -10.52 3.51 -2.85
C VAL A 557 -9.72 2.55 -1.99
N ASN A 558 -8.43 2.83 -1.81
CA ASN A 558 -7.61 1.98 -0.96
C ASN A 558 -8.11 1.96 0.48
N LYS A 559 -8.68 3.06 0.97
CA LYS A 559 -9.01 3.15 2.39
C LYS A 559 -10.43 2.76 2.77
N ILE A 560 -11.34 2.50 1.83
CA ILE A 560 -12.76 2.42 2.20
C ILE A 560 -13.39 1.06 1.86
N ALA A 561 -12.61 0.02 1.62
CA ALA A 561 -13.20 -1.26 1.21
C ALA A 561 -14.14 -1.80 2.29
N GLN A 562 -13.63 -1.94 3.52
CA GLN A 562 -14.43 -2.51 4.60
C GLN A 562 -15.61 -1.61 4.94
N GLU A 563 -15.38 -0.30 4.97
CA GLU A 563 -16.48 0.63 5.23
C GLU A 563 -17.57 0.49 4.19
N SER A 564 -17.18 0.37 2.91
CA SER A 564 -18.19 0.27 1.86
C SER A 564 -18.97 -1.03 1.95
N LYS A 565 -18.29 -2.14 2.26
CA LYS A 565 -19.01 -3.40 2.44
C LYS A 565 -20.00 -3.33 3.61
N ASN A 566 -19.57 -2.72 4.73
CA ASN A 566 -20.47 -2.61 5.88
C ASN A 566 -21.65 -1.70 5.57
N ILE A 567 -21.41 -0.60 4.84
CA ILE A 567 -22.50 0.29 4.48
C ILE A 567 -23.49 -0.43 3.56
N TRP A 568 -22.98 -1.20 2.61
CA TRP A 568 -23.88 -1.96 1.75
C TRP A 568 -24.72 -2.94 2.55
N LYS A 569 -24.10 -3.60 3.54
CA LYS A 569 -24.85 -4.53 4.37
C LYS A 569 -25.96 -3.81 5.15
N LEU A 570 -25.66 -2.62 5.67
CA LEU A 570 -26.70 -1.85 6.36
C LEU A 570 -27.80 -1.43 5.39
N GLN A 571 -27.45 -1.06 4.17
CA GLN A 571 -28.45 -0.70 3.18
C GLN A 571 -29.38 -1.88 2.89
N ARG A 572 -28.81 -3.07 2.72
CA ARG A 572 -29.65 -4.24 2.46
C ARG A 572 -30.50 -4.57 3.68
N ALA A 573 -29.97 -4.36 4.88
CA ALA A 573 -30.78 -4.56 6.09
C ALA A 573 -31.97 -3.61 6.11
N ILE A 574 -31.76 -2.34 5.73
CA ILE A 574 -32.87 -1.40 5.66
C ILE A 574 -33.90 -1.88 4.65
N THR A 575 -33.44 -2.36 3.49
CA THR A 575 -34.37 -2.90 2.50
C THR A 575 -35.17 -4.08 3.07
N ILE A 576 -34.50 -4.96 3.80
CA ILE A 576 -35.16 -6.15 4.35
C ILE A 576 -36.23 -5.74 5.37
N LEU A 577 -35.90 -4.81 6.26
CA LEU A 577 -36.89 -4.35 7.22
C LEU A 577 -38.06 -3.66 6.53
N ASP A 578 -37.78 -2.83 5.53
CA ASP A 578 -38.84 -2.16 4.80
C ASP A 578 -39.75 -3.16 4.11
N THR A 579 -39.17 -4.22 3.51
CA THR A 579 -40.00 -5.24 2.88
C THR A 579 -40.84 -5.96 3.90
N GLU A 580 -40.26 -6.35 5.04
CA GLU A 580 -41.02 -7.04 6.06
C GLU A 580 -42.18 -6.20 6.57
N LYS A 581 -42.06 -4.88 6.55
CA LYS A 581 -43.17 -4.01 6.92
C LYS A 581 -44.06 -3.63 5.74
N SER A 582 -43.62 -3.89 4.51
CA SER A 582 -44.41 -3.58 3.32
C SER A 582 -43.99 -4.58 2.24
N PHE A 583 -44.76 -5.66 2.12
CA PHE A 583 -44.41 -6.82 1.30
C PHE A 583 -45.50 -7.17 0.29
N ARG A 588 -48.02 -13.65 7.69
CA ARG A 588 -47.02 -13.95 8.71
C ARG A 588 -45.97 -14.94 8.16
N LYS A 589 -45.46 -14.66 6.96
CA LYS A 589 -44.40 -15.47 6.39
C LYS A 589 -43.03 -15.06 6.87
N ALA A 590 -42.80 -13.77 7.10
CA ALA A 590 -41.48 -13.25 7.41
C ALA A 590 -41.09 -13.52 8.86
N PHE A 591 -41.00 -14.79 9.25
CA PHE A 591 -40.79 -15.14 10.64
C PHE A 591 -39.49 -15.93 10.77
N ARG A 592 -38.63 -15.46 11.68
CA ARG A 592 -37.22 -15.81 11.74
C ARG A 592 -36.88 -17.29 11.60
N SER A 593 -37.30 -18.12 12.55
CA SER A 593 -36.72 -19.44 12.71
C SER A 593 -37.70 -20.32 13.47
N GLY A 594 -37.23 -21.44 13.99
CA GLY A 594 -38.10 -22.38 14.68
C GLY A 594 -38.18 -22.12 16.18
N LYS A 595 -39.35 -22.44 16.73
CA LYS A 595 -39.54 -22.38 18.17
C LYS A 595 -39.07 -23.69 18.79
N LEU A 596 -38.05 -23.60 19.64
CA LEU A 596 -37.39 -24.78 20.18
C LEU A 596 -37.23 -24.66 21.69
N LEU A 597 -37.20 -25.81 22.34
CA LEU A 597 -36.88 -25.92 23.75
C LEU A 597 -35.37 -26.03 23.88
N GLN A 598 -34.76 -25.12 24.64
CA GLN A 598 -33.32 -24.88 24.49
C GLN A 598 -32.52 -24.97 25.78
N VAL A 599 -33.11 -24.65 26.92
CA VAL A 599 -32.46 -24.81 28.21
C VAL A 599 -33.20 -25.80 29.09
N GLY A 600 -34.17 -26.51 28.53
CA GLY A 600 -35.01 -27.37 29.32
C GLY A 600 -36.11 -26.56 29.98
N PHE A 601 -35.75 -25.86 31.05
CA PHE A 601 -36.75 -25.26 31.93
C PHE A 601 -36.12 -24.09 32.66
N THR A 602 -36.98 -23.26 33.21
CA THR A 602 -36.56 -22.11 34.00
C THR A 602 -36.12 -22.60 35.37
N PRO A 603 -35.69 -21.70 36.26
CA PRO A 603 -35.54 -22.10 37.67
C PRO A 603 -36.81 -22.73 38.21
N ASP A 604 -37.96 -22.19 37.82
CA ASP A 604 -39.22 -22.90 38.02
C ASP A 604 -39.31 -24.07 37.03
N GLY A 605 -40.09 -25.08 37.40
CA GLY A 605 -40.11 -26.31 36.62
C GLY A 605 -40.58 -26.14 35.19
N LYS A 606 -41.27 -25.05 34.88
CA LYS A 606 -41.85 -24.88 33.56
C LYS A 606 -40.79 -24.91 32.47
N ASP A 607 -41.10 -25.60 31.37
CA ASP A 607 -40.21 -25.61 30.21
C ASP A 607 -40.39 -24.32 29.42
N ASP A 608 -39.28 -23.76 28.95
CA ASP A 608 -39.28 -22.47 28.26
C ASP A 608 -38.98 -22.71 26.78
N TYR A 609 -39.88 -22.23 25.93
CA TYR A 609 -39.71 -22.29 24.49
C TYR A 609 -39.26 -20.93 23.99
N ARG A 610 -38.24 -20.92 23.13
CA ARG A 610 -37.68 -19.69 22.59
C ARG A 610 -37.46 -19.85 21.09
N TRP A 611 -37.74 -18.79 20.35
CA TRP A 611 -37.44 -18.76 18.92
C TRP A 611 -35.93 -18.65 18.75
N CYS A 612 -35.34 -19.62 18.06
CA CYS A 612 -33.89 -19.77 17.98
C CYS A 612 -33.43 -19.89 16.54
N PHE A 613 -32.27 -19.31 16.27
CA PHE A 613 -31.63 -19.41 14.97
C PHE A 613 -30.49 -20.42 15.06
N ARG A 614 -30.53 -21.43 14.20
CA ARG A 614 -29.54 -22.51 14.24
C ARG A 614 -28.36 -22.17 13.34
N VAL A 615 -27.15 -22.35 13.88
CA VAL A 615 -25.92 -22.12 13.14
C VAL A 615 -25.01 -23.33 13.33
N ASP A 616 -24.56 -23.90 12.23
CA ASP A 616 -23.65 -25.04 12.26
C ASP A 616 -22.21 -24.57 12.36
N GLU A 617 -21.44 -25.23 13.21
CA GLU A 617 -20.04 -24.92 13.43
C GLU A 617 -19.21 -26.18 13.36
N VAL A 618 -17.96 -26.03 12.93
CA VAL A 618 -16.99 -27.12 12.92
C VAL A 618 -15.71 -26.61 13.55
N ASN A 619 -15.15 -27.40 14.46
CA ASN A 619 -13.91 -27.05 15.15
C ASN A 619 -13.08 -28.32 15.29
N TRP A 620 -11.93 -28.35 14.62
CA TRP A 620 -11.04 -29.50 14.68
C TRP A 620 -10.00 -29.39 15.79
N THR A 621 -9.92 -28.24 16.47
CA THR A 621 -8.87 -28.01 17.46
C THR A 621 -9.33 -28.38 18.87
N THR A 622 -10.39 -27.75 19.35
CA THR A 622 -10.92 -28.04 20.68
C THR A 622 -11.87 -29.23 20.56
N TRP A 623 -11.27 -30.42 20.50
CA TRP A 623 -12.06 -31.64 20.35
C TRP A 623 -12.95 -31.91 21.54
N ASN A 624 -12.63 -31.35 22.71
CA ASN A 624 -13.35 -31.72 23.94
C ASN A 624 -14.85 -31.50 23.78
N THR A 625 -15.25 -30.29 23.41
CA THR A 625 -16.65 -29.94 23.20
C THR A 625 -17.50 -30.36 24.41
N ASN A 626 -17.01 -30.06 25.60
CA ASN A 626 -17.74 -30.34 26.84
C ASN A 626 -18.84 -29.31 26.99
N VAL A 627 -20.09 -29.71 26.72
CA VAL A 627 -21.23 -28.80 26.70
C VAL A 627 -22.44 -29.47 27.33
N GLY A 628 -23.44 -28.65 27.66
CA GLY A 628 -24.71 -29.14 28.14
C GLY A 628 -25.72 -29.31 27.03
N ILE A 629 -25.44 -30.23 26.11
CA ILE A 629 -26.27 -30.45 24.92
C ILE A 629 -27.73 -30.63 25.32
N ILE A 630 -28.63 -30.15 24.47
CA ILE A 630 -30.07 -30.24 24.71
C ILE A 630 -30.62 -31.57 24.24
N ASN A 631 -30.32 -31.95 22.99
CA ASN A 631 -30.84 -33.16 22.39
C ASN A 631 -29.70 -34.13 22.12
N GLU A 632 -29.84 -35.36 22.61
CA GLU A 632 -29.02 -36.45 22.11
C GLU A 632 -29.64 -36.98 20.81
N ASP A 633 -28.93 -37.89 20.16
CA ASP A 633 -29.32 -38.27 18.81
C ASP A 633 -29.19 -37.06 17.89
N PRO A 634 -27.97 -36.62 17.62
CA PRO A 634 -27.78 -35.36 16.89
C PRO A 634 -28.45 -35.39 15.52
N GLY A 635 -28.90 -34.20 15.10
CA GLY A 635 -29.53 -34.05 13.80
C GLY A 635 -31.04 -33.93 13.89
N LEU B 71 -22.51 -52.54 31.89
CA LEU B 71 -22.10 -53.77 32.57
C LEU B 71 -23.33 -54.58 32.99
N ASP B 72 -24.23 -53.94 33.73
CA ASP B 72 -25.39 -54.61 34.32
C ASP B 72 -26.44 -54.99 33.29
N VAL B 73 -26.22 -54.81 31.99
CA VAL B 73 -27.22 -55.16 30.98
C VAL B 73 -26.73 -56.19 29.99
N ALA B 74 -25.44 -56.50 29.96
CA ALA B 74 -24.88 -57.49 29.04
C ALA B 74 -25.13 -58.87 29.61
N ARG B 75 -26.09 -59.61 29.03
CA ARG B 75 -26.55 -60.88 29.56
C ARG B 75 -26.24 -62.00 28.59
N LYS B 76 -25.64 -63.08 29.08
CA LYS B 76 -25.35 -64.26 28.26
C LYS B 76 -26.54 -65.22 28.26
N THR B 77 -27.72 -64.71 27.93
CA THR B 77 -28.94 -65.50 27.93
C THR B 77 -29.19 -66.13 26.57
N LEU B 80 -25.93 -62.26 24.60
CA LEU B 80 -24.89 -61.25 24.52
C LEU B 80 -24.86 -60.62 23.13
N LYS B 81 -24.60 -61.44 22.12
CA LYS B 81 -24.64 -60.96 20.75
C LYS B 81 -26.08 -60.66 20.35
N GLN B 82 -26.21 -59.82 19.31
CA GLN B 82 -27.50 -59.31 18.85
C GLN B 82 -28.06 -58.28 19.81
N PHE B 83 -27.38 -58.06 20.94
CA PHE B 83 -27.69 -56.98 21.87
C PHE B 83 -26.52 -56.03 22.06
N VAL B 84 -25.30 -56.56 22.17
CA VAL B 84 -24.11 -55.72 22.10
C VAL B 84 -23.75 -55.34 20.68
N ASN B 85 -24.50 -55.86 19.69
CA ASN B 85 -24.31 -55.51 18.29
C ASN B 85 -25.59 -54.93 17.67
N ALA B 86 -26.58 -54.59 18.48
CA ALA B 86 -27.79 -53.98 17.96
C ALA B 86 -27.50 -52.60 17.40
N SER B 87 -28.23 -52.23 16.35
CA SER B 87 -27.96 -51.00 15.61
C SER B 87 -29.27 -50.30 15.27
N TYR B 88 -29.17 -48.99 15.05
CA TYR B 88 -30.33 -48.20 14.67
C TYR B 88 -30.92 -48.69 13.36
N THR B 89 -32.24 -48.83 13.32
CA THR B 89 -32.95 -49.10 12.08
C THR B 89 -33.49 -47.83 11.43
N ASP B 90 -33.37 -46.69 12.10
CA ASP B 90 -33.82 -45.42 11.54
C ASP B 90 -33.05 -45.10 10.28
N SER B 91 -33.76 -44.61 9.26
CA SER B 91 -33.10 -44.23 8.02
C SER B 91 -32.08 -43.11 8.24
N TYR B 92 -32.31 -42.26 9.25
CA TYR B 92 -31.38 -41.16 9.51
C TYR B 92 -30.09 -41.68 10.13
N TYR B 93 -30.18 -42.58 11.10
CA TYR B 93 -29.02 -43.15 11.77
C TYR B 93 -28.80 -44.62 11.40
N LYS B 94 -29.32 -45.05 10.26
CA LYS B 94 -29.23 -46.46 9.89
C LYS B 94 -27.78 -46.93 9.92
N GLY B 95 -27.54 -48.04 10.61
CA GLY B 95 -26.24 -48.64 10.70
C GLY B 95 -25.45 -48.28 11.93
N GLN B 96 -25.82 -47.21 12.63
CA GLN B 96 -25.10 -46.83 13.83
C GLN B 96 -25.25 -47.90 14.90
N THR B 97 -24.15 -48.23 15.55
CA THR B 97 -24.10 -49.24 16.59
C THR B 97 -23.47 -48.65 17.83
N ALA B 98 -23.48 -49.42 18.92
CA ALA B 98 -22.93 -48.93 20.18
C ALA B 98 -21.43 -48.70 20.07
N LEU B 99 -20.74 -49.45 19.22
CA LEU B 99 -19.31 -49.21 19.02
C LEU B 99 -19.07 -47.83 18.43
N HIS B 100 -19.90 -47.42 17.48
CA HIS B 100 -19.78 -46.08 16.90
C HIS B 100 -19.92 -45.02 17.99
N ILE B 101 -20.94 -45.17 18.85
CA ILE B 101 -21.17 -44.20 19.91
C ILE B 101 -19.99 -44.17 20.86
N ALA B 102 -19.48 -45.34 21.24
CA ALA B 102 -18.35 -45.40 22.16
C ALA B 102 -17.13 -44.71 21.58
N ILE B 103 -16.85 -44.95 20.29
CA ILE B 103 -15.72 -44.30 19.65
C ILE B 103 -15.93 -42.79 19.62
N GLU B 104 -17.13 -42.35 19.25
CA GLU B 104 -17.39 -40.92 19.12
C GLU B 104 -17.15 -40.19 20.43
N ARG B 105 -17.51 -40.81 21.56
CA ARG B 105 -17.31 -40.18 22.86
C ARG B 105 -15.88 -40.27 23.35
N ARG B 106 -15.01 -40.97 22.64
CA ARG B 106 -13.59 -41.05 22.98
C ARG B 106 -13.37 -41.81 24.28
N ASN B 107 -14.10 -42.91 24.46
CA ASN B 107 -14.02 -43.74 25.65
C ASN B 107 -13.27 -45.02 25.29
N MET B 108 -11.97 -45.04 25.63
CA MET B 108 -11.15 -46.21 25.31
C MET B 108 -11.65 -47.45 26.04
N THR B 109 -11.89 -47.32 27.35
CA THR B 109 -12.31 -48.48 28.14
C THR B 109 -13.64 -49.03 27.64
N LEU B 110 -14.58 -48.14 27.31
CA LEU B 110 -15.87 -48.61 26.80
C LEU B 110 -15.69 -49.34 25.46
N VAL B 111 -14.81 -48.83 24.60
CA VAL B 111 -14.58 -49.49 23.31
C VAL B 111 -14.00 -50.88 23.53
N THR B 112 -13.03 -51.01 24.44
CA THR B 112 -12.49 -52.32 24.74
C THR B 112 -13.59 -53.24 25.28
N LEU B 113 -14.46 -52.71 26.15
CA LEU B 113 -15.53 -53.51 26.71
C LEU B 113 -16.46 -54.05 25.61
N LEU B 114 -16.83 -53.18 24.66
CA LEU B 114 -17.69 -53.63 23.57
C LEU B 114 -16.98 -54.61 22.65
N VAL B 115 -15.69 -54.39 22.40
CA VAL B 115 -14.94 -55.29 21.52
C VAL B 115 -14.84 -56.67 22.15
N GLU B 116 -14.65 -56.73 23.47
CA GLU B 116 -14.50 -58.02 24.14
C GLU B 116 -15.73 -58.89 23.95
N ASN B 117 -16.91 -58.32 24.06
CA ASN B 117 -18.17 -59.06 24.00
C ASN B 117 -18.59 -59.43 22.59
N GLY B 118 -17.70 -59.31 21.61
CA GLY B 118 -18.02 -59.70 20.25
C GLY B 118 -18.65 -58.63 19.40
N ALA B 119 -18.52 -57.36 19.78
CA ALA B 119 -19.00 -56.28 18.92
C ALA B 119 -18.24 -56.30 17.60
N ASP B 120 -18.98 -56.17 16.51
CA ASP B 120 -18.37 -56.19 15.18
C ASP B 120 -17.66 -54.86 14.90
N VAL B 121 -16.39 -54.94 14.50
CA VAL B 121 -15.63 -53.74 14.16
C VAL B 121 -15.78 -53.35 12.69
N GLN B 122 -16.52 -54.15 11.90
CA GLN B 122 -16.81 -53.83 10.51
C GLN B 122 -18.21 -53.26 10.33
N ALA B 123 -18.88 -52.90 11.42
CA ALA B 123 -20.21 -52.30 11.31
C ALA B 123 -20.13 -50.99 10.54
N ALA B 124 -21.11 -50.75 9.68
CA ALA B 124 -21.15 -49.59 8.82
C ALA B 124 -22.33 -48.70 9.20
N ALA B 125 -22.04 -47.43 9.49
CA ALA B 125 -23.08 -46.46 9.82
C ALA B 125 -23.54 -45.83 8.52
N ASN B 126 -24.61 -46.39 7.96
CA ASN B 126 -25.09 -46.04 6.62
C ASN B 126 -26.21 -45.02 6.64
N GLY B 127 -26.52 -44.42 7.80
CA GLY B 127 -27.61 -43.49 7.87
C GLY B 127 -27.35 -42.22 7.09
N ASP B 128 -28.44 -41.49 6.84
CA ASP B 128 -28.33 -40.23 6.10
C ASP B 128 -27.47 -39.22 6.86
N PHE B 129 -27.62 -39.17 8.18
CA PHE B 129 -26.82 -38.24 8.97
C PHE B 129 -25.33 -38.44 8.76
N PHE B 130 -24.92 -39.66 8.43
CA PHE B 130 -23.53 -39.97 8.18
C PHE B 130 -23.16 -39.89 6.70
N LYS B 131 -24.10 -39.52 5.83
CA LYS B 131 -23.78 -39.35 4.43
C LYS B 131 -22.98 -38.06 4.22
N LYS B 132 -22.37 -37.96 3.03
CA LYS B 132 -21.43 -36.88 2.77
C LYS B 132 -22.07 -35.51 2.98
N THR B 133 -23.07 -35.15 2.17
CA THR B 133 -23.71 -33.83 2.31
C THR B 133 -25.22 -33.86 2.18
N LYS B 134 -25.82 -34.87 1.54
CA LYS B 134 -27.26 -34.87 1.33
C LYS B 134 -28.00 -34.70 2.65
N GLY B 135 -28.71 -33.58 2.79
CA GLY B 135 -29.25 -33.18 4.07
C GLY B 135 -28.24 -32.32 4.80
N ARG B 136 -28.64 -31.09 5.13
CA ARG B 136 -27.66 -30.10 5.60
C ARG B 136 -26.85 -30.58 6.80
N PRO B 137 -27.43 -31.18 7.83
CA PRO B 137 -26.62 -31.66 8.96
C PRO B 137 -26.09 -33.06 8.73
N GLY B 138 -24.97 -33.34 9.39
CA GLY B 138 -24.34 -34.64 9.33
C GLY B 138 -22.83 -34.53 9.30
N PHE B 139 -22.16 -35.60 9.72
CA PHE B 139 -20.71 -35.70 9.70
C PHE B 139 -20.33 -36.97 8.96
N TYR B 140 -19.49 -36.83 7.94
CA TYR B 140 -19.03 -37.96 7.14
C TYR B 140 -17.65 -38.38 7.61
N PHE B 141 -17.49 -39.68 7.85
CA PHE B 141 -16.21 -40.21 8.34
C PHE B 141 -15.85 -41.54 7.70
N GLY B 142 -16.61 -42.03 6.73
CA GLY B 142 -16.36 -43.32 6.13
C GLY B 142 -17.24 -44.44 6.65
N GLU B 143 -18.11 -44.17 7.62
CA GLU B 143 -19.14 -45.11 8.06
C GLU B 143 -18.60 -46.24 8.92
N LEU B 144 -17.28 -46.37 9.03
CA LEU B 144 -16.71 -47.49 9.76
C LEU B 144 -16.09 -47.02 11.07
N PRO B 145 -16.11 -47.87 12.12
CA PRO B 145 -15.51 -47.44 13.40
C PRO B 145 -14.03 -47.10 13.28
N LEU B 146 -13.28 -47.82 12.44
CA LEU B 146 -11.88 -47.47 12.24
C LEU B 146 -11.74 -46.12 11.57
N SER B 147 -12.54 -45.85 10.53
CA SER B 147 -12.52 -44.54 9.89
C SER B 147 -13.01 -43.46 10.85
N LEU B 148 -13.99 -43.79 11.69
CA LEU B 148 -14.46 -42.81 12.67
C LEU B 148 -13.37 -42.44 13.66
N ALA B 149 -12.61 -43.43 14.14
CA ALA B 149 -11.51 -43.15 15.04
C ALA B 149 -10.40 -42.38 14.34
N ALA B 150 -10.15 -42.70 13.06
CA ALA B 150 -9.11 -42.00 12.31
C ALA B 150 -9.47 -40.54 12.08
N CYS B 151 -10.70 -40.28 11.66
CA CYS B 151 -11.13 -38.94 11.30
C CYS B 151 -11.51 -38.08 12.50
N THR B 152 -11.46 -38.63 13.71
CA THR B 152 -11.65 -37.86 14.92
C THR B 152 -10.35 -37.69 15.72
N ASN B 153 -9.22 -38.08 15.13
CA ASN B 153 -7.90 -37.90 15.75
C ASN B 153 -7.79 -38.71 17.04
N GLN B 154 -7.99 -40.02 16.91
CA GLN B 154 -7.90 -40.96 18.03
C GLN B 154 -6.94 -42.07 17.62
N LEU B 155 -5.65 -41.86 17.88
CA LEU B 155 -4.65 -42.82 17.46
C LEU B 155 -4.71 -44.10 18.28
N ALA B 156 -4.91 -43.99 19.59
CA ALA B 156 -4.92 -45.17 20.45
C ALA B 156 -6.06 -46.12 20.07
N ILE B 157 -7.25 -45.56 19.80
CA ILE B 157 -8.38 -46.40 19.41
C ILE B 157 -8.11 -47.06 18.06
N VAL B 158 -7.49 -46.32 17.14
CA VAL B 158 -7.17 -46.90 15.82
C VAL B 158 -6.23 -48.08 16.00
N LYS B 159 -5.17 -47.89 16.79
CA LYS B 159 -4.21 -48.97 17.01
C LYS B 159 -4.88 -50.17 17.66
N PHE B 160 -5.70 -49.94 18.68
CA PHE B 160 -6.40 -51.04 19.34
C PHE B 160 -7.27 -51.79 18.36
N LEU B 161 -8.06 -51.06 17.56
CA LEU B 161 -8.97 -51.72 16.62
C LEU B 161 -8.22 -52.49 15.54
N LEU B 162 -7.03 -52.02 15.17
CA LEU B 162 -6.26 -52.72 14.15
C LEU B 162 -5.57 -53.95 14.70
N GLN B 163 -5.10 -53.90 15.95
CA GLN B 163 -4.27 -54.96 16.51
C GLN B 163 -4.85 -55.47 17.83
N ASN B 164 -6.12 -55.82 17.80
CA ASN B 164 -6.83 -56.38 18.99
C ASN B 164 -6.83 -57.89 18.83
N SER B 165 -6.82 -58.60 19.94
CA SER B 165 -6.75 -60.05 19.95
C SER B 165 -8.10 -60.72 19.78
N TRP B 166 -9.19 -59.95 19.69
CA TRP B 166 -10.53 -60.50 19.54
C TRP B 166 -11.00 -60.46 18.09
N GLN B 167 -11.11 -59.26 17.51
CA GLN B 167 -11.55 -59.09 16.10
C GLN B 167 -10.80 -57.95 15.39
N PRO B 168 -9.56 -58.12 14.90
CA PRO B 168 -8.87 -57.01 14.24
C PRO B 168 -9.67 -56.33 13.12
N ALA B 169 -9.48 -55.01 13.02
CA ALA B 169 -10.16 -54.23 11.98
C ALA B 169 -9.48 -54.43 10.64
N ASP B 170 -10.28 -54.47 9.58
CA ASP B 170 -9.77 -54.62 8.22
C ASP B 170 -9.36 -53.25 7.69
N ILE B 171 -8.05 -53.01 7.63
CA ILE B 171 -7.53 -51.71 7.21
C ILE B 171 -7.87 -51.40 5.76
N SER B 172 -8.13 -52.42 4.95
CA SER B 172 -8.43 -52.23 3.53
C SER B 172 -9.92 -52.14 3.25
N ALA B 173 -10.76 -52.11 4.28
CA ALA B 173 -12.20 -52.09 4.07
C ALA B 173 -12.64 -50.81 3.37
N ARG B 174 -13.63 -50.94 2.51
CA ARG B 174 -14.18 -49.81 1.76
C ARG B 174 -15.62 -49.57 2.19
N ASP B 175 -15.98 -48.31 2.35
CA ASP B 175 -17.31 -47.93 2.80
C ASP B 175 -18.30 -48.01 1.64
N SER B 176 -19.49 -47.45 1.83
CA SER B 176 -20.54 -47.56 0.81
C SER B 176 -20.10 -46.94 -0.51
N VAL B 177 -19.39 -45.82 -0.47
CA VAL B 177 -18.99 -45.11 -1.68
C VAL B 177 -17.60 -45.56 -2.11
N GLY B 178 -17.13 -46.68 -1.56
CA GLY B 178 -15.84 -47.22 -1.92
C GLY B 178 -14.65 -46.58 -1.22
N ASN B 179 -14.88 -45.61 -0.34
CA ASN B 179 -13.79 -44.93 0.33
C ASN B 179 -13.21 -45.80 1.45
N THR B 180 -11.89 -45.90 1.48
CA THR B 180 -11.19 -46.54 2.58
C THR B 180 -10.89 -45.51 3.66
N VAL B 181 -10.09 -45.88 4.66
CA VAL B 181 -9.78 -44.95 5.73
C VAL B 181 -8.94 -43.79 5.20
N LEU B 182 -8.03 -44.06 4.25
CA LEU B 182 -7.26 -42.98 3.64
C LEU B 182 -8.16 -42.06 2.84
N HIS B 183 -9.11 -42.63 2.09
CA HIS B 183 -10.05 -41.80 1.34
C HIS B 183 -10.86 -40.92 2.28
N ALA B 184 -11.34 -41.48 3.38
CA ALA B 184 -12.12 -40.70 4.33
C ALA B 184 -11.27 -39.60 4.97
N LEU B 185 -10.00 -39.90 5.26
CA LEU B 185 -9.11 -38.88 5.80
C LEU B 185 -8.94 -37.73 4.81
N VAL B 186 -8.81 -38.06 3.52
CA VAL B 186 -8.73 -37.02 2.50
C VAL B 186 -10.04 -36.23 2.46
N GLU B 187 -11.17 -36.93 2.63
CA GLU B 187 -12.48 -36.28 2.53
C GLU B 187 -12.74 -35.33 3.70
N VAL B 188 -12.23 -35.64 4.90
CA VAL B 188 -12.47 -34.75 6.03
C VAL B 188 -11.45 -33.61 6.11
N ALA B 189 -10.41 -33.64 5.27
CA ALA B 189 -9.48 -32.52 5.23
C ALA B 189 -10.16 -31.28 4.68
N ASP B 190 -9.79 -30.12 5.25
CA ASP B 190 -10.43 -28.87 4.84
C ASP B 190 -9.42 -27.73 4.67
N ASN B 191 -8.13 -28.04 4.53
CA ASN B 191 -7.11 -27.04 4.21
C ASN B 191 -6.99 -25.99 5.31
N THR B 192 -6.96 -26.45 6.56
CA THR B 192 -6.71 -25.59 7.71
C THR B 192 -5.57 -26.18 8.52
N VAL B 193 -4.85 -25.32 9.24
CA VAL B 193 -3.56 -25.70 9.78
C VAL B 193 -3.69 -26.88 10.74
N ASP B 194 -4.57 -26.76 11.73
CA ASP B 194 -4.73 -27.85 12.69
C ASP B 194 -5.34 -29.08 12.03
N ASN B 195 -6.33 -28.88 11.17
CA ASN B 195 -6.90 -30.00 10.42
C ASN B 195 -5.84 -30.69 9.58
N THR B 196 -5.02 -29.91 8.89
CA THR B 196 -3.97 -30.50 8.05
C THR B 196 -2.98 -31.29 8.88
N LYS B 197 -2.55 -30.71 10.01
CA LYS B 197 -1.61 -31.41 10.87
C LYS B 197 -2.18 -32.76 11.30
N PHE B 198 -3.40 -32.75 11.85
CA PHE B 198 -3.98 -33.99 12.35
C PHE B 198 -4.19 -34.99 11.22
N VAL B 199 -4.71 -34.53 10.08
CA VAL B 199 -5.03 -35.44 8.99
C VAL B 199 -3.77 -36.10 8.45
N THR B 200 -2.70 -35.31 8.24
CA THR B 200 -1.49 -35.90 7.67
C THR B 200 -0.79 -36.80 8.69
N SER B 201 -0.79 -36.43 9.97
CA SER B 201 -0.20 -37.31 10.98
C SER B 201 -0.94 -38.64 11.03
N MET B 202 -2.28 -38.60 11.03
CA MET B 202 -3.05 -39.83 11.07
C MET B 202 -2.83 -40.65 9.80
N TYR B 203 -2.73 -39.98 8.65
CA TYR B 203 -2.46 -40.67 7.40
C TYR B 203 -1.14 -41.42 7.47
N ASN B 204 -0.09 -40.74 7.97
CA ASN B 204 1.21 -41.38 8.08
C ASN B 204 1.17 -42.57 9.04
N GLU B 205 0.52 -42.40 10.19
CA GLU B 205 0.44 -43.48 11.16
C GLU B 205 -0.29 -44.68 10.58
N ILE B 206 -1.41 -44.43 9.89
CA ILE B 206 -2.18 -45.53 9.30
C ILE B 206 -1.35 -46.25 8.25
N LEU B 207 -0.63 -45.47 7.42
CA LEU B 207 0.21 -46.10 6.40
C LEU B 207 1.26 -47.00 7.03
N ILE B 208 1.93 -46.50 8.08
CA ILE B 208 2.98 -47.30 8.73
C ILE B 208 2.38 -48.57 9.33
N LEU B 209 1.26 -48.43 10.04
CA LEU B 209 0.64 -49.60 10.66
C LEU B 209 0.19 -50.61 9.61
N GLY B 210 -0.36 -50.14 8.49
CA GLY B 210 -0.75 -51.05 7.43
C GLY B 210 0.43 -51.77 6.82
N ALA B 211 1.55 -51.06 6.64
CA ALA B 211 2.75 -51.72 6.14
C ALA B 211 3.22 -52.79 7.11
N LYS B 212 3.23 -52.49 8.41
CA LYS B 212 3.66 -53.47 9.39
C LYS B 212 2.75 -54.70 9.40
N LEU B 213 1.43 -54.47 9.37
CA LEU B 213 0.50 -55.59 9.47
C LEU B 213 0.42 -56.37 8.16
N HIS B 214 0.42 -55.67 7.03
CA HIS B 214 0.30 -56.30 5.70
C HIS B 214 1.41 -55.74 4.82
N PRO B 215 2.62 -56.30 4.89
CA PRO B 215 3.74 -55.72 4.12
C PRO B 215 3.49 -55.72 2.63
N THR B 216 2.65 -56.62 2.11
CA THR B 216 2.42 -56.69 0.67
C THR B 216 1.23 -55.86 0.21
N LEU B 217 0.31 -55.52 1.11
CA LEU B 217 -0.87 -54.77 0.72
C LEU B 217 -0.48 -53.41 0.15
N LYS B 218 -1.19 -53.00 -0.90
CA LYS B 218 -0.95 -51.73 -1.59
C LYS B 218 -2.10 -50.79 -1.26
N LEU B 219 -1.96 -50.06 -0.15
CA LEU B 219 -3.08 -49.29 0.40
C LEU B 219 -3.44 -48.11 -0.49
N GLU B 220 -2.47 -47.32 -0.93
CA GLU B 220 -2.74 -46.05 -1.64
C GLU B 220 -3.13 -46.20 -3.10
N GLU B 221 -3.20 -47.40 -3.65
CA GLU B 221 -3.72 -47.59 -5.00
C GLU B 221 -5.08 -48.27 -5.02
N ILE B 222 -5.72 -48.42 -3.86
CA ILE B 222 -7.11 -48.85 -3.80
C ILE B 222 -8.00 -47.68 -4.18
N THR B 223 -8.87 -47.89 -5.15
CA THR B 223 -9.76 -46.85 -5.64
C THR B 223 -11.15 -47.00 -5.03
N ASN B 224 -11.90 -45.90 -5.03
CA ASN B 224 -13.28 -45.91 -4.58
C ASN B 224 -14.18 -46.22 -5.79
N ARG B 225 -15.49 -46.07 -5.60
CA ARG B 225 -16.42 -46.36 -6.69
C ARG B 225 -16.19 -45.43 -7.88
N LYS B 226 -15.67 -44.23 -7.64
CA LYS B 226 -15.42 -43.28 -8.70
C LYS B 226 -14.10 -43.51 -9.42
N GLY B 227 -13.33 -44.51 -9.02
CA GLY B 227 -12.05 -44.76 -9.65
C GLY B 227 -10.97 -43.79 -9.27
N LEU B 228 -10.99 -43.29 -8.04
CA LEU B 228 -10.01 -42.34 -7.55
C LEU B 228 -9.22 -42.96 -6.40
N THR B 229 -7.91 -42.83 -6.46
CA THR B 229 -7.06 -43.15 -5.33
C THR B 229 -7.09 -42.00 -4.34
N PRO B 230 -6.62 -42.22 -3.11
CA PRO B 230 -6.57 -41.09 -2.16
C PRO B 230 -5.80 -39.90 -2.70
N LEU B 231 -4.71 -40.15 -3.45
CA LEU B 231 -3.96 -39.06 -4.05
C LEU B 231 -4.76 -38.38 -5.15
N ALA B 232 -5.37 -39.16 -6.04
CA ALA B 232 -6.21 -38.59 -7.09
C ALA B 232 -7.41 -37.87 -6.48
N LEU B 233 -8.02 -38.45 -5.45
CA LEU B 233 -9.13 -37.78 -4.77
C LEU B 233 -8.68 -36.45 -4.17
N ALA B 234 -7.51 -36.43 -3.54
CA ALA B 234 -7.03 -35.18 -2.97
C ALA B 234 -6.80 -34.13 -4.05
N ALA B 235 -6.17 -34.52 -5.15
CA ALA B 235 -5.88 -33.58 -6.23
C ALA B 235 -7.16 -33.05 -6.86
N SER B 236 -8.14 -33.92 -7.09
CA SER B 236 -9.38 -33.52 -7.74
C SER B 236 -10.31 -32.72 -6.82
N SER B 237 -10.03 -32.65 -5.53
CA SER B 237 -10.88 -31.97 -4.57
C SER B 237 -10.26 -30.72 -3.98
N GLY B 238 -9.00 -30.42 -4.31
CA GLY B 238 -8.36 -29.22 -3.80
C GLY B 238 -7.80 -29.34 -2.41
N LYS B 239 -7.64 -30.55 -1.87
CA LYS B 239 -7.07 -30.73 -0.54
C LYS B 239 -5.56 -30.57 -0.66
N ILE B 240 -5.15 -29.29 -0.72
CA ILE B 240 -3.78 -28.97 -1.09
C ILE B 240 -2.79 -29.41 -0.01
N GLY B 241 -3.18 -29.30 1.26
CA GLY B 241 -2.29 -29.74 2.33
C GLY B 241 -2.00 -31.23 2.26
N VAL B 242 -3.03 -32.03 2.05
CA VAL B 242 -2.85 -33.47 1.91
C VAL B 242 -2.00 -33.78 0.69
N LEU B 243 -2.23 -33.07 -0.42
CA LEU B 243 -1.46 -33.31 -1.63
C LEU B 243 0.02 -33.01 -1.41
N ALA B 244 0.30 -31.88 -0.76
CA ALA B 244 1.69 -31.53 -0.48
C ALA B 244 2.34 -32.56 0.43
N TYR B 245 1.61 -33.02 1.46
CA TYR B 245 2.17 -34.05 2.33
C TYR B 245 2.47 -35.32 1.54
N ILE B 246 1.54 -35.75 0.68
CA ILE B 246 1.72 -37.01 -0.02
C ILE B 246 2.90 -36.93 -0.98
N LEU B 247 3.00 -35.85 -1.74
CA LEU B 247 4.00 -35.80 -2.81
C LEU B 247 5.42 -35.72 -2.26
N GLN B 248 5.61 -35.24 -1.04
CA GLN B 248 6.93 -35.11 -0.45
C GLN B 248 7.15 -36.08 0.71
N ARG B 249 6.41 -37.20 0.73
CA ARG B 249 6.42 -38.07 1.89
C ARG B 249 7.78 -38.73 2.06
N GLU B 250 8.40 -38.52 3.22
CA GLU B 250 9.69 -39.10 3.57
C GLU B 250 9.54 -39.87 4.87
N ILE B 251 9.55 -41.20 4.78
CA ILE B 251 9.45 -42.07 5.94
C ILE B 251 10.84 -42.61 6.23
N HIS B 252 11.41 -42.20 7.37
CA HIS B 252 12.82 -42.42 7.68
C HIS B 252 13.04 -43.62 8.60
N GLU B 253 12.27 -44.69 8.44
CA GLU B 253 12.43 -45.86 9.29
C GLU B 253 12.69 -47.10 8.44
N PRO B 254 13.48 -48.05 8.93
CA PRO B 254 13.72 -49.27 8.15
C PRO B 254 12.48 -50.13 8.07
N GLU B 255 12.41 -50.92 6.99
CA GLU B 255 11.33 -51.85 6.70
C GLU B 255 10.06 -51.16 6.23
N CYS B 256 10.01 -49.82 6.26
CA CYS B 256 8.86 -49.08 5.75
C CYS B 256 9.28 -47.91 4.88
N ARG B 257 10.57 -47.76 4.57
CA ARG B 257 11.02 -46.66 3.73
C ARG B 257 10.46 -46.74 2.32
N HIS B 258 9.96 -47.90 1.91
CA HIS B 258 9.38 -48.04 0.58
C HIS B 258 8.08 -47.26 0.43
N LEU B 259 7.43 -46.90 1.55
CA LEU B 259 6.23 -46.10 1.48
C LEU B 259 6.51 -44.66 1.10
N SER B 260 7.74 -44.20 1.28
CA SER B 260 8.07 -42.81 1.01
C SER B 260 8.01 -42.52 -0.48
N ARG B 261 7.80 -41.25 -0.82
CA ARG B 261 7.80 -40.80 -2.20
C ARG B 261 8.96 -39.89 -2.53
N LYS B 262 9.62 -39.32 -1.52
CA LYS B 262 10.80 -38.49 -1.69
C LYS B 262 12.00 -39.22 -1.13
N PHE B 263 13.09 -39.28 -1.90
CA PHE B 263 14.30 -39.98 -1.51
C PHE B 263 15.50 -39.06 -1.69
N THR B 264 16.60 -39.44 -1.04
CA THR B 264 17.89 -38.77 -1.18
C THR B 264 18.83 -39.70 -1.93
N GLU B 265 19.24 -39.30 -3.13
CA GLU B 265 20.16 -40.13 -3.91
C GLU B 265 21.58 -40.03 -3.40
N TRP B 266 22.00 -38.87 -2.93
CA TRP B 266 23.34 -38.69 -2.39
C TRP B 266 23.43 -37.32 -1.73
N ALA B 267 24.37 -37.20 -0.80
CA ALA B 267 24.61 -35.95 -0.09
C ALA B 267 26.11 -35.77 0.08
N TYR B 268 26.61 -34.61 -0.34
CA TYR B 268 28.03 -34.28 -0.22
C TYR B 268 28.14 -32.86 0.30
N GLY B 269 28.72 -32.71 1.49
CA GLY B 269 28.85 -31.40 2.10
C GLY B 269 27.49 -30.78 2.36
N PRO B 270 27.24 -29.59 1.82
CA PRO B 270 25.94 -28.95 2.02
C PRO B 270 24.90 -29.24 0.94
N VAL B 271 25.26 -29.94 -0.12
CA VAL B 271 24.38 -30.15 -1.27
C VAL B 271 23.95 -31.61 -1.28
N HIS B 272 22.65 -31.84 -1.42
CA HIS B 272 22.09 -33.19 -1.50
C HIS B 272 21.07 -33.25 -2.62
N SER B 273 21.09 -34.34 -3.37
CA SER B 273 20.20 -34.55 -4.50
C SER B 273 18.99 -35.36 -4.04
N SER B 274 17.80 -34.85 -4.32
CA SER B 274 16.55 -35.50 -3.94
C SER B 274 15.91 -36.17 -5.15
N LEU B 275 15.24 -37.29 -4.91
CA LEU B 275 14.50 -38.01 -5.93
C LEU B 275 13.02 -37.98 -5.57
N TYR B 276 12.19 -37.54 -6.52
CA TYR B 276 10.76 -37.42 -6.32
C TYR B 276 10.05 -38.51 -7.13
N ASP B 277 9.30 -39.36 -6.45
CA ASP B 277 8.50 -40.36 -7.13
C ASP B 277 7.49 -39.69 -8.06
N LEU B 278 7.44 -40.17 -9.30
CA LEU B 278 6.55 -39.59 -10.30
C LEU B 278 5.41 -40.51 -10.68
N SER B 279 5.31 -41.70 -10.08
CA SER B 279 4.21 -42.59 -10.39
C SER B 279 2.88 -41.90 -10.08
N CYS B 280 1.95 -41.96 -11.03
CA CYS B 280 0.63 -41.36 -10.94
C CYS B 280 0.66 -39.83 -10.94
N ILE B 281 1.73 -39.22 -11.44
CA ILE B 281 1.84 -37.76 -11.43
C ILE B 281 1.60 -37.22 -12.84
N ASP B 282 2.38 -37.68 -13.81
CA ASP B 282 2.25 -37.21 -15.18
C ASP B 282 1.85 -38.29 -16.17
N THR B 283 1.65 -39.52 -15.71
CA THR B 283 1.09 -40.57 -16.56
C THR B 283 0.54 -41.66 -15.65
N CYS B 284 -0.77 -41.90 -15.75
CA CYS B 284 -1.43 -42.91 -14.93
C CYS B 284 -2.40 -43.80 -15.70
N GLU B 285 -2.88 -43.38 -16.87
CA GLU B 285 -3.81 -44.15 -17.70
C GLU B 285 -5.21 -44.18 -17.09
N LYS B 286 -5.36 -43.68 -15.86
CA LYS B 286 -6.68 -43.46 -15.29
C LYS B 286 -6.91 -41.98 -15.00
N ASN B 287 -6.10 -41.36 -14.13
CA ASN B 287 -6.11 -39.91 -13.97
C ASN B 287 -4.83 -39.52 -13.24
N SER B 288 -3.91 -38.88 -13.95
CA SER B 288 -2.70 -38.38 -13.33
C SER B 288 -3.01 -37.12 -12.53
N VAL B 289 -2.14 -36.82 -11.57
CA VAL B 289 -2.32 -35.63 -10.75
C VAL B 289 -2.33 -34.37 -11.62
N LEU B 290 -1.43 -34.31 -12.60
CA LEU B 290 -1.35 -33.13 -13.47
C LEU B 290 -2.62 -32.99 -14.30
N GLU B 291 -3.10 -34.08 -14.89
CA GLU B 291 -4.33 -34.02 -15.67
C GLU B 291 -5.52 -33.65 -14.79
N VAL B 292 -5.57 -34.21 -13.58
CA VAL B 292 -6.68 -33.92 -12.68
C VAL B 292 -6.69 -32.45 -12.29
N ILE B 293 -5.53 -31.89 -11.98
CA ILE B 293 -5.47 -30.50 -11.56
C ILE B 293 -5.75 -29.55 -12.73
N ALA B 294 -5.12 -29.82 -13.87
CA ALA B 294 -5.21 -28.91 -15.01
C ALA B 294 -6.63 -28.81 -15.54
N TYR B 295 -7.34 -29.93 -15.60
CA TYR B 295 -8.67 -29.99 -16.17
C TYR B 295 -9.77 -29.99 -15.11
N SER B 296 -9.45 -29.59 -13.88
CA SER B 296 -10.47 -29.49 -12.85
C SER B 296 -11.43 -28.35 -13.16
N SER B 297 -12.63 -28.45 -12.59
CA SER B 297 -13.63 -27.41 -12.78
C SER B 297 -13.22 -26.15 -12.04
N SER B 298 -13.85 -25.04 -12.43
CA SER B 298 -13.55 -23.75 -11.80
C SER B 298 -13.94 -23.71 -10.33
N GLU B 299 -14.87 -24.56 -9.91
CA GLU B 299 -15.30 -24.58 -8.51
C GLU B 299 -14.28 -25.24 -7.58
N THR B 300 -13.28 -25.94 -8.11
CA THR B 300 -12.33 -26.63 -7.25
C THR B 300 -11.60 -25.61 -6.37
N PRO B 301 -11.60 -25.79 -5.04
CA PRO B 301 -11.18 -24.70 -4.15
C PRO B 301 -9.80 -24.14 -4.42
N ASN B 302 -8.81 -24.99 -4.69
CA ASN B 302 -7.42 -24.56 -4.74
C ASN B 302 -6.78 -24.84 -6.10
N ARG B 303 -7.56 -24.76 -7.17
CA ARG B 303 -7.08 -25.26 -8.46
C ARG B 303 -5.88 -24.48 -8.96
N HIS B 304 -5.85 -23.17 -8.71
CA HIS B 304 -4.74 -22.35 -9.18
C HIS B 304 -3.52 -22.44 -8.26
N ASP B 305 -3.67 -22.95 -7.05
CA ASP B 305 -2.58 -23.03 -6.09
C ASP B 305 -1.91 -24.40 -6.03
N MET B 306 -2.54 -25.44 -6.59
CA MET B 306 -2.01 -26.80 -6.40
C MET B 306 -0.78 -27.05 -7.24
N LEU B 307 -0.61 -26.36 -8.37
CA LEU B 307 0.59 -26.52 -9.18
C LEU B 307 1.83 -25.96 -8.50
N LEU B 308 1.67 -25.20 -7.42
CA LEU B 308 2.82 -24.70 -6.67
C LEU B 308 3.43 -25.74 -5.74
N VAL B 309 2.74 -26.87 -5.52
CA VAL B 309 3.30 -27.90 -4.66
C VAL B 309 4.59 -28.43 -5.28
N GLU B 310 5.59 -28.66 -4.43
CA GLU B 310 7.00 -28.63 -4.79
C GLU B 310 7.34 -29.32 -6.12
N PRO B 311 7.14 -30.63 -6.25
CA PRO B 311 7.62 -31.30 -7.48
C PRO B 311 6.92 -30.84 -8.76
N LEU B 312 5.65 -30.47 -8.67
CA LEU B 312 4.84 -30.28 -9.88
C LEU B 312 5.34 -29.09 -10.71
N ASN B 313 5.70 -28.00 -10.04
CA ASN B 313 6.16 -26.81 -10.77
C ASN B 313 7.43 -27.11 -11.55
N ARG B 314 8.41 -27.74 -10.88
CA ARG B 314 9.65 -28.10 -11.56
C ARG B 314 9.40 -29.08 -12.69
N LEU B 315 8.50 -30.04 -12.48
CA LEU B 315 8.19 -30.99 -13.54
C LEU B 315 7.60 -30.31 -14.76
N LEU B 316 6.69 -29.36 -14.54
CA LEU B 316 6.09 -28.64 -15.65
C LEU B 316 7.14 -27.79 -16.37
N GLN B 317 7.99 -27.11 -15.62
CA GLN B 317 9.04 -26.31 -16.24
C GLN B 317 10.01 -27.19 -17.04
N ASP B 318 10.30 -28.38 -16.51
CA ASP B 318 11.15 -29.32 -17.23
C ASP B 318 10.52 -29.75 -18.54
N LYS B 319 9.23 -30.08 -18.53
CA LYS B 319 8.55 -30.42 -19.77
C LYS B 319 8.61 -29.27 -20.76
N TRP B 320 8.28 -28.06 -20.28
CA TRP B 320 8.34 -26.86 -21.11
C TRP B 320 9.69 -26.76 -21.80
N ASP B 321 10.75 -26.61 -21.00
CA ASP B 321 12.09 -26.37 -21.53
C ASP B 321 12.58 -27.52 -22.39
N ARG B 322 12.15 -28.75 -22.11
CA ARG B 322 12.70 -29.88 -22.84
C ARG B 322 12.07 -30.00 -24.23
N PHE B 323 10.74 -29.97 -24.32
CA PHE B 323 10.14 -30.12 -25.64
C PHE B 323 8.94 -29.24 -25.96
N VAL B 324 8.30 -28.58 -25.00
CA VAL B 324 7.01 -27.96 -25.31
C VAL B 324 7.19 -26.54 -25.82
N LYS B 325 8.22 -25.84 -25.36
CA LYS B 325 8.42 -24.45 -25.77
C LYS B 325 8.63 -24.33 -27.28
N ARG B 326 9.41 -25.24 -27.86
CA ARG B 326 9.66 -25.19 -29.31
C ARG B 326 8.39 -25.44 -30.11
N ILE B 327 7.58 -26.42 -29.68
CA ILE B 327 6.33 -26.69 -30.38
C ILE B 327 5.38 -25.51 -30.25
N PHE B 328 5.34 -24.89 -29.07
CA PHE B 328 4.49 -23.72 -28.87
C PHE B 328 4.92 -22.57 -29.76
N TYR B 329 6.24 -22.35 -29.88
CA TYR B 329 6.74 -21.30 -30.77
C TYR B 329 6.37 -21.58 -32.22
N PHE B 330 6.48 -22.84 -32.64
CA PHE B 330 6.10 -23.19 -34.00
C PHE B 330 4.62 -22.94 -34.24
N ASN B 331 3.77 -23.30 -33.26
CA ASN B 331 2.34 -23.03 -33.37
C ASN B 331 2.07 -21.54 -33.50
N PHE B 332 2.75 -20.73 -32.69
CA PHE B 332 2.59 -19.29 -32.73
C PHE B 332 2.99 -18.74 -34.10
N PHE B 333 4.11 -19.22 -34.64
CA PHE B 333 4.56 -18.77 -35.94
C PHE B 333 3.55 -19.14 -37.03
N VAL B 334 2.99 -20.35 -36.96
CA VAL B 334 2.01 -20.77 -37.95
C VAL B 334 0.76 -19.90 -37.87
N TYR B 335 0.33 -19.58 -36.64
CA TYR B 335 -0.84 -18.72 -36.50
C TYR B 335 -0.57 -17.32 -37.03
N CYS B 336 0.64 -16.79 -36.81
CA CYS B 336 0.99 -15.49 -37.37
C CYS B 336 0.95 -15.52 -38.88
N LEU B 337 1.50 -16.57 -39.50
CA LEU B 337 1.44 -16.69 -40.95
C LEU B 337 0.00 -16.75 -41.42
N TYR B 338 -0.84 -17.51 -40.72
CA TYR B 338 -2.23 -17.63 -41.11
C TYR B 338 -2.93 -16.28 -41.06
N MET B 339 -2.68 -15.50 -40.01
CA MET B 339 -3.33 -14.19 -39.88
C MET B 339 -2.82 -13.22 -40.93
N ILE B 340 -1.53 -13.26 -41.24
CA ILE B 340 -1.01 -12.39 -42.28
C ILE B 340 -1.64 -12.71 -43.64
N ILE B 341 -1.74 -14.00 -43.96
CA ILE B 341 -2.34 -14.39 -45.23
C ILE B 341 -3.82 -14.01 -45.28
N PHE B 342 -4.54 -14.23 -44.18
CA PHE B 342 -5.95 -13.85 -44.11
C PHE B 342 -6.11 -12.34 -44.30
N THR B 343 -5.26 -11.54 -43.63
CA THR B 343 -5.34 -10.09 -43.76
C THR B 343 -5.06 -9.65 -45.19
N ALA B 344 -4.04 -10.22 -45.83
CA ALA B 344 -3.74 -9.86 -47.21
C ALA B 344 -4.89 -10.22 -48.14
N ALA B 345 -5.46 -11.41 -47.97
CA ALA B 345 -6.55 -11.83 -48.84
C ALA B 345 -7.76 -10.92 -48.66
N ALA B 346 -8.10 -10.58 -47.42
CA ALA B 346 -9.23 -9.70 -47.17
C ALA B 346 -8.98 -8.29 -47.69
N TYR B 347 -7.74 -7.81 -47.58
CA TYR B 347 -7.41 -6.46 -48.02
C TYR B 347 -7.62 -6.27 -49.52
N TYR B 348 -7.40 -7.32 -50.31
CA TYR B 348 -7.51 -7.24 -51.76
C TYR B 348 -8.80 -7.87 -52.28
N ARG B 349 -9.83 -7.90 -51.45
CA ARG B 349 -11.11 -8.43 -51.91
C ARG B 349 -11.63 -7.61 -53.09
N PRO B 350 -12.19 -8.25 -54.12
CA PRO B 350 -12.79 -7.49 -55.21
C PRO B 350 -14.01 -6.71 -54.75
N VAL B 351 -14.19 -5.54 -55.36
CA VAL B 351 -15.28 -4.63 -55.01
C VAL B 351 -16.15 -4.39 -56.24
N GLU B 352 -16.28 -5.40 -57.09
CA GLU B 352 -16.92 -5.22 -58.39
C GLU B 352 -18.44 -5.38 -58.31
N GLY B 353 -18.91 -6.56 -57.92
CA GLY B 353 -20.34 -6.82 -57.87
C GLY B 353 -20.75 -7.66 -56.69
N LEU B 354 -21.48 -8.72 -56.96
CA LEU B 354 -21.83 -9.68 -55.93
C LEU B 354 -20.90 -10.89 -56.01
N PRO B 355 -20.69 -11.59 -54.90
CA PRO B 355 -19.95 -12.84 -54.95
C PRO B 355 -20.80 -13.95 -55.53
N PRO B 356 -20.19 -15.06 -55.98
CA PRO B 356 -18.74 -15.26 -56.06
C PRO B 356 -18.13 -14.42 -57.17
N TYR B 357 -16.84 -14.13 -57.07
CA TYR B 357 -16.16 -13.24 -58.00
C TYR B 357 -15.32 -14.06 -58.97
N LYS B 358 -15.47 -13.78 -60.26
CA LYS B 358 -14.78 -14.54 -61.28
C LYS B 358 -13.27 -14.38 -61.14
N LEU B 359 -12.55 -15.45 -61.45
CA LEU B 359 -11.10 -15.49 -61.28
C LEU B 359 -10.44 -14.91 -62.53
N LYS B 360 -9.79 -13.75 -62.37
CA LYS B 360 -9.03 -13.16 -63.45
C LYS B 360 -7.73 -13.95 -63.67
N ASN B 361 -7.20 -13.83 -64.89
CA ASN B 361 -5.97 -14.54 -65.25
C ASN B 361 -4.78 -13.62 -64.99
N THR B 362 -4.43 -13.51 -63.71
CA THR B 362 -3.32 -12.67 -63.28
C THR B 362 -2.64 -13.33 -62.10
N VAL B 363 -1.36 -12.99 -61.90
CA VAL B 363 -0.63 -13.54 -60.76
C VAL B 363 -1.26 -13.09 -59.45
N GLY B 364 -1.61 -11.82 -59.35
CA GLY B 364 -2.24 -11.32 -58.13
C GLY B 364 -3.55 -12.02 -57.83
N ASP B 365 -4.35 -12.27 -58.88
CA ASP B 365 -5.63 -12.95 -58.68
C ASP B 365 -5.43 -14.37 -58.14
N TYR B 366 -4.46 -15.10 -58.71
CA TYR B 366 -4.19 -16.45 -58.24
C TYR B 366 -3.69 -16.44 -56.80
N PHE B 367 -2.81 -15.50 -56.47
CA PHE B 367 -2.34 -15.40 -55.09
C PHE B 367 -3.48 -15.07 -54.15
N ARG B 368 -4.40 -14.20 -54.56
CA ARG B 368 -5.53 -13.86 -53.71
C ARG B 368 -6.42 -15.08 -53.47
N VAL B 369 -6.71 -15.84 -54.53
CA VAL B 369 -7.56 -17.02 -54.36
C VAL B 369 -6.86 -18.05 -53.48
N THR B 370 -5.55 -18.19 -53.62
CA THR B 370 -4.80 -19.06 -52.73
C THR B 370 -4.93 -18.61 -51.28
N GLY B 371 -4.80 -17.30 -51.03
CA GLY B 371 -4.96 -16.80 -49.69
C GLY B 371 -6.35 -17.06 -49.11
N GLU B 372 -7.35 -16.96 -49.94
CA GLU B 372 -8.73 -17.17 -49.50
C GLU B 372 -8.91 -18.64 -49.16
N ILE B 373 -8.35 -19.55 -49.96
CA ILE B 373 -8.44 -20.98 -49.68
C ILE B 373 -7.75 -21.30 -48.36
N LEU B 374 -6.57 -20.72 -48.14
CA LEU B 374 -5.86 -20.96 -46.88
C LEU B 374 -6.64 -20.41 -45.69
N SER B 375 -7.27 -19.24 -45.84
CA SER B 375 -8.05 -18.68 -44.75
C SER B 375 -9.23 -19.57 -44.39
N VAL B 376 -9.94 -20.07 -45.41
CA VAL B 376 -11.07 -20.96 -45.16
C VAL B 376 -10.58 -22.26 -44.52
N SER B 377 -9.41 -22.74 -44.95
CA SER B 377 -8.85 -23.95 -44.36
C SER B 377 -8.56 -23.76 -42.87
N GLY B 378 -7.97 -22.62 -42.51
CA GLY B 378 -7.74 -22.34 -41.10
C GLY B 378 -9.03 -22.23 -40.32
N GLY B 379 -10.06 -21.62 -40.91
CA GLY B 379 -11.35 -21.57 -40.25
C GLY B 379 -11.94 -22.95 -39.99
N VAL B 380 -11.84 -23.84 -40.99
CA VAL B 380 -12.34 -25.20 -40.82
C VAL B 380 -11.55 -25.92 -39.73
N TYR B 381 -10.22 -25.74 -39.74
CA TYR B 381 -9.38 -26.37 -38.74
C TYR B 381 -9.78 -25.92 -37.33
N PHE B 382 -10.01 -24.62 -37.13
CA PHE B 382 -10.35 -24.15 -35.79
C PHE B 382 -11.77 -24.54 -35.39
N PHE B 383 -12.70 -24.60 -36.35
CA PHE B 383 -14.03 -25.09 -36.06
C PHE B 383 -13.98 -26.54 -35.56
N PHE B 384 -13.21 -27.37 -36.24
CA PHE B 384 -13.10 -28.77 -35.81
C PHE B 384 -12.32 -28.90 -34.51
N ARG B 385 -11.33 -28.04 -34.27
CA ARG B 385 -10.64 -28.06 -32.99
C ARG B 385 -11.59 -27.70 -31.86
N GLY B 386 -12.46 -26.73 -32.08
CA GLY B 386 -13.46 -26.40 -31.07
C GLY B 386 -14.43 -27.54 -30.81
N ILE B 387 -14.90 -28.18 -31.87
CA ILE B 387 -15.77 -29.35 -31.69
C ILE B 387 -15.05 -30.43 -30.89
N GLN B 388 -13.79 -30.69 -31.25
CA GLN B 388 -13.02 -31.71 -30.56
C GLN B 388 -12.84 -31.38 -29.09
N TYR B 389 -12.57 -30.11 -28.78
CA TYR B 389 -12.45 -29.70 -27.38
C TYR B 389 -13.77 -29.91 -26.64
N PHE B 390 -14.88 -29.51 -27.25
CA PHE B 390 -16.17 -29.66 -26.58
C PHE B 390 -16.48 -31.13 -26.32
N LEU B 391 -16.09 -32.01 -27.23
CA LEU B 391 -16.37 -33.43 -27.05
C LEU B 391 -15.42 -34.06 -26.02
N GLN B 392 -14.13 -33.70 -26.06
CA GLN B 392 -13.15 -34.37 -25.21
C GLN B 392 -13.24 -33.90 -23.78
N ARG B 393 -13.50 -32.61 -23.54
CA ARG B 393 -13.54 -32.09 -22.19
C ARG B 393 -14.95 -31.98 -21.62
N ARG B 394 -15.95 -32.00 -22.50
CA ARG B 394 -17.38 -31.91 -22.11
C ARG B 394 -17.56 -30.86 -21.01
N PRO B 395 -17.46 -29.56 -21.34
CA PRO B 395 -17.72 -28.50 -20.35
C PRO B 395 -19.12 -28.60 -19.77
N SER B 396 -19.24 -28.26 -18.49
CA SER B 396 -20.47 -28.42 -17.74
C SER B 396 -21.46 -27.28 -17.92
N LEU B 397 -21.29 -26.46 -18.96
CA LEU B 397 -22.21 -25.37 -19.28
C LEU B 397 -22.05 -24.20 -18.32
N LYS B 398 -21.27 -24.37 -17.26
CA LYS B 398 -20.89 -23.28 -16.37
C LYS B 398 -19.41 -22.96 -16.51
N SER B 399 -18.55 -23.97 -16.49
CA SER B 399 -17.16 -23.78 -16.88
C SER B 399 -17.05 -23.44 -18.35
N LEU B 400 -18.11 -23.63 -19.13
CA LEU B 400 -18.09 -23.24 -20.53
C LEU B 400 -17.89 -21.74 -20.68
N PHE B 401 -18.71 -20.94 -20.01
CA PHE B 401 -18.64 -19.49 -20.10
C PHE B 401 -17.99 -18.84 -18.88
N VAL B 402 -17.40 -19.62 -17.99
CA VAL B 402 -16.66 -19.09 -16.85
C VAL B 402 -15.21 -19.55 -16.96
N ASP B 403 -15.00 -20.68 -17.60
CA ASP B 403 -13.70 -21.16 -18.00
C ASP B 403 -13.68 -21.24 -19.52
N SER B 404 -12.56 -21.70 -20.07
CA SER B 404 -12.46 -21.97 -21.51
C SER B 404 -12.79 -20.74 -22.35
N TYR B 405 -12.28 -19.57 -21.94
CA TYR B 405 -12.48 -18.37 -22.74
C TYR B 405 -11.79 -18.47 -24.09
N SER B 406 -10.53 -18.92 -24.11
CA SER B 406 -9.78 -18.95 -25.36
C SER B 406 -10.36 -19.95 -26.35
N GLU B 407 -10.83 -21.11 -25.88
CA GLU B 407 -11.47 -22.07 -26.76
C GLU B 407 -12.70 -21.47 -27.41
N ILE B 408 -13.53 -20.77 -26.62
CA ILE B 408 -14.72 -20.14 -27.15
C ILE B 408 -14.36 -19.06 -28.16
N LEU B 409 -13.35 -18.25 -27.86
CA LEU B 409 -13.00 -17.15 -28.77
C LEU B 409 -12.50 -17.68 -30.11
N PHE B 410 -11.64 -18.70 -30.10
CA PHE B 410 -11.17 -19.27 -31.36
C PHE B 410 -12.32 -19.93 -32.12
N PHE B 411 -13.22 -20.60 -31.40
CA PHE B 411 -14.37 -21.23 -32.07
C PHE B 411 -15.29 -20.18 -32.68
N VAL B 412 -15.50 -19.05 -32.00
CA VAL B 412 -16.38 -18.01 -32.54
C VAL B 412 -15.75 -17.37 -33.77
N GLN B 413 -14.43 -17.17 -33.74
CA GLN B 413 -13.75 -16.67 -34.93
C GLN B 413 -13.95 -17.61 -36.11
N SER B 414 -13.81 -18.92 -35.87
CA SER B 414 -14.01 -19.88 -36.95
C SER B 414 -15.46 -19.85 -37.45
N LEU B 415 -16.41 -19.67 -36.54
CA LEU B 415 -17.81 -19.59 -36.93
C LEU B 415 -18.06 -18.39 -37.83
N PHE B 416 -17.48 -17.24 -37.51
CA PHE B 416 -17.61 -16.08 -38.38
C PHE B 416 -17.02 -16.36 -39.75
N MET B 417 -15.86 -17.04 -39.80
CA MET B 417 -15.28 -17.39 -41.09
C MET B 417 -16.21 -18.27 -41.92
N LEU B 418 -16.80 -19.29 -41.28
CA LEU B 418 -17.65 -20.22 -42.03
C LEU B 418 -18.94 -19.56 -42.48
N VAL B 419 -19.51 -18.70 -41.63
CA VAL B 419 -20.68 -17.93 -42.04
C VAL B 419 -20.34 -17.04 -43.23
N SER B 420 -19.13 -16.47 -43.22
CA SER B 420 -18.71 -15.66 -44.36
C SER B 420 -18.66 -16.50 -45.62
N VAL B 421 -18.14 -17.72 -45.54
CA VAL B 421 -18.11 -18.59 -46.71
C VAL B 421 -19.52 -18.87 -47.22
N VAL B 422 -20.43 -19.19 -46.30
CA VAL B 422 -21.80 -19.51 -46.68
C VAL B 422 -22.46 -18.32 -47.37
N LEU B 423 -22.30 -17.12 -46.79
CA LEU B 423 -22.88 -15.92 -47.39
C LEU B 423 -22.25 -15.63 -48.74
N TYR B 424 -20.94 -15.85 -48.87
CA TYR B 424 -20.25 -15.56 -50.11
C TYR B 424 -20.78 -16.42 -51.25
N PHE B 425 -21.01 -17.71 -51.00
CA PHE B 425 -21.56 -18.53 -52.08
C PHE B 425 -23.07 -18.39 -52.22
N SER B 426 -23.73 -17.70 -51.30
CA SER B 426 -25.13 -17.32 -51.46
C SER B 426 -25.29 -15.96 -52.12
N GLN B 427 -24.21 -15.39 -52.68
CA GLN B 427 -24.27 -14.14 -53.44
C GLN B 427 -24.65 -12.95 -52.58
N ARG B 428 -24.39 -13.01 -51.28
CA ARG B 428 -24.68 -11.92 -50.37
C ARG B 428 -23.41 -11.15 -50.03
N LYS B 429 -23.51 -9.83 -50.03
CA LYS B 429 -22.37 -8.99 -49.71
C LYS B 429 -22.13 -8.85 -48.21
N GLU B 430 -23.03 -9.35 -47.36
CA GLU B 430 -22.83 -9.38 -45.92
C GLU B 430 -21.70 -10.33 -45.52
N TYR B 431 -21.23 -11.16 -46.46
CA TYR B 431 -20.06 -11.98 -46.19
C TYR B 431 -18.88 -11.11 -45.79
N VAL B 432 -18.81 -9.88 -46.29
CA VAL B 432 -17.74 -8.97 -45.90
C VAL B 432 -17.84 -8.61 -44.42
N ALA B 433 -19.05 -8.35 -43.93
CA ALA B 433 -19.23 -8.04 -42.51
C ALA B 433 -18.79 -9.21 -41.64
N SER B 434 -19.24 -10.42 -42.01
CA SER B 434 -18.84 -11.60 -41.25
C SER B 434 -17.34 -11.78 -41.29
N MET B 435 -16.72 -11.55 -42.45
CA MET B 435 -15.29 -11.74 -42.61
C MET B 435 -14.48 -10.74 -41.80
N VAL B 436 -14.93 -9.47 -41.74
CA VAL B 436 -14.17 -8.50 -40.97
C VAL B 436 -14.30 -8.77 -39.48
N PHE B 437 -15.46 -9.26 -39.03
CA PHE B 437 -15.55 -9.68 -37.64
C PHE B 437 -14.57 -10.82 -37.35
N SER B 438 -14.50 -11.79 -38.27
CA SER B 438 -13.54 -12.88 -38.12
C SER B 438 -12.11 -12.34 -38.06
N LEU B 439 -11.78 -11.39 -38.93
CA LEU B 439 -10.43 -10.85 -38.98
C LEU B 439 -10.06 -10.12 -37.69
N ALA B 440 -10.97 -9.30 -37.16
CA ALA B 440 -10.69 -8.59 -35.92
C ALA B 440 -10.50 -9.56 -34.76
N MET B 441 -11.37 -10.58 -34.68
CA MET B 441 -11.20 -11.57 -33.62
C MET B 441 -9.90 -12.35 -33.80
N GLY B 442 -9.53 -12.67 -35.03
CA GLY B 442 -8.30 -13.38 -35.27
C GLY B 442 -7.08 -12.60 -34.80
N TRP B 443 -7.08 -11.28 -35.02
CA TRP B 443 -5.96 -10.49 -34.52
C TRP B 443 -5.97 -10.37 -33.01
N THR B 444 -7.13 -10.14 -32.39
CA THR B 444 -7.13 -10.05 -30.93
C THR B 444 -6.83 -11.38 -30.26
N ASN B 445 -7.07 -12.50 -30.93
CA ASN B 445 -6.76 -13.82 -30.39
C ASN B 445 -5.26 -14.10 -30.34
N MET B 446 -4.44 -13.24 -30.95
CA MET B 446 -2.99 -13.34 -30.78
C MET B 446 -2.59 -13.27 -29.32
N LEU B 447 -3.40 -12.60 -28.50
CA LEU B 447 -3.07 -12.46 -27.08
C LEU B 447 -3.00 -13.82 -26.38
N TYR B 448 -3.59 -14.86 -26.97
CA TYR B 448 -3.48 -16.20 -26.40
C TYR B 448 -2.02 -16.63 -26.29
N TYR B 449 -1.20 -16.27 -27.27
CA TYR B 449 0.18 -16.75 -27.31
C TYR B 449 1.12 -15.99 -26.39
N THR B 450 0.65 -14.93 -25.71
CA THR B 450 1.47 -14.31 -24.67
C THR B 450 1.77 -15.30 -23.56
N ARG B 451 0.86 -16.24 -23.28
CA ARG B 451 1.23 -17.40 -22.49
C ARG B 451 2.31 -18.15 -23.25
N GLY B 452 3.36 -18.54 -22.56
CA GLY B 452 4.60 -18.89 -23.21
C GLY B 452 5.72 -17.92 -22.94
N PHE B 453 5.39 -16.75 -22.38
CA PHE B 453 6.36 -15.78 -21.89
C PHE B 453 5.81 -15.26 -20.57
N GLN B 454 6.64 -15.27 -19.53
CA GLN B 454 6.13 -15.02 -18.19
C GLN B 454 5.53 -13.63 -18.05
N GLN B 455 6.27 -12.59 -18.45
CA GLN B 455 5.82 -11.23 -18.23
C GLN B 455 4.57 -10.92 -19.06
N MET B 456 4.61 -11.22 -20.36
CA MET B 456 3.46 -10.98 -21.22
C MET B 456 2.28 -11.85 -20.81
N GLY B 457 2.53 -13.10 -20.40
CA GLY B 457 1.45 -13.96 -19.97
C GLY B 457 0.74 -13.44 -18.73
N ILE B 458 1.50 -12.98 -17.74
CA ILE B 458 0.89 -12.39 -16.56
C ILE B 458 0.16 -11.12 -16.91
N TYR B 459 0.70 -10.33 -17.84
CA TYR B 459 0.01 -9.13 -18.30
C TYR B 459 -1.34 -9.46 -18.94
N ALA B 460 -1.38 -10.51 -19.77
CA ALA B 460 -2.63 -10.93 -20.38
C ALA B 460 -3.64 -11.41 -19.34
N VAL B 461 -3.16 -12.14 -18.32
CA VAL B 461 -4.04 -12.56 -17.24
C VAL B 461 -4.64 -11.34 -16.53
N MET B 462 -3.80 -10.33 -16.26
CA MET B 462 -4.31 -9.12 -15.63
C MET B 462 -5.33 -8.42 -16.53
N ILE B 463 -5.12 -8.43 -17.83
CA ILE B 463 -6.09 -7.85 -18.76
C ILE B 463 -7.43 -8.56 -18.64
N GLU B 464 -7.40 -9.89 -18.60
CA GLU B 464 -8.62 -10.66 -18.45
C GLU B 464 -9.33 -10.29 -17.14
N LYS B 465 -8.58 -10.20 -16.05
CA LYS B 465 -9.19 -9.90 -14.76
C LYS B 465 -9.79 -8.50 -14.74
N MET B 466 -9.09 -7.52 -15.33
CA MET B 466 -9.61 -6.17 -15.39
C MET B 466 -10.92 -6.15 -16.17
N ILE B 467 -10.95 -6.81 -17.32
CA ILE B 467 -12.18 -6.88 -18.10
C ILE B 467 -13.30 -7.48 -17.25
N LEU B 468 -13.03 -8.59 -16.57
CA LEU B 468 -14.12 -9.33 -15.94
C LEU B 468 -14.64 -8.64 -14.70
N ARG B 469 -13.82 -7.86 -14.00
CA ARG B 469 -14.31 -7.16 -12.81
C ARG B 469 -14.58 -5.68 -13.05
N ASP B 470 -13.53 -4.91 -13.34
CA ASP B 470 -13.63 -3.46 -13.25
C ASP B 470 -14.40 -2.90 -14.42
N LEU B 471 -14.03 -3.32 -15.63
CA LEU B 471 -14.67 -2.82 -16.83
C LEU B 471 -16.15 -3.19 -16.86
N CYS B 472 -16.49 -4.40 -16.41
CA CYS B 472 -17.88 -4.83 -16.43
C CYS B 472 -18.74 -3.98 -15.49
N ARG B 473 -18.29 -3.78 -14.24
CA ARG B 473 -19.07 -2.96 -13.32
C ARG B 473 -19.19 -1.52 -13.85
N PHE B 474 -18.07 -0.97 -14.31
CA PHE B 474 -18.08 0.38 -14.85
C PHE B 474 -19.03 0.50 -16.02
N MET B 475 -19.03 -0.49 -16.92
CA MET B 475 -19.86 -0.41 -18.11
C MET B 475 -21.34 -0.46 -17.75
N PHE B 476 -21.72 -1.29 -16.79
CA PHE B 476 -23.13 -1.29 -16.40
C PHE B 476 -23.55 0.10 -15.94
N VAL B 477 -22.81 0.68 -14.98
CA VAL B 477 -23.22 1.98 -14.46
C VAL B 477 -23.18 3.04 -15.56
N TYR B 478 -22.11 3.03 -16.36
CA TYR B 478 -21.92 4.03 -17.40
C TYR B 478 -23.02 3.97 -18.44
N LEU B 479 -23.41 2.76 -18.87
CA LEU B 479 -24.45 2.66 -19.88
C LEU B 479 -25.79 3.12 -19.32
N VAL B 480 -26.06 2.84 -18.05
CA VAL B 480 -27.28 3.39 -17.45
C VAL B 480 -27.27 4.91 -17.54
N PHE B 481 -26.16 5.54 -17.12
CA PHE B 481 -26.11 7.00 -17.11
C PHE B 481 -26.20 7.57 -18.52
N LEU B 482 -25.51 6.94 -19.48
CA LEU B 482 -25.52 7.42 -20.85
C LEU B 482 -26.93 7.33 -21.44
N PHE B 483 -27.59 6.19 -21.26
CA PHE B 483 -28.93 6.04 -21.82
C PHE B 483 -29.89 7.05 -21.18
N GLY B 484 -29.83 7.21 -19.87
CA GLY B 484 -30.74 8.13 -19.21
C GLY B 484 -30.56 9.57 -19.69
N PHE B 485 -29.32 10.05 -19.72
CA PHE B 485 -29.10 11.42 -20.15
C PHE B 485 -29.38 11.59 -21.64
N SER B 486 -29.12 10.57 -22.45
CA SER B 486 -29.45 10.65 -23.87
C SER B 486 -30.95 10.74 -24.08
N THR B 487 -31.74 9.97 -23.35
CA THR B 487 -33.18 10.05 -23.52
C THR B 487 -33.70 11.41 -23.06
N ALA B 488 -33.15 11.95 -21.96
CA ALA B 488 -33.55 13.28 -21.53
C ALA B 488 -33.21 14.33 -22.59
N VAL B 489 -32.00 14.27 -23.15
CA VAL B 489 -31.58 15.27 -24.12
C VAL B 489 -32.40 15.17 -25.39
N VAL B 490 -32.60 13.96 -25.90
CA VAL B 490 -33.35 13.79 -27.13
C VAL B 490 -34.81 14.18 -26.94
N THR B 491 -35.37 13.94 -25.75
CA THR B 491 -36.72 14.44 -25.46
C THR B 491 -36.74 15.96 -25.50
N LEU B 492 -35.73 16.61 -24.92
CA LEU B 492 -35.69 18.07 -24.93
C LEU B 492 -35.55 18.61 -26.35
N ILE B 493 -34.87 17.89 -27.25
CA ILE B 493 -34.63 18.40 -28.60
C ILE B 493 -35.95 18.38 -29.38
N GLU B 494 -36.18 19.44 -30.14
CA GLU B 494 -37.46 19.64 -30.81
C GLU B 494 -37.49 18.90 -32.16
N ASP B 495 -36.45 19.03 -32.95
CA ASP B 495 -36.38 18.41 -34.27
C ASP B 495 -34.93 18.52 -34.76
N GLY B 496 -34.71 18.13 -36.00
CA GLY B 496 -33.42 18.27 -36.63
C GLY B 496 -32.63 16.98 -36.70
N LYS B 497 -31.33 17.14 -36.92
CA LYS B 497 -30.44 16.00 -37.17
C LYS B 497 -30.21 15.15 -35.92
N TYR B 498 -30.48 15.68 -34.73
CA TYR B 498 -30.18 14.99 -33.48
C TYR B 498 -31.44 14.56 -32.74
N ASN B 499 -32.59 14.56 -33.41
CA ASN B 499 -33.84 14.16 -32.78
C ASN B 499 -34.06 12.66 -32.83
N SER B 500 -32.99 11.88 -32.93
CA SER B 500 -33.06 10.43 -32.84
C SER B 500 -32.18 9.98 -31.67
N LEU B 501 -32.59 8.88 -31.05
CA LEU B 501 -31.86 8.38 -29.88
C LEU B 501 -30.44 7.97 -30.24
N TYR B 502 -30.25 7.36 -31.41
CA TYR B 502 -28.93 6.91 -31.81
C TYR B 502 -27.95 8.08 -31.95
N SER B 503 -28.38 9.15 -32.63
CA SER B 503 -27.50 10.30 -32.84
C SER B 503 -27.12 10.97 -31.54
N THR B 504 -28.08 11.16 -30.64
CA THR B 504 -27.78 11.82 -29.37
C THR B 504 -26.93 10.93 -28.47
N CYS B 505 -27.18 9.62 -28.49
CA CYS B 505 -26.33 8.71 -27.73
C CYS B 505 -24.89 8.77 -28.22
N LEU B 506 -24.70 8.84 -29.54
CA LEU B 506 -23.35 8.98 -30.09
C LEU B 506 -22.72 10.30 -29.68
N GLU B 507 -23.47 11.40 -29.74
CA GLU B 507 -22.94 12.69 -29.30
C GLU B 507 -22.49 12.64 -27.85
N LEU B 508 -23.29 12.03 -26.98
CA LEU B 508 -22.92 11.97 -25.56
C LEU B 508 -21.74 11.02 -25.33
N PHE B 509 -21.65 9.93 -26.11
CA PHE B 509 -20.50 9.05 -25.99
C PHE B 509 -19.22 9.74 -26.42
N LYS B 510 -19.29 10.69 -27.35
CA LYS B 510 -18.10 11.43 -27.75
C LYS B 510 -17.43 12.13 -26.57
N PHE B 511 -18.21 12.56 -25.57
CA PHE B 511 -17.62 13.17 -24.38
C PHE B 511 -16.69 12.20 -23.66
N THR B 512 -16.98 10.91 -23.72
CA THR B 512 -16.17 9.92 -23.00
C THR B 512 -14.77 9.79 -23.62
N ILE B 513 -14.63 10.09 -24.91
CA ILE B 513 -13.36 9.92 -25.60
C ILE B 513 -12.69 11.28 -25.89
N GLY B 514 -13.04 12.31 -25.13
CA GLY B 514 -12.40 13.60 -25.29
C GLY B 514 -12.83 14.38 -26.51
N MET B 515 -14.02 14.13 -27.04
CA MET B 515 -14.48 14.76 -28.27
C MET B 515 -15.84 15.42 -28.13
N GLY B 516 -16.34 15.62 -26.91
CA GLY B 516 -17.67 16.14 -26.73
C GLY B 516 -17.77 17.62 -27.11
N ASP B 517 -18.89 17.98 -27.73
CA ASP B 517 -19.06 19.30 -28.32
C ASP B 517 -19.60 20.34 -27.34
N LEU B 518 -20.64 20.02 -26.58
CA LEU B 518 -21.31 20.93 -25.66
C LEU B 518 -22.19 21.95 -26.37
N GLU B 519 -22.08 22.02 -27.70
CA GLU B 519 -22.95 22.88 -28.50
C GLU B 519 -23.33 22.17 -29.79
N PHE B 520 -23.46 20.84 -29.74
CA PHE B 520 -23.69 20.07 -30.96
C PHE B 520 -25.04 20.35 -31.60
N THR B 521 -25.97 20.96 -30.86
CA THR B 521 -27.24 21.35 -31.45
C THR B 521 -27.77 22.59 -30.74
N GLU B 522 -28.67 23.29 -31.41
CA GLU B 522 -29.44 24.38 -30.80
C GLU B 522 -30.94 24.19 -30.99
N ASN B 523 -31.37 23.01 -31.44
CA ASN B 523 -32.77 22.77 -31.80
C ASN B 523 -33.57 22.44 -30.55
N TYR B 524 -33.82 23.46 -29.75
CA TYR B 524 -34.55 23.29 -28.50
C TYR B 524 -35.06 24.65 -28.05
N ASP B 525 -36.00 24.63 -27.11
CA ASP B 525 -36.19 25.73 -26.19
C ASP B 525 -35.43 25.40 -24.91
N PHE B 526 -35.24 26.41 -24.06
CA PHE B 526 -34.61 26.21 -22.76
C PHE B 526 -33.18 25.69 -22.93
N LYS B 527 -32.34 26.55 -23.47
CA LYS B 527 -30.90 26.28 -23.52
C LYS B 527 -30.32 25.97 -22.14
N ALA B 528 -30.83 26.62 -21.10
CA ALA B 528 -30.34 26.36 -19.76
C ALA B 528 -30.51 24.90 -19.38
N VAL B 529 -31.66 24.32 -19.72
CA VAL B 529 -31.90 22.90 -19.42
C VAL B 529 -30.92 22.03 -20.18
N PHE B 530 -30.70 22.34 -21.46
CA PHE B 530 -29.77 21.57 -22.28
C PHE B 530 -28.37 21.57 -21.67
N ILE B 531 -27.86 22.75 -21.31
CA ILE B 531 -26.51 22.83 -20.78
C ILE B 531 -26.44 22.20 -19.40
N ILE B 532 -27.49 22.33 -18.58
CA ILE B 532 -27.48 21.69 -17.27
C ILE B 532 -27.43 20.17 -17.42
N LEU B 533 -28.22 19.61 -18.33
CA LEU B 533 -28.18 18.18 -18.56
C LEU B 533 -26.78 17.74 -19.02
N LEU B 534 -26.20 18.47 -19.98
CA LEU B 534 -24.90 18.08 -20.49
C LEU B 534 -23.83 18.17 -19.40
N LEU B 535 -23.86 19.24 -18.60
CA LEU B 535 -22.86 19.41 -17.55
C LEU B 535 -23.02 18.34 -16.46
N ALA B 536 -24.25 18.01 -16.09
CA ALA B 536 -24.46 16.94 -15.12
C ALA B 536 -23.95 15.61 -15.65
N TYR B 537 -24.26 15.29 -16.91
CA TYR B 537 -23.74 14.07 -17.50
C TYR B 537 -22.22 14.07 -17.52
N VAL B 538 -21.61 15.19 -17.90
CA VAL B 538 -20.15 15.27 -17.96
C VAL B 538 -19.54 15.05 -16.58
N ILE B 539 -20.05 15.75 -15.58
CA ILE B 539 -19.51 15.63 -14.23
C ILE B 539 -19.64 14.20 -13.73
N LEU B 540 -20.80 13.57 -13.97
CA LEU B 540 -21.03 12.24 -13.42
C LEU B 540 -20.19 11.19 -14.14
N THR B 541 -20.05 11.28 -15.46
CA THR B 541 -19.35 10.23 -16.20
C THR B 541 -17.87 10.55 -16.37
N TYR B 542 -17.57 11.64 -17.07
CA TYR B 542 -16.18 11.94 -17.42
C TYR B 542 -15.34 12.23 -16.19
N ILE B 543 -15.81 13.13 -15.32
CA ILE B 543 -14.97 13.57 -14.21
C ILE B 543 -15.00 12.58 -13.06
N LEU B 544 -16.14 11.93 -12.82
CA LEU B 544 -16.25 11.01 -11.69
C LEU B 544 -15.98 9.57 -12.09
N LEU B 545 -16.76 9.01 -13.02
CA LEU B 545 -16.77 7.57 -13.21
C LEU B 545 -15.50 7.05 -13.89
N LEU B 546 -15.00 7.77 -14.89
CA LEU B 546 -13.78 7.32 -15.58
C LEU B 546 -12.56 7.37 -14.66
N ASN B 547 -12.41 8.45 -13.89
CA ASN B 547 -11.30 8.56 -12.96
C ASN B 547 -11.44 7.54 -11.83
N MET B 548 -12.67 7.29 -11.40
CA MET B 548 -12.91 6.23 -10.42
C MET B 548 -12.52 4.87 -11.00
N LEU B 549 -12.77 4.66 -12.29
CA LEU B 549 -12.35 3.42 -12.93
C LEU B 549 -10.84 3.26 -12.88
N ILE B 550 -10.11 4.35 -13.11
CA ILE B 550 -8.65 4.28 -12.99
C ILE B 550 -8.24 3.90 -11.57
N ALA B 551 -8.86 4.52 -10.57
CA ALA B 551 -8.51 4.22 -9.18
C ALA B 551 -8.83 2.77 -8.82
N LEU B 552 -9.98 2.26 -9.28
CA LEU B 552 -10.35 0.89 -9.00
C LEU B 552 -9.43 -0.09 -9.71
N MET B 553 -9.01 0.23 -10.93
CA MET B 553 -8.03 -0.60 -11.61
C MET B 553 -6.73 -0.64 -10.83
N GLY B 554 -6.31 0.50 -10.26
CA GLY B 554 -5.12 0.50 -9.43
C GLY B 554 -5.25 -0.42 -8.24
N GLU B 555 -6.39 -0.38 -7.57
CA GLU B 555 -6.63 -1.30 -6.45
C GLU B 555 -6.55 -2.76 -6.91
N THR B 556 -7.23 -3.08 -8.01
CA THR B 556 -7.21 -4.45 -8.51
C THR B 556 -5.79 -4.91 -8.83
N VAL B 557 -5.04 -4.07 -9.55
CA VAL B 557 -3.67 -4.42 -9.91
C VAL B 557 -2.86 -4.68 -8.65
N ASN B 558 -3.06 -3.86 -7.61
CA ASN B 558 -2.37 -4.08 -6.36
C ASN B 558 -2.73 -5.44 -5.74
N LYS B 559 -3.96 -5.91 -5.92
CA LYS B 559 -4.41 -7.09 -5.20
C LYS B 559 -4.24 -8.43 -5.94
N ILE B 560 -3.85 -8.46 -7.21
CA ILE B 560 -3.98 -9.69 -7.97
C ILE B 560 -2.65 -10.21 -8.53
N ALA B 561 -1.51 -9.74 -8.03
CA ALA B 561 -0.24 -10.16 -8.61
C ALA B 561 -0.03 -11.66 -8.50
N GLN B 562 -0.15 -12.20 -7.28
CA GLN B 562 0.08 -13.62 -7.06
C GLN B 562 -0.97 -14.46 -7.78
N GLU B 563 -2.23 -14.04 -7.72
CA GLU B 563 -3.29 -14.74 -8.43
C GLU B 563 -3.00 -14.80 -9.92
N SER B 564 -2.56 -13.69 -10.50
CA SER B 564 -2.30 -13.66 -11.93
C SER B 564 -1.13 -14.57 -12.31
N LYS B 565 -0.07 -14.57 -11.49
CA LYS B 565 1.04 -15.46 -11.77
C LYS B 565 0.62 -16.93 -11.69
N ASN B 566 -0.19 -17.28 -10.68
CA ASN B 566 -0.65 -18.66 -10.56
C ASN B 566 -1.57 -19.06 -11.71
N ILE B 567 -2.44 -18.13 -12.15
CA ILE B 567 -3.31 -18.42 -13.27
C ILE B 567 -2.50 -18.63 -14.54
N TRP B 568 -1.47 -17.79 -14.75
CA TRP B 568 -0.62 -17.98 -15.91
C TRP B 568 0.07 -19.34 -15.87
N LYS B 569 0.53 -19.76 -14.69
CA LYS B 569 1.17 -21.06 -14.58
C LYS B 569 0.20 -22.19 -14.91
N LEU B 570 -1.05 -22.07 -14.46
CA LEU B 570 -2.05 -23.08 -14.82
C LEU B 570 -2.34 -23.08 -16.32
N GLN B 571 -2.37 -21.90 -16.93
CA GLN B 571 -2.58 -21.82 -18.37
C GLN B 571 -1.45 -22.52 -19.13
N ARG B 572 -0.21 -22.29 -18.71
CA ARG B 572 0.90 -22.95 -19.39
C ARG B 572 0.87 -24.45 -19.13
N ALA B 573 0.43 -24.88 -17.95
CA ALA B 573 0.27 -26.30 -17.69
C ALA B 573 -0.75 -26.92 -18.64
N ILE B 574 -1.88 -26.22 -18.87
CA ILE B 574 -2.87 -26.72 -19.81
C ILE B 574 -2.26 -26.84 -21.20
N THR B 575 -1.49 -25.83 -21.61
CA THR B 575 -0.81 -25.89 -22.91
C THR B 575 0.13 -27.10 -22.98
N ILE B 576 0.87 -27.36 -21.91
CA ILE B 576 1.83 -28.47 -21.90
C ILE B 576 1.11 -29.80 -22.02
N LEU B 577 0.03 -29.98 -21.26
CA LEU B 577 -0.73 -31.22 -21.36
C LEU B 577 -1.34 -31.39 -22.75
N ASP B 578 -1.89 -30.31 -23.31
CA ASP B 578 -2.46 -30.38 -24.65
C ASP B 578 -1.41 -30.75 -25.68
N THR B 579 -0.20 -30.19 -25.57
CA THR B 579 0.87 -30.54 -26.50
C THR B 579 1.25 -32.00 -26.34
N GLU B 580 1.41 -32.47 -25.10
CA GLU B 580 1.77 -33.86 -24.88
C GLU B 580 0.75 -34.81 -25.47
N LYS B 581 -0.52 -34.41 -25.51
CA LYS B 581 -1.55 -35.23 -26.15
C LYS B 581 -1.72 -34.94 -27.64
N SER B 582 -1.14 -33.84 -28.13
CA SER B 582 -1.23 -33.48 -29.55
C SER B 582 0.02 -32.68 -29.89
N PHE B 583 1.03 -33.37 -30.42
CA PHE B 583 2.37 -32.83 -30.62
C PHE B 583 2.85 -32.95 -32.05
N ARG B 588 7.18 -41.29 -28.19
CA ARG B 588 7.33 -41.38 -26.75
C ARG B 588 8.50 -40.51 -26.27
N LYS B 589 8.55 -39.27 -26.74
CA LYS B 589 9.57 -38.33 -26.28
C LYS B 589 9.18 -37.63 -25.00
N ALA B 590 7.90 -37.34 -24.80
CA ALA B 590 7.43 -36.53 -23.69
C ALA B 590 7.40 -37.33 -22.39
N PHE B 591 8.55 -37.83 -21.93
CA PHE B 591 8.58 -38.73 -20.80
C PHE B 591 9.42 -38.12 -19.69
N ARG B 592 8.83 -38.05 -18.50
CA ARG B 592 9.29 -37.20 -17.40
C ARG B 592 10.78 -37.21 -17.10
N SER B 593 11.33 -38.35 -16.67
CA SER B 593 12.62 -38.36 -16.01
C SER B 593 13.21 -39.77 -16.13
N GLY B 594 14.22 -40.06 -15.32
CA GLY B 594 14.89 -41.34 -15.38
C GLY B 594 14.28 -42.38 -14.45
N LYS B 595 14.35 -43.64 -14.89
CA LYS B 595 13.94 -44.76 -14.04
C LYS B 595 15.11 -45.16 -13.16
N LEU B 596 14.92 -45.03 -11.84
CA LEU B 596 16.00 -45.22 -10.89
C LEU B 596 15.54 -46.13 -9.75
N LEU B 597 16.50 -46.83 -9.17
CA LEU B 597 16.30 -47.61 -7.97
C LEU B 597 16.51 -46.69 -6.77
N GLN B 598 15.51 -46.59 -5.90
CA GLN B 598 15.45 -45.44 -4.98
C GLN B 598 15.30 -45.81 -3.51
N VAL B 599 14.67 -46.94 -3.20
CA VAL B 599 14.59 -47.42 -1.83
C VAL B 599 15.28 -48.77 -1.67
N GLY B 600 16.01 -49.20 -2.68
CA GLY B 600 16.58 -50.53 -2.67
C GLY B 600 15.54 -51.55 -3.09
N PHE B 601 14.65 -51.89 -2.17
CA PHE B 601 13.78 -53.03 -2.35
C PHE B 601 12.53 -52.84 -1.51
N THR B 602 11.52 -53.62 -1.84
CA THR B 602 10.26 -53.62 -1.11
C THR B 602 10.45 -54.38 0.20
N PRO B 603 9.41 -54.49 1.03
CA PRO B 603 9.48 -55.46 2.13
C PRO B 603 9.85 -56.85 1.64
N ASP B 604 9.32 -57.25 0.49
CA ASP B 604 9.86 -58.40 -0.21
C ASP B 604 11.20 -58.05 -0.84
N GLY B 605 12.03 -59.07 -1.06
CA GLY B 605 13.40 -58.82 -1.48
C GLY B 605 13.53 -58.11 -2.81
N LYS B 606 12.48 -58.12 -3.64
CA LYS B 606 12.57 -57.58 -4.97
C LYS B 606 12.95 -56.09 -4.94
N ASP B 607 13.85 -55.71 -5.85
CA ASP B 607 14.20 -54.30 -6.00
C ASP B 607 13.12 -53.58 -6.80
N ASP B 608 12.79 -52.36 -6.36
CA ASP B 608 11.71 -51.58 -6.97
C ASP B 608 12.31 -50.41 -7.73
N TYR B 609 11.97 -50.32 -9.01
CA TYR B 609 12.37 -49.23 -9.87
C TYR B 609 11.21 -48.26 -10.01
N ARG B 610 11.49 -46.97 -9.86
CA ARG B 610 10.48 -45.92 -9.95
C ARG B 610 10.99 -44.78 -10.79
N TRP B 611 10.11 -44.21 -11.61
CA TRP B 611 10.45 -43.00 -12.36
C TRP B 611 10.52 -41.83 -11.40
N CYS B 612 11.67 -41.17 -11.35
CA CYS B 612 11.95 -40.17 -10.34
C CYS B 612 12.45 -38.88 -10.98
N PHE B 613 12.06 -37.76 -10.38
CA PHE B 613 12.51 -36.45 -10.80
C PHE B 613 13.57 -35.97 -9.81
N ARG B 614 14.75 -35.62 -10.32
CA ARG B 614 15.86 -35.22 -9.48
C ARG B 614 15.85 -33.71 -9.26
N VAL B 615 16.01 -33.31 -8.01
CA VAL B 615 16.06 -31.90 -7.64
C VAL B 615 17.27 -31.69 -6.74
N ASP B 616 18.13 -30.74 -7.10
CA ASP B 616 19.30 -30.41 -6.32
C ASP B 616 18.96 -29.38 -5.24
N GLU B 617 19.46 -29.59 -4.04
CA GLU B 617 19.23 -28.72 -2.91
C GLU B 617 20.55 -28.39 -2.23
N VAL B 618 20.61 -27.20 -1.63
CA VAL B 618 21.76 -26.78 -0.83
C VAL B 618 21.23 -26.23 0.47
N ASN B 619 21.83 -26.65 1.58
CA ASN B 619 21.44 -26.20 2.92
C ASN B 619 22.71 -26.02 3.74
N TRP B 620 23.00 -24.78 4.12
CA TRP B 620 24.18 -24.47 4.92
C TRP B 620 23.90 -24.50 6.42
N THR B 621 22.64 -24.67 6.83
CA THR B 621 22.28 -24.57 8.23
C THR B 621 22.27 -25.95 8.90
N THR B 622 21.45 -26.87 8.40
CA THR B 622 21.37 -28.22 8.95
C THR B 622 22.46 -29.06 8.30
N TRP B 623 23.69 -28.87 8.80
CA TRP B 623 24.84 -29.59 8.25
C TRP B 623 24.74 -31.09 8.45
N ASN B 624 23.95 -31.55 9.42
CA ASN B 624 23.97 -32.97 9.78
C ASN B 624 23.66 -33.84 8.56
N THR B 625 22.53 -33.59 7.90
CA THR B 625 22.12 -34.33 6.71
C THR B 625 22.17 -35.84 6.95
N ASN B 626 21.64 -36.25 8.10
CA ASN B 626 21.57 -37.68 8.44
C ASN B 626 20.42 -38.30 7.64
N VAL B 627 20.77 -39.05 6.60
CA VAL B 627 19.79 -39.61 5.67
C VAL B 627 20.19 -41.03 5.28
N GLY B 628 19.23 -41.75 4.71
CA GLY B 628 19.48 -43.06 4.17
C GLY B 628 19.82 -43.03 2.68
N ILE B 629 20.95 -42.41 2.35
CA ILE B 629 21.36 -42.20 0.96
C ILE B 629 21.31 -43.51 0.20
N ILE B 630 20.97 -43.43 -1.09
CA ILE B 630 20.87 -44.60 -1.95
C ILE B 630 22.22 -44.96 -2.54
N ASN B 631 22.90 -43.98 -3.14
CA ASN B 631 24.17 -44.20 -3.81
C ASN B 631 25.27 -43.45 -3.07
N GLU B 632 26.34 -44.17 -2.72
CA GLU B 632 27.58 -43.51 -2.36
C GLU B 632 28.34 -43.16 -3.64
N ASP B 633 29.45 -42.43 -3.48
CA ASP B 633 30.09 -41.85 -4.65
C ASP B 633 29.14 -40.84 -5.30
N PRO B 634 28.89 -39.72 -4.64
CA PRO B 634 27.86 -38.79 -5.13
C PRO B 634 28.14 -38.32 -6.55
N GLY B 635 27.05 -38.06 -7.28
CA GLY B 635 27.15 -37.55 -8.63
C GLY B 635 26.88 -38.62 -9.68
N LEU C 71 49.16 9.65 42.12
CA LEU C 71 49.51 9.67 43.54
C LEU C 71 50.95 10.12 43.74
N ASP C 72 51.87 9.45 43.06
CA ASP C 72 53.31 9.68 43.24
C ASP C 72 53.78 10.99 42.64
N VAL C 73 52.91 11.87 42.13
CA VAL C 73 53.34 13.14 41.55
C VAL C 73 52.73 14.35 42.25
N ALA C 74 51.74 14.15 43.11
CA ALA C 74 51.12 15.27 43.84
C ALA C 74 52.00 15.64 45.02
N ARG C 75 52.71 16.76 44.92
CA ARG C 75 53.72 17.17 45.89
C ARG C 75 53.29 18.46 46.57
N LYS C 76 53.34 18.48 47.90
CA LYS C 76 53.06 19.68 48.67
C LYS C 76 54.30 20.55 48.85
N THR C 77 54.95 20.86 47.74
CA THR C 77 56.20 21.64 47.77
C THR C 77 55.90 23.12 47.64
N LEU C 80 51.17 21.66 45.47
CA LEU C 80 49.97 20.89 45.15
C LEU C 80 49.09 21.63 44.16
N LYS C 81 48.60 22.79 44.57
CA LYS C 81 47.82 23.63 43.67
C LYS C 81 48.72 24.20 42.58
N GLN C 82 48.10 24.61 41.47
CA GLN C 82 48.79 25.06 40.27
C GLN C 82 49.42 23.88 39.53
N PHE C 83 49.35 22.69 40.10
CA PHE C 83 49.76 21.46 39.44
C PHE C 83 48.62 20.47 39.33
N VAL C 84 47.82 20.32 40.39
CA VAL C 84 46.56 19.58 40.28
C VAL C 84 45.47 20.40 39.64
N ASN C 85 45.74 21.66 39.32
CA ASN C 85 44.80 22.53 38.63
C ASN C 85 45.38 23.08 37.32
N ALA C 86 46.49 22.53 36.85
CA ALA C 86 47.07 22.96 35.59
C ALA C 86 46.15 22.57 34.43
N SER C 87 46.14 23.41 33.40
CA SER C 87 45.21 23.26 32.29
C SER C 87 45.91 23.51 30.97
N TYR C 88 45.35 22.95 29.91
CA TYR C 88 45.89 23.14 28.56
C TYR C 88 45.87 24.63 28.19
N THR C 89 46.98 25.10 27.63
CA THR C 89 47.05 26.43 27.04
C THR C 89 46.80 26.40 25.54
N ASP C 90 46.71 25.22 24.93
CA ASP C 90 46.45 25.11 23.51
C ASP C 90 45.09 25.72 23.18
N SER C 91 45.04 26.45 22.06
CA SER C 91 43.78 27.05 21.63
C SER C 91 42.73 25.98 21.33
N TYR C 92 43.17 24.79 20.92
CA TYR C 92 42.22 23.72 20.61
C TYR C 92 41.60 23.14 21.87
N TYR C 93 42.43 22.88 22.89
CA TYR C 93 41.96 22.33 24.16
C TYR C 93 42.00 23.35 25.29
N LYS C 94 42.00 24.65 24.96
CA LYS C 94 42.14 25.67 25.99
C LYS C 94 41.10 25.49 27.09
N GLY C 95 41.56 25.47 28.33
CA GLY C 95 40.70 25.37 29.48
C GLY C 95 40.56 23.96 30.03
N GLN C 96 40.91 22.94 29.25
CA GLN C 96 40.79 21.57 29.74
C GLN C 96 41.75 21.35 30.90
N THR C 97 41.24 20.71 31.95
CA THR C 97 42.01 20.42 33.15
C THR C 97 41.92 18.93 33.45
N ALA C 98 42.70 18.50 34.44
CA ALA C 98 42.73 17.09 34.79
C ALA C 98 41.37 16.60 35.30
N LEU C 99 40.59 17.50 35.93
CA LEU C 99 39.26 17.12 36.37
C LEU C 99 38.37 16.77 35.18
N HIS C 100 38.47 17.54 34.10
CA HIS C 100 37.71 17.23 32.89
C HIS C 100 38.06 15.84 32.38
N ILE C 101 39.35 15.53 32.32
CA ILE C 101 39.79 14.22 31.82
C ILE C 101 39.27 13.12 32.72
N ALA C 102 39.38 13.32 34.04
CA ALA C 102 38.92 12.29 34.96
C ALA C 102 37.43 12.04 34.81
N ILE C 103 36.64 13.10 34.67
CA ILE C 103 35.20 12.93 34.47
C ILE C 103 34.93 12.21 33.17
N GLU C 104 35.61 12.60 32.10
CA GLU C 104 35.37 12.00 30.79
C GLU C 104 35.60 10.50 30.82
N ARG C 105 36.62 10.04 31.54
CA ARG C 105 36.93 8.62 31.61
C ARG C 105 36.01 7.88 32.56
N ARG C 106 35.14 8.58 33.29
CA ARG C 106 34.16 7.94 34.17
C ARG C 106 34.85 7.25 35.35
N ASN C 107 35.84 7.93 35.93
CA ASN C 107 36.60 7.41 37.06
C ASN C 107 36.17 8.17 38.31
N MET C 108 35.27 7.55 39.09
CA MET C 108 34.77 8.20 40.30
C MET C 108 35.89 8.44 41.30
N THR C 109 36.70 7.40 41.56
CA THR C 109 37.76 7.52 42.56
C THR C 109 38.76 8.59 42.16
N LEU C 110 39.13 8.64 40.88
CA LEU C 110 40.06 9.66 40.43
C LEU C 110 39.47 11.06 40.60
N VAL C 111 38.18 11.22 40.31
CA VAL C 111 37.55 12.53 40.47
C VAL C 111 37.56 12.94 41.94
N THR C 112 37.26 12.01 42.85
CA THR C 112 37.34 12.34 44.26
C THR C 112 38.76 12.72 44.65
N LEU C 113 39.75 12.00 44.12
CA LEU C 113 41.14 12.30 44.43
C LEU C 113 41.51 13.71 44.00
N LEU C 114 41.10 14.10 42.79
CA LEU C 114 41.42 15.45 42.31
C LEU C 114 40.65 16.50 43.10
N VAL C 115 39.41 16.22 43.47
CA VAL C 115 38.61 17.18 44.23
C VAL C 115 39.23 17.41 45.60
N GLU C 116 39.75 16.34 46.23
CA GLU C 116 40.31 16.47 47.56
C GLU C 116 41.48 17.45 47.59
N ASN C 117 42.35 17.38 46.58
CA ASN C 117 43.56 18.19 46.54
C ASN C 117 43.32 19.62 46.10
N GLY C 118 42.08 20.09 46.09
CA GLY C 118 41.79 21.47 45.75
C GLY C 118 41.57 21.74 44.28
N ALA C 119 41.30 20.71 43.48
CA ALA C 119 40.96 20.95 42.08
C ALA C 119 39.70 21.78 41.99
N ASP C 120 39.72 22.78 41.12
CA ASP C 120 38.58 23.67 40.94
C ASP C 120 37.49 22.97 40.14
N VAL C 121 36.26 22.97 40.68
CA VAL C 121 35.12 22.38 39.99
C VAL C 121 34.43 23.37 39.07
N GLN C 122 34.86 24.63 39.05
CA GLN C 122 34.32 25.63 38.14
C GLN C 122 35.23 25.88 36.94
N ALA C 123 36.21 25.00 36.72
CA ALA C 123 37.08 25.15 35.56
C ALA C 123 36.26 25.02 34.28
N ALA C 124 36.58 25.86 33.30
CA ALA C 124 35.85 25.92 32.04
C ALA C 124 36.75 25.47 30.90
N ALA C 125 36.30 24.47 30.14
CA ALA C 125 37.04 23.97 28.99
C ALA C 125 36.61 24.80 27.78
N ASN C 126 37.37 25.85 27.50
CA ASN C 126 37.01 26.85 26.50
C ASN C 126 37.66 26.60 25.14
N GLY C 127 38.30 25.46 24.95
CA GLY C 127 38.98 25.20 23.70
C GLY C 127 38.02 25.06 22.53
N ASP C 128 38.58 25.17 21.33
CA ASP C 128 37.77 25.03 20.12
C ASP C 128 37.15 23.65 20.02
N PHE C 129 37.90 22.61 20.40
CA PHE C 129 37.37 21.25 20.33
C PHE C 129 36.10 21.12 21.15
N PHE C 130 35.95 21.92 22.20
CA PHE C 130 34.76 21.89 23.03
C PHE C 130 33.71 22.92 22.61
N LYS C 131 33.95 23.66 21.54
CA LYS C 131 32.96 24.59 21.05
C LYS C 131 31.82 23.83 20.35
N LYS C 132 30.71 24.54 20.13
CA LYS C 132 29.50 23.89 19.65
C LYS C 132 29.73 23.16 18.33
N THR C 133 30.06 23.89 17.25
CA THR C 133 30.28 23.26 15.95
C THR C 133 31.47 23.80 15.18
N LYS C 134 31.94 25.02 15.45
CA LYS C 134 33.02 25.61 14.67
C LYS C 134 34.22 24.68 14.65
N GLY C 135 34.56 24.16 13.47
CA GLY C 135 35.52 23.09 13.36
C GLY C 135 34.81 21.76 13.44
N ARG C 136 34.93 20.94 12.39
CA ARG C 136 34.09 19.75 12.26
C ARG C 136 34.14 18.83 13.47
N PRO C 137 35.30 18.50 14.04
CA PRO C 137 35.33 17.65 15.22
C PRO C 137 35.17 18.43 16.51
N GLY C 138 34.67 17.74 17.52
CA GLY C 138 34.48 18.32 18.84
C GLY C 138 33.18 17.85 19.48
N PHE C 139 33.16 17.91 20.81
CA PHE C 139 31.98 17.57 21.59
C PHE C 139 31.65 18.73 22.52
N TYR C 140 30.43 19.22 22.44
CA TYR C 140 29.98 20.34 23.28
C TYR C 140 29.20 19.80 24.45
N PHE C 141 29.54 20.27 25.65
CA PHE C 141 28.90 19.80 26.87
C PHE C 141 28.65 20.93 27.87
N GLY C 142 28.95 22.17 27.53
CA GLY C 142 28.82 23.28 28.46
C GLY C 142 30.11 23.74 29.11
N GLU C 143 31.23 23.06 28.81
CA GLU C 143 32.56 23.52 29.21
C GLU C 143 32.85 23.30 30.69
N LEU C 144 31.85 22.90 31.48
CA LEU C 144 32.07 22.77 32.91
C LEU C 144 32.07 21.31 33.32
N PRO C 145 32.84 20.93 34.35
CA PRO C 145 32.85 19.52 34.78
C PRO C 145 31.48 19.01 35.20
N LEU C 146 30.66 19.85 35.83
CA LEU C 146 29.30 19.42 36.17
C LEU C 146 28.48 19.17 34.92
N SER C 147 28.55 20.09 33.95
CA SER C 147 27.85 19.88 32.68
C SER C 147 28.42 18.67 31.94
N LEU C 148 29.73 18.45 32.02
CA LEU C 148 30.33 17.29 31.37
C LEU C 148 29.79 15.99 31.98
N ALA C 149 29.70 15.94 33.31
CA ALA C 149 29.15 14.75 33.95
C ALA C 149 27.67 14.58 33.64
N ALA C 150 26.93 15.69 33.54
CA ALA C 150 25.51 15.61 33.23
C ALA C 150 25.27 15.10 31.81
N CYS C 151 26.01 15.65 30.84
CA CYS C 151 25.81 15.33 29.44
C CYS C 151 26.46 14.02 29.02
N THR C 152 27.16 13.35 29.92
CA THR C 152 27.69 12.03 29.67
C THR C 152 26.97 10.95 30.46
N ASN C 153 25.86 11.29 31.11
CA ASN C 153 25.03 10.33 31.83
C ASN C 153 25.81 9.71 33.00
N GLN C 154 26.29 10.59 33.89
CA GLN C 154 27.03 10.18 35.08
C GLN C 154 26.36 10.84 36.29
N LEU C 155 25.36 10.15 36.85
CA LEU C 155 24.59 10.72 37.95
C LEU C 155 25.41 10.79 39.24
N ALA C 156 26.20 9.74 39.52
CA ALA C 156 26.96 9.71 40.77
C ALA C 156 27.98 10.84 40.81
N ILE C 157 28.67 11.09 39.69
CA ILE C 157 29.64 12.18 39.66
C ILE C 157 28.95 13.52 39.81
N VAL C 158 27.77 13.68 39.20
CA VAL C 158 27.03 14.94 39.34
C VAL C 158 26.68 15.17 40.80
N LYS C 159 26.14 14.14 41.46
CA LYS C 159 25.77 14.27 42.86
C LYS C 159 26.98 14.61 43.72
N PHE C 160 28.09 13.90 43.50
CA PHE C 160 29.29 14.18 44.27
C PHE C 160 29.76 15.62 44.08
N LEU C 161 29.80 16.08 42.83
CA LEU C 161 30.27 17.43 42.56
C LEU C 161 29.34 18.48 43.14
N LEU C 162 28.04 18.19 43.22
CA LEU C 162 27.11 19.16 43.78
C LEU C 162 27.17 19.20 45.30
N GLN C 163 27.38 18.05 45.94
CA GLN C 163 27.26 17.93 47.39
C GLN C 163 28.53 17.33 47.99
N ASN C 164 29.68 17.91 47.62
CA ASN C 164 30.99 17.47 48.16
C ASN C 164 31.36 18.41 49.29
N SER C 165 32.09 17.92 50.28
CA SER C 165 32.45 18.68 51.46
C SER C 165 33.67 19.57 51.25
N TRP C 166 34.30 19.52 50.08
CA TRP C 166 35.49 20.32 49.80
C TRP C 166 35.16 21.58 49.00
N GLN C 167 34.62 21.42 47.79
CA GLN C 167 34.25 22.57 46.92
C GLN C 167 32.96 22.30 46.13
N PRO C 168 31.74 22.43 46.70
CA PRO C 168 30.52 22.15 45.92
C PRO C 168 30.44 22.90 44.59
N ALA C 169 29.87 22.22 43.60
CA ALA C 169 29.69 22.80 42.27
C ALA C 169 28.52 23.77 42.26
N ASP C 170 28.68 24.86 41.52
CA ASP C 170 27.63 25.87 41.39
C ASP C 170 26.64 25.43 40.31
N ILE C 171 25.46 24.97 40.74
CA ILE C 171 24.47 24.46 39.82
C ILE C 171 23.94 25.54 38.88
N SER C 172 24.04 26.80 39.26
CA SER C 172 23.54 27.91 38.45
C SER C 172 24.60 28.50 37.54
N ALA C 173 25.79 27.92 37.49
CA ALA C 173 26.88 28.48 36.69
C ALA C 173 26.52 28.46 35.20
N ARG C 174 26.95 29.49 34.50
CA ARG C 174 26.73 29.64 33.06
C ARG C 174 28.05 29.58 32.32
N ASP C 175 28.06 28.86 31.21
CA ASP C 175 29.27 28.68 30.42
C ASP C 175 29.53 29.92 29.58
N SER C 176 30.45 29.81 28.62
CA SER C 176 30.84 30.97 27.82
C SER C 176 29.65 31.56 27.06
N VAL C 177 28.77 30.71 26.53
CA VAL C 177 27.65 31.18 25.73
C VAL C 177 26.42 31.37 26.61
N GLY C 178 26.62 31.40 27.93
CA GLY C 178 25.53 31.60 28.86
C GLY C 178 24.72 30.37 29.19
N ASN C 179 25.07 29.22 28.64
CA ASN C 179 24.30 28.00 28.87
C ASN C 179 24.63 27.44 30.26
N THR C 180 23.58 27.08 31.00
CA THR C 180 23.73 26.37 32.25
C THR C 180 23.73 24.86 31.97
N VAL C 181 23.66 24.05 33.03
CA VAL C 181 23.65 22.60 32.83
C VAL C 181 22.37 22.15 32.14
N LEU C 182 21.24 22.79 32.45
CA LEU C 182 20.00 22.48 31.75
C LEU C 182 20.08 22.86 30.28
N HIS C 183 20.65 24.04 30.00
CA HIS C 183 20.84 24.45 28.61
C HIS C 183 21.71 23.46 27.85
N ALA C 184 22.81 23.03 28.47
CA ALA C 184 23.69 22.07 27.81
C ALA C 184 22.98 20.73 27.60
N LEU C 185 22.18 20.31 28.56
CA LEU C 185 21.41 19.08 28.39
C LEU C 185 20.46 19.19 27.21
N VAL C 186 19.81 20.34 27.06
CA VAL C 186 18.96 20.55 25.89
C VAL C 186 19.79 20.55 24.62
N GLU C 187 21.00 21.10 24.67
CA GLU C 187 21.84 21.20 23.48
C GLU C 187 22.36 19.84 23.03
N VAL C 188 22.62 18.91 23.96
CA VAL C 188 23.11 17.60 23.55
C VAL C 188 21.99 16.65 23.19
N ALA C 189 20.74 17.02 23.41
CA ALA C 189 19.63 16.19 22.97
C ALA C 189 19.57 16.13 21.45
N ASP C 190 19.22 14.96 20.92
CA ASP C 190 19.19 14.78 19.47
C ASP C 190 17.95 14.02 19.00
N ASN C 191 16.91 13.93 19.83
CA ASN C 191 15.62 13.35 19.43
C ASN C 191 15.77 11.87 19.05
N THR C 192 16.49 11.12 19.89
CA THR C 192 16.60 9.68 19.75
C THR C 192 16.23 9.04 21.07
N VAL C 193 15.74 7.79 21.01
CA VAL C 193 15.04 7.20 22.14
C VAL C 193 15.96 7.12 23.36
N ASP C 194 17.15 6.53 23.20
CA ASP C 194 18.06 6.40 24.33
C ASP C 194 18.59 7.77 24.76
N ASN C 195 18.92 8.62 23.81
CA ASN C 195 19.35 9.97 24.13
C ASN C 195 18.26 10.72 24.90
N THR C 196 17.01 10.60 24.43
CA THR C 196 15.92 11.29 25.10
C THR C 196 15.74 10.78 26.52
N LYS C 197 15.75 9.45 26.69
CA LYS C 197 15.61 8.89 28.02
C LYS C 197 16.68 9.43 28.95
N PHE C 198 17.95 9.35 28.55
CA PHE C 198 19.02 9.78 29.43
C PHE C 198 18.93 11.28 29.70
N VAL C 199 18.66 12.07 28.67
CA VAL C 199 18.65 13.53 28.84
C VAL C 199 17.53 13.95 29.78
N THR C 200 16.33 13.39 29.61
CA THR C 200 15.22 13.80 30.45
C THR C 200 15.40 13.29 31.89
N SER C 201 15.92 12.08 32.06
CA SER C 201 16.18 11.59 33.41
C SER C 201 17.19 12.48 34.12
N MET C 202 18.28 12.84 33.43
CA MET C 202 19.28 13.70 34.04
C MET C 202 18.72 15.08 34.33
N TYR C 203 17.88 15.60 33.43
CA TYR C 203 17.23 16.88 33.66
C TYR C 203 16.39 16.85 34.92
N ASN C 204 15.59 15.80 35.09
CA ASN C 204 14.75 15.68 36.26
C ASN C 204 15.60 15.58 37.53
N GLU C 205 16.65 14.75 37.50
CA GLU C 205 17.50 14.61 38.67
C GLU C 205 18.17 15.93 39.05
N ILE C 206 18.67 16.66 38.05
CA ILE C 206 19.32 17.94 38.33
C ILE C 206 18.32 18.92 38.92
N LEU C 207 17.11 18.95 38.36
CA LEU C 207 16.09 19.85 38.90
C LEU C 207 15.79 19.54 40.35
N ILE C 208 15.62 18.26 40.68
CA ILE C 208 15.31 17.87 42.05
C ILE C 208 16.44 18.25 42.99
N LEU C 209 17.69 17.95 42.58
CA LEU C 209 18.83 18.27 43.43
C LEU C 209 18.97 19.78 43.63
N GLY C 210 18.73 20.55 42.58
CA GLY C 210 18.79 21.99 42.71
C GLY C 210 17.73 22.53 43.64
N ALA C 211 16.52 21.97 43.57
CA ALA C 211 15.48 22.39 44.50
C ALA C 211 15.86 22.06 45.93
N LYS C 212 16.42 20.88 46.17
CA LYS C 212 16.82 20.51 47.51
C LYS C 212 17.93 21.43 48.04
N LEU C 213 18.94 21.70 47.20
CA LEU C 213 20.07 22.50 47.66
C LEU C 213 19.71 23.97 47.77
N HIS C 214 18.96 24.49 46.80
CA HIS C 214 18.58 25.91 46.75
C HIS C 214 17.08 26.00 46.53
N PRO C 215 16.28 25.88 47.59
CA PRO C 215 14.82 25.87 47.40
C PRO C 215 14.27 27.11 46.74
N THR C 216 14.97 28.25 46.84
CA THR C 216 14.48 29.49 46.26
C THR C 216 15.00 29.74 44.85
N LEU C 217 16.10 29.12 44.47
CA LEU C 217 16.67 29.36 43.14
C LEU C 217 15.68 28.96 42.06
N LYS C 218 15.63 29.76 40.99
CA LYS C 218 14.73 29.56 39.87
C LYS C 218 15.56 29.11 38.68
N LEU C 219 15.79 27.79 38.57
CA LEU C 219 16.76 27.27 37.62
C LEU C 219 16.29 27.44 36.18
N GLU C 220 15.04 27.08 35.87
CA GLU C 220 14.56 27.02 34.46
C GLU C 220 14.21 28.38 33.86
N GLU C 221 14.33 29.49 34.58
CA GLU C 221 14.15 30.80 33.98
C GLU C 221 15.46 31.56 33.84
N ILE C 222 16.60 30.91 34.07
CA ILE C 222 17.89 31.50 33.75
C ILE C 222 18.10 31.42 32.25
N THR C 223 18.40 32.55 31.64
CA THR C 223 18.61 32.62 30.19
C THR C 223 20.09 32.62 29.86
N ASN C 224 20.39 32.24 28.62
CA ASN C 224 21.75 32.28 28.11
C ASN C 224 21.99 33.66 27.48
N ARG C 225 23.12 33.81 26.78
CA ARG C 225 23.42 35.09 26.15
C ARG C 225 22.39 35.46 25.10
N LYS C 226 21.74 34.48 24.49
CA LYS C 226 20.74 34.71 23.47
C LYS C 226 19.37 35.03 24.04
N GLY C 227 19.22 35.04 25.36
CA GLY C 227 17.92 35.32 25.96
C GLY C 227 16.94 34.18 25.85
N LEU C 228 17.42 32.94 25.89
CA LEU C 228 16.58 31.75 25.80
C LEU C 228 16.68 30.96 27.10
N THR C 229 15.53 30.56 27.62
CA THR C 229 15.47 29.60 28.71
C THR C 229 15.67 28.20 28.14
N PRO C 230 15.94 27.21 28.99
CA PRO C 230 16.05 25.84 28.48
C PRO C 230 14.80 25.40 27.72
N LEU C 231 13.62 25.82 28.17
CA LEU C 231 12.38 25.50 27.47
C LEU C 231 12.32 26.21 26.13
N ALA C 232 12.60 27.53 26.13
CA ALA C 232 12.62 28.28 24.88
C ALA C 232 13.70 27.76 23.95
N LEU C 233 14.87 27.42 24.48
CA LEU C 233 15.92 26.85 23.66
C LEU C 233 15.48 25.52 23.04
N ALA C 234 14.81 24.68 23.83
CA ALA C 234 14.34 23.41 23.29
C ALA C 234 13.32 23.63 22.17
N ALA C 235 12.38 24.54 22.40
CA ALA C 235 11.34 24.78 21.39
C ALA C 235 11.93 25.37 20.11
N SER C 236 12.88 26.31 20.24
CA SER C 236 13.47 26.95 19.07
C SER C 236 14.45 26.06 18.32
N SER C 237 14.83 24.92 18.88
CA SER C 237 15.82 24.04 18.27
C SER C 237 15.23 22.71 17.80
N GLY C 238 13.95 22.46 18.06
CA GLY C 238 13.34 21.22 17.61
C GLY C 238 13.59 20.02 18.48
N LYS C 239 14.07 20.21 19.72
CA LYS C 239 14.30 19.10 20.63
C LYS C 239 12.95 18.66 21.19
N ILE C 240 12.22 17.91 20.38
CA ILE C 240 10.82 17.63 20.65
C ILE C 240 10.66 16.74 21.88
N GLY C 241 11.57 15.78 22.07
CA GLY C 241 11.49 14.92 23.25
C GLY C 241 11.64 15.70 24.54
N VAL C 242 12.62 16.60 24.59
CA VAL C 242 12.81 17.44 25.77
C VAL C 242 11.60 18.33 25.98
N LEU C 243 11.05 18.89 24.90
CA LEU C 243 9.88 19.75 25.03
C LEU C 243 8.69 19.00 25.60
N ALA C 244 8.44 17.79 25.08
CA ALA C 244 7.35 16.98 25.59
C ALA C 244 7.56 16.64 27.06
N TYR C 245 8.79 16.28 27.44
CA TYR C 245 9.06 15.99 28.84
C TYR C 245 8.79 17.21 29.71
N ILE C 246 9.24 18.39 29.27
CA ILE C 246 9.12 19.58 30.10
C ILE C 246 7.65 19.97 30.27
N LEU C 247 6.88 19.95 29.19
CA LEU C 247 5.52 20.47 29.25
C LEU C 247 4.59 19.60 30.09
N GLN C 248 4.91 18.32 30.25
CA GLN C 248 4.08 17.40 31.00
C GLN C 248 4.74 16.96 32.31
N ARG C 249 5.67 17.74 32.83
CA ARG C 249 6.49 17.31 33.96
C ARG C 249 5.63 17.14 35.21
N GLU C 250 5.64 15.94 35.77
CA GLU C 250 4.91 15.60 36.99
C GLU C 250 5.89 15.03 38.01
N ILE C 251 6.22 15.82 39.03
CA ILE C 251 7.12 15.41 40.09
C ILE C 251 6.27 15.07 41.30
N HIS C 252 6.25 13.79 41.67
CA HIS C 252 5.29 13.26 42.65
C HIS C 252 5.91 13.13 44.04
N GLU C 253 6.77 14.05 44.45
CA GLU C 253 7.38 13.97 45.76
C GLU C 253 7.11 15.24 46.56
N PRO C 254 6.96 15.13 47.89
CA PRO C 254 6.73 16.34 48.68
C PRO C 254 7.96 17.23 48.72
N GLU C 255 7.72 18.52 48.91
CA GLU C 255 8.73 19.58 49.02
C GLU C 255 9.35 19.92 47.67
N CYS C 256 9.02 19.19 46.61
CA CYS C 256 9.51 19.53 45.27
C CYS C 256 8.40 19.46 44.22
N ARG C 257 7.14 19.26 44.63
CA ARG C 257 6.05 19.19 43.67
C ARG C 257 5.83 20.51 42.95
N HIS C 258 6.37 21.61 43.48
CA HIS C 258 6.23 22.90 42.81
C HIS C 258 7.01 22.97 41.50
N LEU C 259 7.99 22.07 41.31
CA LEU C 259 8.73 22.03 40.05
C LEU C 259 7.89 21.47 38.92
N SER C 260 6.84 20.72 39.22
CA SER C 260 6.05 20.09 38.19
C SER C 260 5.27 21.15 37.39
N ARG C 261 4.92 20.78 36.16
CA ARG C 261 4.12 21.62 35.29
C ARG C 261 2.73 21.05 35.02
N LYS C 262 2.53 19.76 35.27
CA LYS C 262 1.23 19.11 35.13
C LYS C 262 0.73 18.72 36.50
N PHE C 263 -0.52 19.06 36.79
CA PHE C 263 -1.13 18.78 38.09
C PHE C 263 -2.47 18.08 37.90
N THR C 264 -2.94 17.47 38.97
CA THR C 264 -4.26 16.85 39.01
C THR C 264 -5.14 17.67 39.94
N GLU C 265 -6.19 18.29 39.39
CA GLU C 265 -7.08 19.10 40.21
C GLU C 265 -8.04 18.24 41.03
N TRP C 266 -8.48 17.11 40.48
CA TRP C 266 -9.36 16.21 41.19
C TRP C 266 -9.51 14.92 40.39
N ALA C 267 -9.86 13.85 41.10
CA ALA C 267 -10.07 12.55 40.49
C ALA C 267 -11.27 11.89 41.14
N TYR C 268 -12.23 11.44 40.32
CA TYR C 268 -13.42 10.77 40.80
C TYR C 268 -13.66 9.54 39.92
N GLY C 269 -13.61 8.36 40.52
CA GLY C 269 -13.77 7.14 39.78
C GLY C 269 -12.70 6.99 38.71
N PRO C 270 -13.10 6.85 37.45
CA PRO C 270 -12.11 6.70 36.37
C PRO C 270 -11.71 8.00 35.70
N VAL C 271 -12.33 9.12 36.04
CA VAL C 271 -12.10 10.40 35.36
C VAL C 271 -11.34 11.32 36.30
N HIS C 272 -10.27 11.93 35.80
CA HIS C 272 -9.47 12.87 36.55
C HIS C 272 -9.16 14.08 35.69
N SER C 273 -9.24 15.27 36.29
CA SER C 273 -9.00 16.52 35.60
C SER C 273 -7.55 16.94 35.82
N SER C 274 -6.85 17.23 34.73
CA SER C 274 -5.45 17.64 34.77
C SER C 274 -5.33 19.14 34.54
N LEU C 275 -4.35 19.74 35.19
CA LEU C 275 -4.03 21.15 35.02
C LEU C 275 -2.64 21.28 34.40
N TYR C 276 -2.56 22.02 33.30
CA TYR C 276 -1.30 22.21 32.57
C TYR C 276 -0.83 23.64 32.79
N ASP C 277 0.38 23.78 33.34
CA ASP C 277 0.99 25.09 33.50
C ASP C 277 1.17 25.74 32.14
N LEU C 278 0.74 26.99 32.02
CA LEU C 278 0.81 27.73 30.77
C LEU C 278 1.83 28.86 30.80
N SER C 279 2.54 29.06 31.91
CA SER C 279 3.56 30.10 31.95
C SER C 279 4.61 29.85 30.88
N CYS C 280 4.91 30.91 30.12
CA CYS C 280 5.89 30.88 29.02
C CYS C 280 5.42 30.04 27.83
N ILE C 281 4.12 29.80 27.69
CA ILE C 281 3.61 28.98 26.60
C ILE C 281 2.98 29.87 25.54
N ASP C 282 1.98 30.66 25.93
CA ASP C 282 1.27 31.52 24.99
C ASP C 282 1.44 33.00 25.30
N THR C 283 2.18 33.37 26.33
CA THR C 283 2.52 34.77 26.58
C THR C 283 3.72 34.80 27.50
N CYS C 284 4.83 35.38 27.01
CA CYS C 284 6.06 35.46 27.78
C CYS C 284 6.73 36.83 27.74
N GLU C 285 6.43 37.67 26.74
CA GLU C 285 7.00 39.00 26.59
C GLU C 285 8.46 38.93 26.14
N LYS C 286 9.05 37.74 26.13
CA LYS C 286 10.36 37.53 25.50
C LYS C 286 10.27 36.57 24.33
N ASN C 287 9.85 35.33 24.56
CA ASN C 287 9.53 34.41 23.47
C ASN C 287 8.71 33.26 24.05
N SER C 288 7.43 33.21 23.73
CA SER C 288 6.60 32.11 24.17
C SER C 288 6.88 30.88 23.30
N VAL C 289 6.55 29.70 23.84
CA VAL C 289 6.78 28.47 23.11
C VAL C 289 6.00 28.48 21.80
N LEU C 290 4.75 28.96 21.83
CA LEU C 290 3.93 28.99 20.62
C LEU C 290 4.53 29.93 19.58
N GLU C 291 4.93 31.13 20.00
CA GLU C 291 5.55 32.06 19.06
C GLU C 291 6.85 31.49 18.50
N VAL C 292 7.65 30.86 19.36
CA VAL C 292 8.92 30.31 18.92
C VAL C 292 8.71 29.21 17.89
N ILE C 293 7.73 28.33 18.13
CA ILE C 293 7.51 27.22 17.20
C ILE C 293 6.89 27.72 15.90
N ALA C 294 5.88 28.59 16.01
CA ALA C 294 5.14 29.01 14.82
C ALA C 294 6.02 29.79 13.86
N TYR C 295 6.90 30.65 14.38
CA TYR C 295 7.74 31.51 13.55
C TYR C 295 9.15 30.97 13.40
N SER C 296 9.38 29.69 13.69
CA SER C 296 10.69 29.12 13.49
C SER C 296 11.02 29.03 12.00
N SER C 297 12.31 28.97 11.70
CA SER C 297 12.73 28.84 10.32
C SER C 297 12.41 27.44 9.79
N SER C 298 12.42 27.33 8.46
CA SER C 298 12.11 26.05 7.81
C SER C 298 13.15 24.99 8.13
N GLU C 299 14.37 25.38 8.50
CA GLU C 299 15.41 24.40 8.82
C GLU C 299 15.21 23.73 10.17
N THR C 300 14.33 24.24 11.03
CA THR C 300 14.16 23.67 12.35
C THR C 300 13.72 22.22 12.23
N PRO C 301 14.42 21.27 12.85
CA PRO C 301 14.21 19.85 12.52
C PRO C 301 12.77 19.36 12.66
N ASN C 302 12.06 19.76 13.72
CA ASN C 302 10.76 19.16 14.05
C ASN C 302 9.66 20.21 14.09
N ARG C 303 9.75 21.25 13.25
CA ARG C 303 8.87 22.40 13.41
C ARG C 303 7.41 22.02 13.20
N HIS C 304 7.13 21.10 12.27
CA HIS C 304 5.75 20.72 12.00
C HIS C 304 5.22 19.69 13.00
N ASP C 305 6.10 19.05 13.77
CA ASP C 305 5.69 18.03 14.73
C ASP C 305 5.56 18.53 16.15
N MET C 306 6.09 19.71 16.47
CA MET C 306 6.14 20.15 17.86
C MET C 306 4.78 20.60 18.37
N LEU C 307 3.90 21.07 17.48
CA LEU C 307 2.56 21.45 17.91
C LEU C 307 1.71 20.27 18.33
N LEU C 308 2.15 19.04 18.04
CA LEU C 308 1.43 17.86 18.48
C LEU C 308 1.69 17.51 19.94
N VAL C 309 2.67 18.14 20.58
CA VAL C 309 2.94 17.86 21.99
C VAL C 309 1.72 18.27 22.81
N GLU C 310 1.39 17.45 23.79
CA GLU C 310 0.03 17.31 24.34
C GLU C 310 -0.69 18.63 24.55
N PRO C 311 -0.23 19.51 25.45
CA PRO C 311 -1.04 20.70 25.76
C PRO C 311 -1.22 21.67 24.60
N LEU C 312 -0.23 21.77 23.71
CA LEU C 312 -0.22 22.85 22.72
C LEU C 312 -1.36 22.71 21.72
N ASN C 313 -1.66 21.49 21.28
CA ASN C 313 -2.72 21.29 20.30
C ASN C 313 -4.08 21.70 20.88
N ARG C 314 -4.37 21.25 22.10
CA ARG C 314 -5.63 21.61 22.74
C ARG C 314 -5.69 23.12 22.99
N LEU C 315 -4.58 23.72 23.38
CA LEU C 315 -4.57 25.17 23.61
C LEU C 315 -4.88 25.92 22.32
N LEU C 316 -4.28 25.51 21.20
CA LEU C 316 -4.55 26.17 19.93
C LEU C 316 -6.00 25.97 19.51
N GLN C 317 -6.54 24.77 19.67
CA GLN C 317 -7.93 24.52 19.33
C GLN C 317 -8.86 25.34 20.21
N ASP C 318 -8.51 25.51 21.48
CA ASP C 318 -9.30 26.33 22.38
C ASP C 318 -9.30 27.79 21.93
N LYS C 319 -8.13 28.33 21.56
CA LYS C 319 -8.09 29.69 21.05
C LYS C 319 -8.94 29.82 19.80
N TRP C 320 -8.79 28.88 18.86
CA TRP C 320 -9.59 28.88 17.64
C TRP C 320 -11.07 28.98 17.98
N ASP C 321 -11.59 27.97 18.67
CA ASP C 321 -13.02 27.88 18.94
C ASP C 321 -13.52 29.04 19.78
N ARG C 322 -12.67 29.61 20.64
CA ARG C 322 -13.17 30.64 21.54
C ARG C 322 -13.30 31.97 20.82
N PHE C 323 -12.26 32.41 20.10
CA PHE C 323 -12.37 33.71 19.45
C PHE C 323 -11.79 33.83 18.05
N VAL C 324 -10.98 32.90 17.56
CA VAL C 324 -10.25 33.18 16.33
C VAL C 324 -11.05 32.75 15.09
N LYS C 325 -11.88 31.72 15.22
CA LYS C 325 -12.64 31.23 14.07
C LYS C 325 -13.58 32.30 13.53
N ARG C 326 -14.25 33.03 14.42
CA ARG C 326 -15.18 34.07 13.97
C ARG C 326 -14.45 35.20 13.25
N ILE C 327 -13.31 35.63 13.79
CA ILE C 327 -12.54 36.69 13.14
C ILE C 327 -12.02 36.21 11.79
N PHE C 328 -11.59 34.96 11.70
CA PHE C 328 -11.13 34.40 10.43
C PHE C 328 -12.26 34.36 9.41
N TYR C 329 -13.45 33.96 9.83
CA TYR C 329 -14.60 33.94 8.93
C TYR C 329 -14.93 35.36 8.44
N PHE C 330 -14.87 36.35 9.34
CA PHE C 330 -15.12 37.71 8.93
C PHE C 330 -14.09 38.19 7.91
N ASN C 331 -12.82 37.85 8.14
CA ASN C 331 -11.77 38.21 7.18
C ASN C 331 -12.03 37.56 5.82
N PHE C 332 -12.42 36.30 5.82
CA PHE C 332 -12.72 35.60 4.57
C PHE C 332 -13.88 36.27 3.85
N PHE C 333 -14.92 36.63 4.58
CA PHE C 333 -16.07 37.30 3.97
C PHE C 333 -15.67 38.64 3.37
N VAL C 334 -14.82 39.40 4.08
CA VAL C 334 -14.39 40.69 3.56
C VAL C 334 -13.56 40.51 2.30
N TYR C 335 -12.70 39.49 2.27
CA TYR C 335 -11.91 39.24 1.07
C TYR C 335 -12.80 38.83 -0.10
N CYS C 336 -13.84 38.03 0.16
CA CYS C 336 -14.77 37.66 -0.90
C CYS C 336 -15.48 38.88 -1.45
N LEU C 337 -15.93 39.78 -0.57
CA LEU C 337 -16.55 41.01 -1.03
C LEU C 337 -15.58 41.83 -1.87
N TYR C 338 -14.33 41.94 -1.42
CA TYR C 338 -13.34 42.70 -2.16
C TYR C 338 -13.13 42.12 -3.56
N MET C 339 -13.03 40.79 -3.66
CA MET C 339 -12.81 40.17 -4.95
C MET C 339 -14.02 40.33 -5.87
N ILE C 340 -15.23 40.24 -5.32
CA ILE C 340 -16.43 40.43 -6.13
C ILE C 340 -16.47 41.85 -6.67
N ILE C 341 -16.17 42.84 -5.82
CA ILE C 341 -16.20 44.23 -6.26
C ILE C 341 -15.12 44.49 -7.32
N PHE C 342 -13.92 43.93 -7.10
CA PHE C 342 -12.84 44.07 -8.07
C PHE C 342 -13.23 43.45 -9.42
N THR C 343 -13.82 42.26 -9.38
CA THR C 343 -14.24 41.60 -10.61
C THR C 343 -15.29 42.41 -11.35
N ALA C 344 -16.28 42.93 -10.62
CA ALA C 344 -17.32 43.73 -11.27
C ALA C 344 -16.72 44.99 -11.88
N ALA C 345 -15.83 45.67 -11.15
CA ALA C 345 -15.24 46.90 -11.68
C ALA C 345 -14.41 46.61 -12.93
N ALA C 346 -13.63 45.55 -12.92
CA ALA C 346 -12.81 45.19 -14.08
C ALA C 346 -13.68 44.77 -15.26
N TYR C 347 -14.78 44.07 -14.99
CA TYR C 347 -15.65 43.58 -16.05
C TYR C 347 -16.27 44.73 -16.86
N TYR C 348 -16.54 45.85 -16.21
CA TYR C 348 -17.19 46.98 -16.85
C TYR C 348 -16.21 48.10 -17.19
N ARG C 349 -14.94 47.77 -17.37
CA ARG C 349 -13.96 48.78 -17.73
C ARG C 349 -14.35 49.42 -19.07
N PRO C 350 -14.22 50.74 -19.21
CA PRO C 350 -14.47 51.36 -20.51
C PRO C 350 -13.47 50.91 -21.56
N VAL C 351 -13.94 50.82 -22.79
CA VAL C 351 -13.13 50.36 -23.92
C VAL C 351 -13.08 51.45 -24.99
N GLU C 352 -13.11 52.71 -24.57
CA GLU C 352 -13.28 53.83 -25.49
C GLU C 352 -11.95 54.27 -26.09
N GLY C 353 -11.02 54.73 -25.25
CA GLY C 353 -9.76 55.25 -25.72
C GLY C 353 -8.59 54.89 -24.82
N LEU C 354 -7.83 55.88 -24.45
CA LEU C 354 -6.76 55.70 -23.48
C LEU C 354 -7.21 56.15 -22.09
N PRO C 355 -6.65 55.58 -21.04
CA PRO C 355 -6.94 56.09 -19.70
C PRO C 355 -6.19 57.40 -19.45
N PRO C 356 -6.60 58.18 -18.44
CA PRO C 356 -7.77 57.94 -17.59
C PRO C 356 -9.06 58.20 -18.37
N TYR C 357 -10.16 57.59 -17.92
CA TYR C 357 -11.43 57.65 -18.63
C TYR C 357 -12.36 58.62 -17.93
N LYS C 358 -12.95 59.52 -18.70
CA LYS C 358 -13.81 60.55 -18.13
C LYS C 358 -15.02 59.92 -17.46
N LEU C 359 -15.47 60.54 -16.37
CA LEU C 359 -16.57 60.01 -15.57
C LEU C 359 -17.88 60.48 -16.15
N LYS C 360 -18.67 59.56 -16.69
CA LYS C 360 -20.00 59.88 -17.18
C LYS C 360 -20.95 60.11 -16.00
N ASN C 361 -22.03 60.86 -16.27
CA ASN C 361 -23.01 61.18 -15.25
C ASN C 361 -24.12 60.13 -15.29
N THR C 362 -23.81 58.96 -14.74
CA THR C 362 -24.76 57.85 -14.71
C THR C 362 -24.55 57.08 -13.41
N VAL C 363 -25.60 56.36 -12.99
CA VAL C 363 -25.49 55.56 -11.77
C VAL C 363 -24.44 54.47 -11.96
N GLY C 364 -24.46 53.80 -13.11
CA GLY C 364 -23.50 52.75 -13.36
C GLY C 364 -22.07 53.26 -13.35
N ASP C 365 -21.85 54.45 -13.93
CA ASP C 365 -20.51 55.02 -13.94
C ASP C 365 -20.01 55.31 -12.52
N TYR C 366 -20.88 55.87 -11.68
CA TYR C 366 -20.49 56.16 -10.30
C TYR C 366 -20.20 54.88 -9.54
N PHE C 367 -21.03 53.85 -9.73
CA PHE C 367 -20.76 52.57 -9.07
C PHE C 367 -19.44 51.98 -9.54
N ARG C 368 -19.15 52.09 -10.84
CA ARG C 368 -17.89 51.56 -11.36
C ARG C 368 -16.70 52.28 -10.74
N VAL C 369 -16.76 53.62 -10.67
CA VAL C 369 -15.65 54.37 -10.09
C VAL C 369 -15.49 54.03 -8.62
N THR C 370 -16.61 53.84 -7.91
CA THR C 370 -16.54 53.39 -6.52
C THR C 370 -15.83 52.04 -6.42
N GLY C 371 -16.19 51.10 -7.29
CA GLY C 371 -15.54 49.80 -7.29
C GLY C 371 -14.05 49.89 -7.54
N GLU C 372 -13.67 50.77 -8.42
CA GLU C 372 -12.25 50.93 -8.78
C GLU C 372 -11.51 51.52 -7.58
N ILE C 373 -12.11 52.49 -6.87
CA ILE C 373 -11.49 53.06 -5.69
C ILE C 373 -11.32 51.99 -4.61
N LEU C 374 -12.35 51.17 -4.40
CA LEU C 374 -12.25 50.10 -3.41
C LEU C 374 -11.17 49.07 -3.79
N SER C 375 -11.07 48.75 -5.08
CA SER C 375 -10.04 47.80 -5.52
C SER C 375 -8.64 48.34 -5.26
N VAL C 376 -8.42 49.61 -5.58
CA VAL C 376 -7.12 50.21 -5.33
C VAL C 376 -6.84 50.27 -3.83
N SER C 377 -7.87 50.54 -3.04
CA SER C 377 -7.70 50.57 -1.58
C SER C 377 -7.25 49.21 -1.07
N GLY C 378 -7.88 48.14 -1.54
CA GLY C 378 -7.46 46.81 -1.13
C GLY C 378 -6.05 46.50 -1.57
N GLY C 379 -5.67 46.94 -2.77
CA GLY C 379 -4.29 46.75 -3.21
C GLY C 379 -3.30 47.45 -2.31
N VAL C 380 -3.60 48.70 -1.93
CA VAL C 380 -2.73 49.45 -1.03
C VAL C 380 -2.64 48.74 0.32
N TYR C 381 -3.78 48.28 0.82
CA TYR C 381 -3.80 47.58 2.10
C TYR C 381 -2.92 46.35 2.07
N PHE C 382 -3.00 45.55 1.01
CA PHE C 382 -2.19 44.33 0.95
C PHE C 382 -0.72 44.64 0.71
N PHE C 383 -0.41 45.70 -0.05
CA PHE C 383 0.98 46.10 -0.21
C PHE C 383 1.59 46.47 1.13
N PHE C 384 0.86 47.25 1.94
CA PHE C 384 1.38 47.63 3.24
C PHE C 384 1.41 46.46 4.21
N ARG C 385 0.46 45.52 4.10
CA ARG C 385 0.53 44.32 4.93
C ARG C 385 1.76 43.50 4.59
N GLY C 386 2.11 43.40 3.31
CA GLY C 386 3.33 42.70 2.93
C GLY C 386 4.58 43.38 3.44
N ILE C 387 4.63 44.72 3.33
CA ILE C 387 5.78 45.45 3.89
C ILE C 387 5.87 45.21 5.40
N GLN C 388 4.74 45.27 6.09
CA GLN C 388 4.72 45.06 7.53
C GLN C 388 5.21 43.66 7.89
N TYR C 389 4.78 42.65 7.13
CA TYR C 389 5.25 41.29 7.38
C TYR C 389 6.75 41.19 7.17
N PHE C 390 7.26 41.78 6.09
CA PHE C 390 8.68 41.70 5.81
C PHE C 390 9.50 42.37 6.92
N LEU C 391 8.98 43.46 7.47
CA LEU C 391 9.71 44.16 8.52
C LEU C 391 9.61 43.43 9.87
N GLN C 392 8.43 42.90 10.20
CA GLN C 392 8.22 42.31 11.52
C GLN C 392 8.86 40.93 11.63
N ARG C 393 8.83 40.13 10.57
CA ARG C 393 9.37 38.78 10.62
C ARG C 393 10.78 38.68 10.06
N ARG C 394 11.18 39.68 9.27
CA ARG C 394 12.52 39.72 8.63
C ARG C 394 12.91 38.34 8.11
N PRO C 395 12.30 37.86 7.01
CA PRO C 395 12.69 36.58 6.41
C PRO C 395 14.17 36.58 6.01
N SER C 396 14.80 35.42 6.15
CA SER C 396 16.22 35.26 5.95
C SER C 396 16.62 35.06 4.48
N LEU C 397 15.74 35.39 3.54
CA LEU C 397 16.02 35.31 2.11
C LEU C 397 16.04 33.87 1.61
N LYS C 398 15.97 32.91 2.52
CA LYS C 398 15.77 31.51 2.18
C LYS C 398 14.39 31.02 2.59
N SER C 399 13.99 31.31 3.83
CA SER C 399 12.60 31.12 4.22
C SER C 399 11.68 32.07 3.47
N LEU C 400 12.24 33.08 2.80
CA LEU C 400 11.41 33.98 1.99
C LEU C 400 10.74 33.22 0.85
N PHE C 401 11.53 32.50 0.06
CA PHE C 401 11.02 31.76 -1.08
C PHE C 401 10.89 30.26 -0.83
N VAL C 402 11.07 29.82 0.41
CA VAL C 402 10.86 28.41 0.76
C VAL C 402 9.75 28.32 1.80
N ASP C 403 9.60 29.40 2.56
CA ASP C 403 8.45 29.61 3.43
C ASP C 403 7.71 30.85 2.95
N SER C 404 6.65 31.22 3.67
CA SER C 404 5.94 32.47 3.40
C SER C 404 5.45 32.55 1.96
N TYR C 405 4.89 31.45 1.44
CA TYR C 405 4.33 31.48 0.09
C TYR C 405 3.13 32.42 0.02
N SER C 406 2.21 32.32 0.99
CA SER C 406 0.98 33.11 0.92
C SER C 406 1.27 34.60 1.07
N GLU C 407 2.21 34.98 1.93
CA GLU C 407 2.57 36.39 2.06
C GLU C 407 3.11 36.92 0.74
N ILE C 408 3.97 36.16 0.07
CA ILE C 408 4.51 36.58 -1.22
C ILE C 408 3.41 36.69 -2.26
N LEU C 409 2.49 35.72 -2.29
CA LEU C 409 1.44 35.74 -3.32
C LEU C 409 0.53 36.95 -3.15
N PHE C 410 0.12 37.24 -1.92
CA PHE C 410 -0.72 38.42 -1.69
C PHE C 410 0.04 39.70 -2.02
N PHE C 411 1.32 39.77 -1.66
CA PHE C 411 2.12 40.95 -1.98
C PHE C 411 2.27 41.14 -3.48
N VAL C 412 2.46 40.05 -4.23
CA VAL C 412 2.62 40.16 -5.68
C VAL C 412 1.31 40.59 -6.34
N GLN C 413 0.18 40.09 -5.83
CA GLN C 413 -1.11 40.57 -6.33
C GLN C 413 -1.25 42.07 -6.10
N SER C 414 -0.88 42.54 -4.91
CA SER C 414 -0.95 43.98 -4.65
C SER C 414 -0.03 44.77 -5.56
N LEU C 415 1.16 44.22 -5.85
CA LEU C 415 2.09 44.90 -6.74
C LEU C 415 1.52 45.03 -8.14
N PHE C 416 0.86 43.98 -8.64
CA PHE C 416 0.21 44.07 -9.94
C PHE C 416 -0.87 45.15 -9.93
N MET C 417 -1.65 45.22 -8.85
CA MET C 417 -2.67 46.26 -8.75
C MET C 417 -2.06 47.67 -8.81
N LEU C 418 -0.96 47.88 -8.06
CA LEU C 418 -0.38 49.22 -8.02
C LEU C 418 0.29 49.58 -9.34
N VAL C 419 0.93 48.61 -9.99
CA VAL C 419 1.47 48.85 -11.32
C VAL C 419 0.35 49.21 -12.29
N SER C 420 -0.80 48.55 -12.15
CA SER C 420 -1.94 48.89 -12.99
C SER C 420 -2.36 50.33 -12.77
N VAL C 421 -2.39 50.78 -11.52
CA VAL C 421 -2.76 52.17 -11.24
C VAL C 421 -1.76 53.12 -11.90
N VAL C 422 -0.48 52.83 -11.76
CA VAL C 422 0.56 53.70 -12.32
C VAL C 422 0.42 53.77 -13.84
N LEU C 423 0.24 52.63 -14.49
CA LEU C 423 0.08 52.62 -15.94
C LEU C 423 -1.19 53.35 -16.36
N TYR C 424 -2.26 53.20 -15.59
CA TYR C 424 -3.53 53.83 -15.93
C TYR C 424 -3.41 55.35 -15.93
N PHE C 425 -2.72 55.91 -14.93
CA PHE C 425 -2.57 57.36 -14.94
C PHE C 425 -1.44 57.82 -15.85
N SER C 426 -0.64 56.91 -16.39
CA SER C 426 0.33 57.24 -17.42
C SER C 426 -0.25 57.07 -18.83
N GLN C 427 -1.56 56.89 -18.95
CA GLN C 427 -2.26 56.83 -20.24
C GLN C 427 -1.85 55.62 -21.06
N ARG C 428 -1.43 54.55 -20.41
CA ARG C 428 -1.04 53.32 -21.08
C ARG C 428 -2.14 52.27 -20.94
N LYS C 429 -2.43 51.57 -22.04
CA LYS C 429 -3.46 50.54 -22.02
C LYS C 429 -2.96 49.21 -21.47
N GLU C 430 -1.65 49.08 -21.21
CA GLU C 430 -1.11 47.89 -20.55
C GLU C 430 -1.57 47.77 -19.10
N TYR C 431 -2.17 48.82 -18.57
CA TYR C 431 -2.78 48.73 -17.24
C TYR C 431 -3.79 47.60 -17.20
N VAL C 432 -4.46 47.31 -18.32
CA VAL C 432 -5.41 46.21 -18.37
C VAL C 432 -4.69 44.88 -18.17
N ALA C 433 -3.52 44.69 -18.79
CA ALA C 433 -2.77 43.45 -18.60
C ALA C 433 -2.37 43.28 -17.14
N SER C 434 -1.84 44.35 -16.54
CA SER C 434 -1.45 44.27 -15.14
C SER C 434 -2.67 43.97 -14.26
N MET C 435 -3.80 44.60 -14.57
CA MET C 435 -5.01 44.42 -13.78
C MET C 435 -5.56 42.99 -13.89
N VAL C 436 -5.53 42.39 -15.08
CA VAL C 436 -6.05 41.03 -15.20
C VAL C 436 -5.13 40.05 -14.50
N PHE C 437 -3.81 40.28 -14.52
CA PHE C 437 -2.94 39.43 -13.72
C PHE C 437 -3.28 39.55 -12.23
N SER C 438 -3.51 40.78 -11.76
CA SER C 438 -3.92 40.97 -10.38
C SER C 438 -5.22 40.24 -10.07
N LEU C 439 -6.19 40.31 -10.99
CA LEU C 439 -7.49 39.67 -10.77
C LEU C 439 -7.36 38.15 -10.69
N ALA C 440 -6.59 37.55 -11.59
CA ALA C 440 -6.41 36.11 -11.57
C ALA C 440 -5.72 35.66 -10.28
N MET C 441 -4.68 36.39 -9.87
CA MET C 441 -4.02 36.04 -8.62
C MET C 441 -4.95 36.23 -7.43
N GLY C 442 -5.76 37.28 -7.45
CA GLY C 442 -6.70 37.50 -6.37
C GLY C 442 -7.68 36.37 -6.21
N TRP C 443 -8.16 35.82 -7.34
CA TRP C 443 -9.07 34.69 -7.23
C TRP C 443 -8.35 33.42 -6.78
N THR C 444 -7.16 33.15 -7.30
CA THR C 444 -6.46 31.93 -6.85
C THR C 444 -6.01 32.04 -5.40
N ASN C 445 -5.82 33.25 -4.88
CA ASN C 445 -5.44 33.44 -3.49
C ASN C 445 -6.56 33.13 -2.51
N MET C 446 -7.79 32.91 -3.01
CA MET C 446 -8.86 32.43 -2.15
C MET C 446 -8.50 31.11 -1.48
N LEU C 447 -7.62 30.32 -2.11
CA LEU C 447 -7.24 29.04 -1.54
C LEU C 447 -6.57 29.20 -0.17
N TYR C 448 -6.07 30.40 0.15
CA TYR C 448 -5.51 30.64 1.47
C TYR C 448 -6.52 30.39 2.57
N TYR C 449 -7.78 30.73 2.34
CA TYR C 449 -8.80 30.63 3.37
C TYR C 449 -9.33 29.21 3.56
N THR C 450 -8.92 28.23 2.74
CA THR C 450 -9.25 26.85 3.04
C THR C 450 -8.67 26.42 4.37
N ARG C 451 -7.52 26.96 4.77
CA ARG C 451 -7.11 26.86 6.16
C ARG C 451 -8.16 27.57 7.01
N GLY C 452 -8.58 26.92 8.08
CA GLY C 452 -9.82 27.28 8.73
C GLY C 452 -10.88 26.21 8.61
N PHE C 453 -10.67 25.25 7.73
CA PHE C 453 -11.49 24.05 7.61
C PHE C 453 -10.55 22.88 7.42
N GLN C 454 -10.72 21.83 8.21
CA GLN C 454 -9.70 20.78 8.25
C GLN C 454 -9.54 20.08 6.91
N GLN C 455 -10.65 19.64 6.31
CA GLN C 455 -10.54 18.84 5.08
C GLN C 455 -10.02 19.68 3.92
N MET C 456 -10.61 20.86 3.72
CA MET C 456 -10.15 21.75 2.64
C MET C 456 -8.73 22.23 2.90
N GLY C 457 -8.39 22.51 4.16
CA GLY C 457 -7.03 22.94 4.47
C GLY C 457 -5.98 21.88 4.15
N ILE C 458 -6.26 20.64 4.53
CA ILE C 458 -5.35 19.55 4.20
C ILE C 458 -5.27 19.35 2.69
N TYR C 459 -6.40 19.51 2.01
CA TYR C 459 -6.40 19.41 0.55
C TYR C 459 -5.51 20.49 -0.08
N ALA C 460 -5.59 21.72 0.42
CA ALA C 460 -4.74 22.79 -0.09
C ALA C 460 -3.26 22.51 0.18
N VAL C 461 -2.95 21.96 1.36
CA VAL C 461 -1.57 21.58 1.65
C VAL C 461 -1.09 20.53 0.65
N MET C 462 -1.92 19.54 0.36
CA MET C 462 -1.53 18.53 -0.62
C MET C 462 -1.33 19.15 -2.00
N ILE C 463 -2.15 20.13 -2.36
CA ILE C 463 -1.97 20.82 -3.63
C ILE C 463 -0.61 21.49 -3.69
N GLU C 464 -0.24 22.17 -2.60
CA GLU C 464 1.07 22.82 -2.54
C GLU C 464 2.20 21.79 -2.70
N LYS C 465 2.09 20.67 -2.01
CA LYS C 465 3.14 19.66 -2.08
C LYS C 465 3.23 19.04 -3.47
N MET C 466 2.09 18.78 -4.11
CA MET C 466 2.11 18.25 -5.46
C MET C 466 2.80 19.22 -6.41
N ILE C 467 2.44 20.51 -6.32
CA ILE C 467 3.09 21.51 -7.15
C ILE C 467 4.60 21.49 -6.92
N LEU C 468 5.02 21.47 -5.65
CA LEU C 468 6.43 21.68 -5.37
C LEU C 468 7.29 20.46 -5.73
N ARG C 469 6.74 19.26 -5.69
CA ARG C 469 7.52 18.09 -6.04
C ARG C 469 7.21 17.54 -7.44
N ASP C 470 5.98 17.06 -7.63
CA ASP C 470 5.70 16.23 -8.80
C ASP C 470 5.59 17.08 -10.05
N LEU C 471 4.81 18.16 -9.96
CA LEU C 471 4.62 19.02 -11.13
C LEU C 471 5.91 19.66 -11.56
N CYS C 472 6.76 20.06 -10.61
CA CYS C 472 8.03 20.70 -10.96
C CYS C 472 8.95 19.74 -11.71
N ARG C 473 9.14 18.52 -11.19
CA ARG C 473 10.00 17.56 -11.90
C ARG C 473 9.42 17.24 -13.28
N PHE C 474 8.11 16.99 -13.33
CA PHE C 474 7.47 16.68 -14.60
C PHE C 474 7.65 17.82 -15.59
N MET C 475 7.50 19.06 -15.14
CA MET C 475 7.57 20.19 -16.05
C MET C 475 8.97 20.37 -16.60
N PHE C 476 10.00 20.17 -15.78
CA PHE C 476 11.35 20.25 -16.34
C PHE C 476 11.53 19.25 -17.48
N VAL C 477 11.21 17.97 -17.21
CA VAL C 477 11.45 16.97 -18.26
C VAL C 477 10.56 17.25 -19.47
N TYR C 478 9.30 17.60 -19.23
CA TYR C 478 8.35 17.81 -20.31
C TYR C 478 8.75 18.99 -21.18
N LEU C 479 9.21 20.08 -20.58
CA LEU C 479 9.60 21.24 -21.36
C LEU C 479 10.85 20.94 -22.18
N VAL C 480 11.77 20.16 -21.64
CA VAL C 480 12.91 19.73 -22.45
C VAL C 480 12.43 18.97 -23.69
N PHE C 481 11.56 17.98 -23.49
CA PHE C 481 11.10 17.17 -24.61
C PHE C 481 10.31 18.01 -25.61
N LEU C 482 9.45 18.90 -25.13
CA LEU C 482 8.65 19.74 -26.01
C LEU C 482 9.54 20.66 -26.85
N PHE C 483 10.50 21.32 -26.21
CA PHE C 483 11.37 22.21 -26.96
C PHE C 483 12.19 21.45 -27.99
N GLY C 484 12.74 20.29 -27.61
CA GLY C 484 13.54 19.53 -28.54
C GLY C 484 12.77 19.09 -29.77
N PHE C 485 11.58 18.51 -29.55
CA PHE C 485 10.80 18.03 -30.68
C PHE C 485 10.25 19.19 -31.50
N SER C 486 9.93 20.32 -30.86
CA SER C 486 9.48 21.49 -31.60
C SER C 486 10.58 22.04 -32.49
N THR C 487 11.81 22.11 -32.00
CA THR C 487 12.90 22.60 -32.84
C THR C 487 13.16 21.65 -33.99
N ALA C 488 13.09 20.34 -33.75
CA ALA C 488 13.25 19.39 -34.84
C ALA C 488 12.16 19.56 -35.90
N VAL C 489 10.90 19.69 -35.45
CA VAL C 489 9.79 19.79 -36.39
C VAL C 489 9.87 21.08 -37.18
N VAL C 490 10.14 22.20 -36.51
CA VAL C 490 10.20 23.49 -37.19
C VAL C 490 11.39 23.53 -38.15
N THR C 491 12.50 22.88 -37.80
CA THR C 491 13.60 22.77 -38.75
C THR C 491 13.17 21.98 -39.98
N LEU C 492 12.44 20.88 -39.78
CA LEU C 492 11.98 20.09 -40.92
C LEU C 492 11.01 20.87 -41.81
N ILE C 493 10.22 21.77 -41.23
CA ILE C 493 9.22 22.51 -42.01
C ILE C 493 9.91 23.52 -42.92
N GLU C 494 9.43 23.59 -44.15
CA GLU C 494 10.10 24.39 -45.18
C GLU C 494 9.69 25.86 -45.11
N ASP C 495 8.39 26.12 -44.98
CA ASP C 495 7.86 27.48 -44.94
C ASP C 495 6.41 27.40 -44.50
N GLY C 496 5.72 28.53 -44.53
CA GLY C 496 4.30 28.58 -44.23
C GLY C 496 3.99 29.12 -42.86
N LYS C 497 2.76 28.83 -42.42
CA LYS C 497 2.24 29.38 -41.18
C LYS C 497 2.89 28.80 -39.93
N TYR C 498 3.55 27.65 -40.05
CA TYR C 498 4.12 26.95 -38.90
C TYR C 498 5.64 26.95 -38.91
N ASN C 499 6.26 27.80 -39.73
CA ASN C 499 7.71 27.88 -39.79
C ASN C 499 8.30 28.80 -38.73
N SER C 500 7.59 29.00 -37.62
CA SER C 500 8.10 29.72 -36.48
C SER C 500 8.08 28.80 -35.26
N LEU C 501 9.05 29.02 -34.37
CA LEU C 501 9.16 28.17 -33.19
C LEU C 501 7.93 28.27 -32.29
N TYR C 502 7.37 29.47 -32.15
CA TYR C 502 6.21 29.65 -31.29
C TYR C 502 5.01 28.83 -31.79
N SER C 503 4.73 28.92 -33.09
CA SER C 503 3.57 28.23 -33.64
C SER C 503 3.69 26.71 -33.51
N THR C 504 4.88 26.18 -33.80
CA THR C 504 5.07 24.73 -33.72
C THR C 504 5.06 24.26 -32.27
N CYS C 505 5.63 25.05 -31.36
CA CYS C 505 5.57 24.71 -29.95
C CYS C 505 4.12 24.65 -29.46
N LEU C 506 3.29 25.60 -29.91
CA LEU C 506 1.88 25.58 -29.55
C LEU C 506 1.18 24.35 -30.14
N GLU C 507 1.47 24.03 -31.40
CA GLU C 507 0.87 22.83 -32.00
C GLU C 507 1.24 21.57 -31.21
N LEU C 508 2.49 21.45 -30.80
CA LEU C 508 2.89 20.26 -30.05
C LEU C 508 2.31 20.25 -28.65
N PHE C 509 2.17 21.42 -28.03
CA PHE C 509 1.53 21.49 -26.72
C PHE C 509 0.06 21.08 -26.79
N LYS C 510 -0.60 21.34 -27.92
CA LYS C 510 -2.00 20.90 -28.06
C LYS C 510 -2.16 19.39 -27.86
N PHE C 511 -1.15 18.60 -28.21
CA PHE C 511 -1.22 17.16 -27.97
C PHE C 511 -1.37 16.85 -26.49
N THR C 512 -0.78 17.68 -25.62
CA THR C 512 -0.83 17.41 -24.19
C THR C 512 -2.24 17.59 -23.61
N ILE C 513 -3.08 18.40 -24.26
CA ILE C 513 -4.42 18.67 -23.75
C ILE C 513 -5.48 17.98 -24.60
N GLY C 514 -5.12 16.91 -25.31
CA GLY C 514 -6.10 16.17 -26.08
C GLY C 514 -6.56 16.82 -27.36
N MET C 515 -5.77 17.73 -27.93
CA MET C 515 -6.18 18.47 -29.10
C MET C 515 -5.17 18.40 -30.25
N GLY C 516 -4.23 17.46 -30.20
CA GLY C 516 -3.18 17.41 -31.21
C GLY C 516 -3.71 16.95 -32.56
N ASP C 517 -3.20 17.57 -33.62
CA ASP C 517 -3.73 17.37 -34.96
C ASP C 517 -3.10 16.18 -35.69
N LEU C 518 -1.78 16.05 -35.67
CA LEU C 518 -1.02 15.02 -36.38
C LEU C 518 -0.95 15.28 -37.88
N GLU C 519 -1.71 16.26 -38.38
CA GLU C 519 -1.63 16.68 -39.77
C GLU C 519 -1.74 18.19 -39.87
N PHE C 520 -1.23 18.91 -38.86
CA PHE C 520 -1.43 20.36 -38.81
C PHE C 520 -0.72 21.09 -39.93
N THR C 521 0.25 20.45 -40.60
CA THR C 521 0.89 21.06 -41.75
C THR C 521 1.31 19.97 -42.72
N GLU C 522 1.54 20.38 -43.97
CA GLU C 522 2.15 19.53 -44.98
C GLU C 522 3.35 20.21 -45.64
N ASN C 523 3.82 21.33 -45.09
CA ASN C 523 4.87 22.14 -45.71
C ASN C 523 6.24 21.56 -45.39
N TYR C 524 6.54 20.43 -46.03
CA TYR C 524 7.81 19.76 -45.80
C TYR C 524 8.06 18.80 -46.97
N ASP C 525 9.29 18.35 -47.06
CA ASP C 525 9.59 17.07 -47.68
C ASP C 525 9.69 16.03 -46.58
N PHE C 526 9.67 14.76 -46.99
CA PHE C 526 9.84 13.65 -46.04
C PHE C 526 8.74 13.67 -44.98
N LYS C 527 7.52 13.37 -45.45
CA LYS C 527 6.40 13.16 -44.55
C LYS C 527 6.69 12.08 -43.52
N ALA C 528 7.43 11.05 -43.90
CA ALA C 528 7.76 9.99 -42.96
C ALA C 528 8.50 10.53 -41.75
N VAL C 529 9.45 11.43 -41.98
CA VAL C 529 10.20 12.03 -40.88
C VAL C 529 9.26 12.83 -39.98
N PHE C 530 8.35 13.60 -40.58
CA PHE C 530 7.42 14.41 -39.81
C PHE C 530 6.56 13.53 -38.90
N ILE C 531 5.99 12.46 -39.46
CA ILE C 531 5.12 11.61 -38.67
C ILE C 531 5.92 10.85 -37.62
N ILE C 532 7.14 10.42 -37.95
CA ILE C 532 7.97 9.73 -36.96
C ILE C 532 8.28 10.64 -35.79
N LEU C 533 8.64 11.90 -36.07
CA LEU C 533 8.90 12.86 -34.99
C LEU C 533 7.66 13.06 -34.14
N LEU C 534 6.50 13.26 -34.78
CA LEU C 534 5.27 13.49 -34.00
C LEU C 534 4.91 12.27 -33.16
N LEU C 535 5.02 11.07 -33.73
CA LEU C 535 4.68 9.87 -32.99
C LEU C 535 5.63 9.63 -31.82
N ALA C 536 6.93 9.87 -32.03
CA ALA C 536 7.89 9.74 -30.93
C ALA C 536 7.57 10.73 -29.82
N TYR C 537 7.30 11.99 -30.18
CA TYR C 537 6.93 12.98 -29.18
C TYR C 537 5.68 12.56 -28.43
N VAL C 538 4.67 12.07 -29.16
CA VAL C 538 3.41 11.67 -28.53
C VAL C 538 3.66 10.52 -27.56
N ILE C 539 4.37 9.49 -28.00
CA ILE C 539 4.61 8.34 -27.14
C ILE C 539 5.38 8.76 -25.89
N LEU C 540 6.39 9.61 -26.06
CA LEU C 540 7.23 9.97 -24.91
C LEU C 540 6.48 10.87 -23.93
N THR C 541 5.70 11.83 -24.41
CA THR C 541 5.06 12.78 -23.51
C THR C 541 3.66 12.31 -23.11
N TYR C 542 2.76 12.19 -24.07
CA TYR C 542 1.36 11.91 -23.76
C TYR C 542 1.18 10.54 -23.12
N ILE C 543 1.74 9.51 -23.74
CA ILE C 543 1.48 8.14 -23.28
C ILE C 543 2.35 7.78 -22.09
N LEU C 544 3.59 8.27 -22.05
CA LEU C 544 4.50 7.90 -20.96
C LEU C 544 4.48 8.93 -19.83
N LEU C 545 4.83 10.19 -20.11
CA LEU C 545 5.16 11.13 -19.04
C LEU C 545 3.93 11.58 -18.27
N LEU C 546 2.81 11.84 -18.95
CA LEU C 546 1.60 12.27 -18.25
C LEU C 546 1.04 11.17 -17.35
N ASN C 547 0.98 9.94 -17.85
CA ASN C 547 0.50 8.83 -17.05
C ASN C 547 1.45 8.52 -15.90
N MET C 548 2.75 8.67 -16.15
CA MET C 548 3.74 8.55 -15.07
C MET C 548 3.52 9.63 -14.02
N LEU C 549 3.15 10.83 -14.45
CA LEU C 549 2.84 11.89 -13.49
C LEU C 549 1.67 11.50 -12.61
N ILE C 550 0.64 10.89 -13.19
CA ILE C 550 -0.49 10.41 -12.37
C ILE C 550 -0.01 9.39 -11.35
N ALA C 551 0.80 8.43 -11.79
CA ALA C 551 1.30 7.39 -10.87
C ALA C 551 2.15 7.99 -9.75
N LEU C 552 3.01 8.94 -10.08
CA LEU C 552 3.85 9.58 -9.08
C LEU C 552 3.03 10.41 -8.11
N MET C 553 1.98 11.09 -8.60
CA MET C 553 1.07 11.79 -7.71
C MET C 553 0.39 10.83 -6.75
N GLY C 554 0.02 9.64 -7.24
CA GLY C 554 -0.56 8.63 -6.36
C GLY C 554 0.39 8.24 -5.25
N GLU C 555 1.65 8.00 -5.61
CA GLU C 555 2.67 7.69 -4.59
C GLU C 555 2.79 8.82 -3.56
N THR C 556 2.89 10.06 -4.04
CA THR C 556 3.02 11.20 -3.13
C THR C 556 1.83 11.29 -2.19
N VAL C 557 0.61 11.20 -2.74
CA VAL C 557 -0.59 11.27 -1.93
C VAL C 557 -0.56 10.19 -0.86
N ASN C 558 -0.12 8.99 -1.23
CA ASN C 558 0.00 7.91 -0.26
C ASN C 558 0.96 8.26 0.86
N LYS C 559 2.02 9.01 0.57
CA LYS C 559 3.09 9.21 1.55
C LYS C 559 2.97 10.46 2.41
N ILE C 560 2.03 11.38 2.17
CA ILE C 560 2.12 12.69 2.80
C ILE C 560 0.89 13.03 3.66
N ALA C 561 0.08 12.05 4.02
CA ALA C 561 -1.14 12.37 4.77
C ALA C 561 -0.82 13.05 6.10
N GLN C 562 0.02 12.41 6.92
CA GLN C 562 0.34 12.95 8.24
C GLN C 562 1.10 14.26 8.12
N GLU C 563 2.04 14.34 7.18
CA GLU C 563 2.76 15.59 6.97
C GLU C 563 1.82 16.72 6.61
N SER C 564 0.84 16.44 5.74
CA SER C 564 -0.08 17.49 5.32
C SER C 564 -0.97 17.94 6.47
N LYS C 565 -1.45 17.00 7.29
CA LYS C 565 -2.23 17.39 8.44
C LYS C 565 -1.42 18.25 9.42
N ASN C 566 -0.17 17.87 9.67
CA ASN C 566 0.66 18.65 10.59
C ASN C 566 0.96 20.03 10.02
N ILE C 567 1.20 20.13 8.71
CA ILE C 567 1.46 21.42 8.09
C ILE C 567 0.21 22.30 8.19
N TRP C 568 -0.97 21.73 7.97
CA TRP C 568 -2.19 22.51 8.11
C TRP C 568 -2.35 23.01 9.54
N LYS C 569 -2.03 22.17 10.52
CA LYS C 569 -2.13 22.60 11.91
C LYS C 569 -1.17 23.76 12.20
N LEU C 570 0.04 23.69 11.66
CA LEU C 570 0.97 24.81 11.84
C LEU C 570 0.47 26.07 11.15
N GLN C 571 -0.13 25.93 9.97
CA GLN C 571 -0.70 27.09 9.28
C GLN C 571 -1.79 27.74 10.12
N ARG C 572 -2.67 26.94 10.70
CA ARG C 572 -3.74 27.50 11.51
C ARG C 572 -3.16 28.13 12.78
N ALA C 573 -2.09 27.54 13.33
CA ALA C 573 -1.42 28.16 14.48
C ALA C 573 -0.87 29.53 14.12
N ILE C 574 -0.26 29.67 12.93
CA ILE C 574 0.24 30.96 12.49
C ILE C 574 -0.92 31.95 12.37
N THR C 575 -2.04 31.50 11.81
CA THR C 575 -3.21 32.38 11.72
C THR C 575 -3.68 32.82 13.11
N ILE C 576 -3.69 31.90 14.07
CA ILE C 576 -4.16 32.21 15.42
C ILE C 576 -3.25 33.25 16.08
N LEU C 577 -1.94 33.05 15.97
CA LEU C 577 -1.01 34.03 16.54
C LEU C 577 -1.14 35.38 15.86
N ASP C 578 -1.27 35.40 14.54
CA ASP C 578 -1.44 36.65 13.82
C ASP C 578 -2.71 37.37 14.26
N THR C 579 -3.80 36.62 14.45
CA THR C 579 -5.03 37.25 14.91
C THR C 579 -4.87 37.80 16.32
N GLU C 580 -4.24 37.04 17.21
CA GLU C 580 -4.05 37.52 18.57
C GLU C 580 -3.21 38.79 18.60
N LYS C 581 -2.30 38.97 17.64
CA LYS C 581 -1.55 40.21 17.56
C LYS C 581 -2.22 41.27 16.70
N SER C 582 -3.25 40.91 15.94
CA SER C 582 -3.97 41.87 15.09
C SER C 582 -5.40 41.34 14.95
N PHE C 583 -6.29 41.84 15.81
CA PHE C 583 -7.65 41.32 15.95
C PHE C 583 -8.72 42.39 15.76
N ARG C 588 -8.01 42.62 25.89
CA ARG C 588 -7.39 41.49 26.56
C ARG C 588 -8.37 40.30 26.62
N LYS C 589 -9.01 39.99 25.50
CA LYS C 589 -9.88 38.83 25.42
C LYS C 589 -9.12 37.54 25.15
N ALA C 590 -8.06 37.60 24.36
CA ALA C 590 -7.36 36.41 23.90
C ALA C 590 -6.46 35.83 24.98
N PHE C 591 -7.04 35.41 26.11
CA PHE C 591 -6.24 34.99 27.25
C PHE C 591 -6.58 33.54 27.58
N ARG C 592 -5.53 32.72 27.68
CA ARG C 592 -5.59 31.27 27.63
C ARG C 592 -6.68 30.62 28.49
N SER C 593 -6.59 30.74 29.80
CA SER C 593 -7.34 29.86 30.70
C SER C 593 -7.48 30.54 32.05
N GLY C 594 -7.82 29.77 33.08
CA GLY C 594 -8.04 30.33 34.40
C GLY C 594 -6.79 30.33 35.26
N LYS C 595 -6.71 31.32 36.13
CA LYS C 595 -5.64 31.38 37.12
C LYS C 595 -6.04 30.57 38.33
N LEU C 596 -5.28 29.52 38.63
CA LEU C 596 -5.63 28.56 39.65
C LEU C 596 -4.44 28.28 40.56
N LEU C 597 -4.76 27.93 41.80
CA LEU C 597 -3.78 27.45 42.75
C LEU C 597 -3.62 25.95 42.57
N GLN C 598 -2.40 25.49 42.31
CA GLN C 598 -2.23 24.17 41.71
C GLN C 598 -1.28 23.25 42.47
N VAL C 599 -0.29 23.79 43.16
CA VAL C 599 0.59 22.99 44.01
C VAL C 599 0.50 23.39 45.46
N GLY C 600 -0.48 24.22 45.80
CA GLY C 600 -0.57 24.76 47.12
C GLY C 600 0.36 25.95 47.27
N PHE C 601 1.64 25.66 47.44
CA PHE C 601 2.60 26.67 47.86
C PHE C 601 3.98 26.26 47.39
N THR C 602 4.89 27.23 47.39
CA THR C 602 6.28 27.01 47.04
C THR C 602 6.97 26.34 48.21
N PRO C 603 8.27 26.04 48.09
CA PRO C 603 9.03 25.66 49.30
C PRO C 603 8.88 26.70 50.40
N ASP C 604 8.86 27.98 50.03
CA ASP C 604 8.41 29.01 50.95
C ASP C 604 6.89 28.92 51.10
N GLY C 605 6.39 29.41 52.24
CA GLY C 605 4.99 29.23 52.57
C GLY C 605 4.03 29.86 51.58
N LYS C 606 4.49 30.81 50.77
CA LYS C 606 3.59 31.55 49.90
C LYS C 606 2.88 30.62 48.92
N ASP C 607 1.59 30.86 48.72
CA ASP C 607 0.82 30.11 47.73
C ASP C 607 1.11 30.66 46.34
N ASP C 608 1.26 29.76 45.37
CA ASP C 608 1.62 30.13 44.01
C ASP C 608 0.42 29.93 43.09
N TYR C 609 0.05 30.99 42.39
CA TYR C 609 -1.02 30.95 41.41
C TYR C 609 -0.40 30.87 40.01
N ARG C 610 -0.93 29.96 39.19
CA ARG C 610 -0.43 29.76 37.84
C ARG C 610 -1.60 29.66 36.87
N TRP C 611 -1.44 30.25 35.69
CA TRP C 611 -2.43 30.10 34.63
C TRP C 611 -2.35 28.69 34.08
N CYS C 612 -3.47 27.97 34.15
CA CYS C 612 -3.49 26.53 33.87
C CYS C 612 -4.58 26.20 32.86
N PHE C 613 -4.28 25.24 32.01
CA PHE C 613 -5.23 24.72 31.03
C PHE C 613 -5.75 23.38 31.53
N ARG C 614 -7.07 23.27 31.65
CA ARG C 614 -7.69 22.06 32.19
C ARG C 614 -8.01 21.08 31.07
N VAL C 615 -7.63 19.81 31.28
CA VAL C 615 -7.90 18.74 30.33
C VAL C 615 -8.51 17.57 31.08
N ASP C 616 -9.66 17.11 30.62
CA ASP C 616 -10.34 15.97 31.24
C ASP C 616 -9.82 14.67 30.64
N GLU C 617 -9.58 13.69 31.50
CA GLU C 617 -9.08 12.38 31.09
C GLU C 617 -9.92 11.30 31.74
N VAL C 618 -10.03 10.17 31.04
CA VAL C 618 -10.70 8.98 31.56
C VAL C 618 -9.77 7.78 31.35
N ASN C 619 -9.60 6.98 32.38
CA ASN C 619 -8.75 5.79 32.32
C ASN C 619 -9.44 4.67 33.10
N TRP C 620 -9.85 3.62 32.41
CA TRP C 620 -10.51 2.49 33.03
C TRP C 620 -9.54 1.40 33.46
N THR C 621 -8.25 1.52 33.12
CA THR C 621 -7.29 0.46 33.38
C THR C 621 -6.57 0.68 34.71
N THR C 622 -5.88 1.81 34.85
CA THR C 622 -5.15 2.12 36.08
C THR C 622 -6.13 2.78 37.05
N TRP C 623 -6.95 1.94 37.68
CA TRP C 623 -7.96 2.43 38.61
C TRP C 623 -7.36 3.12 39.82
N ASN C 624 -6.10 2.82 40.17
CA ASN C 624 -5.54 3.31 41.42
C ASN C 624 -5.63 4.83 41.51
N THR C 625 -5.10 5.53 40.51
CA THR C 625 -5.14 6.99 40.46
C THR C 625 -4.63 7.60 41.76
N ASN C 626 -3.51 7.07 42.27
CA ASN C 626 -2.87 7.60 43.47
C ASN C 626 -2.16 8.89 43.11
N VAL C 627 -2.74 10.03 43.50
CA VAL C 627 -2.23 11.34 43.12
C VAL C 627 -2.34 12.30 44.29
N GLY C 628 -1.63 13.43 44.18
CA GLY C 628 -1.73 14.50 45.15
C GLY C 628 -2.74 15.54 44.74
N ILE C 629 -4.01 15.16 44.69
CA ILE C 629 -5.09 16.03 44.22
C ILE C 629 -5.06 17.36 44.96
N ILE C 630 -5.42 18.42 44.25
CA ILE C 630 -5.43 19.76 44.82
C ILE C 630 -6.74 20.05 45.55
N ASN C 631 -7.87 19.79 44.90
CA ASN C 631 -9.18 20.08 45.44
C ASN C 631 -9.94 18.78 45.67
N GLU C 632 -10.44 18.59 46.88
CA GLU C 632 -11.48 17.59 47.10
C GLU C 632 -12.83 18.19 46.72
N ASP C 633 -13.86 17.36 46.75
CA ASP C 633 -15.14 17.79 46.19
C ASP C 633 -14.97 18.03 44.69
N PRO C 634 -14.75 16.97 43.91
CA PRO C 634 -14.41 17.14 42.50
C PRO C 634 -15.47 17.92 41.73
N GLY C 635 -15.01 18.67 40.73
CA GLY C 635 -15.89 19.45 39.89
C GLY C 635 -15.88 20.92 40.22
N LEU D 71 41.46 -49.52 10.61
CA LEU D 71 42.53 -50.00 11.48
C LEU D 71 43.11 -51.31 10.96
N ASP D 72 42.24 -52.29 10.76
CA ASP D 72 42.65 -53.64 10.38
C ASP D 72 43.16 -53.75 8.95
N VAL D 73 43.30 -52.65 8.20
CA VAL D 73 43.79 -52.72 6.83
C VAL D 73 45.07 -51.92 6.61
N ALA D 74 45.49 -51.09 7.56
CA ALA D 74 46.71 -50.30 7.43
C ALA D 74 47.90 -51.19 7.78
N ARG D 75 48.66 -51.61 6.76
CA ARG D 75 49.72 -52.58 6.91
C ARG D 75 51.07 -51.95 6.58
N LYS D 76 52.05 -52.13 7.46
CA LYS D 76 53.40 -51.64 7.22
C LYS D 76 54.23 -52.66 6.45
N THR D 77 53.71 -53.12 5.33
CA THR D 77 54.36 -54.15 4.52
C THR D 77 55.27 -53.52 3.47
N LEU D 80 52.27 -49.04 4.10
CA LEU D 80 51.40 -48.04 4.71
C LEU D 80 51.12 -46.92 3.72
N LYS D 81 52.17 -46.22 3.31
CA LYS D 81 52.02 -45.18 2.29
C LYS D 81 51.71 -45.82 0.94
N GLN D 82 51.12 -45.00 0.05
CA GLN D 82 50.61 -45.45 -1.25
C GLN D 82 49.34 -46.27 -1.09
N PHE D 83 48.93 -46.53 0.15
CA PHE D 83 47.64 -47.14 0.46
C PHE D 83 46.78 -46.25 1.34
N VAL D 84 47.37 -45.61 2.35
CA VAL D 84 46.68 -44.56 3.09
C VAL D 84 46.68 -43.25 2.33
N ASN D 85 47.34 -43.19 1.17
CA ASN D 85 47.35 -42.01 0.31
C ASN D 85 46.82 -42.32 -1.09
N ALA D 86 46.21 -43.48 -1.29
CA ALA D 86 45.64 -43.81 -2.59
C ALA D 86 44.46 -42.90 -2.89
N SER D 87 44.27 -42.59 -4.17
CA SER D 87 43.29 -41.61 -4.60
C SER D 87 42.57 -42.12 -5.85
N TYR D 88 41.36 -41.59 -6.05
CA TYR D 88 40.58 -41.94 -7.23
C TYR D 88 41.31 -41.55 -8.50
N THR D 89 41.34 -42.46 -9.48
CA THR D 89 41.82 -42.15 -10.82
C THR D 89 40.70 -41.78 -11.77
N ASP D 90 39.44 -41.90 -11.34
CA ASP D 90 38.31 -41.54 -12.17
C ASP D 90 38.36 -40.05 -12.50
N SER D 91 38.05 -39.72 -13.77
CA SER D 91 38.03 -38.32 -14.17
C SER D 91 36.99 -37.52 -13.39
N TYR D 92 35.92 -38.18 -12.95
CA TYR D 92 34.88 -37.48 -12.20
C TYR D 92 35.35 -37.14 -10.80
N TYR D 93 35.98 -38.09 -10.11
CA TYR D 93 36.48 -37.89 -8.76
C TYR D 93 38.01 -37.81 -8.70
N LYS D 94 38.65 -37.48 -9.82
CA LYS D 94 40.11 -37.48 -9.87
C LYS D 94 40.68 -36.61 -8.75
N GLY D 95 41.62 -37.19 -8.00
CA GLY D 95 42.30 -36.49 -6.93
C GLY D 95 41.72 -36.73 -5.56
N GLN D 96 40.49 -37.23 -5.46
CA GLN D 96 39.91 -37.48 -4.15
C GLN D 96 40.68 -38.57 -3.43
N THR D 97 40.95 -38.33 -2.15
CA THR D 97 41.69 -39.26 -1.31
C THR D 97 40.88 -39.54 -0.06
N ALA D 98 41.37 -40.49 0.74
CA ALA D 98 40.66 -40.87 1.95
C ALA D 98 40.59 -39.72 2.95
N LEU D 99 41.58 -38.83 2.94
CA LEU D 99 41.52 -37.66 3.82
C LEU D 99 40.34 -36.76 3.45
N HIS D 100 40.10 -36.58 2.16
CA HIS D 100 38.94 -35.80 1.72
C HIS D 100 37.65 -36.41 2.26
N ILE D 101 37.51 -37.72 2.13
CA ILE D 101 36.29 -38.40 2.59
C ILE D 101 36.15 -38.23 4.09
N ALA D 102 37.24 -38.42 4.83
CA ALA D 102 37.17 -38.31 6.28
C ALA D 102 36.76 -36.90 6.70
N ILE D 103 37.31 -35.88 6.05
CA ILE D 103 36.93 -34.51 6.36
C ILE D 103 35.46 -34.28 6.05
N GLU D 104 35.02 -34.75 4.88
CA GLU D 104 33.63 -34.52 4.46
C GLU D 104 32.65 -35.09 5.47
N ARG D 105 32.95 -36.26 6.03
CA ARG D 105 32.05 -36.89 7.00
C ARG D 105 32.16 -36.26 8.38
N ARG D 106 33.08 -35.33 8.59
CA ARG D 106 33.20 -34.62 9.86
C ARG D 106 33.65 -35.55 10.98
N ASN D 107 34.62 -36.41 10.68
CA ASN D 107 35.15 -37.38 11.64
C ASN D 107 36.53 -36.91 12.06
N MET D 108 36.60 -36.26 13.23
CA MET D 108 37.87 -35.74 13.72
C MET D 108 38.86 -36.87 13.98
N THR D 109 38.40 -37.92 14.69
CA THR D 109 39.30 -39.02 15.04
C THR D 109 39.84 -39.71 13.79
N LEU D 110 38.97 -39.92 12.79
CA LEU D 110 39.44 -40.55 11.56
C LEU D 110 40.46 -39.68 10.85
N VAL D 111 40.25 -38.36 10.84
CA VAL D 111 41.20 -37.46 10.20
C VAL D 111 42.56 -37.53 10.90
N THR D 112 42.55 -37.53 12.24
CA THR D 112 43.80 -37.68 12.96
C THR D 112 44.47 -39.00 12.63
N LEU D 113 43.68 -40.07 12.54
CA LEU D 113 44.23 -41.38 12.22
C LEU D 113 44.92 -41.37 10.85
N LEU D 114 44.27 -40.77 9.85
CA LEU D 114 44.88 -40.72 8.52
C LEU D 114 46.11 -39.81 8.51
N VAL D 115 46.06 -38.71 9.25
CA VAL D 115 47.20 -37.80 9.28
C VAL D 115 48.41 -38.48 9.92
N GLU D 116 48.17 -39.28 10.97
CA GLU D 116 49.28 -39.93 11.66
C GLU D 116 50.07 -40.84 10.73
N ASN D 117 49.37 -41.60 9.88
CA ASN D 117 50.00 -42.58 9.01
C ASN D 117 50.64 -41.98 7.78
N GLY D 118 50.84 -40.66 7.74
CA GLY D 118 51.51 -40.03 6.62
C GLY D 118 50.62 -39.62 5.47
N ALA D 119 49.31 -39.52 5.70
CA ALA D 119 48.42 -38.99 4.67
C ALA D 119 48.81 -37.57 4.32
N ASP D 120 48.87 -37.28 3.03
CA ASP D 120 49.25 -35.95 2.56
C ASP D 120 48.09 -34.98 2.75
N VAL D 121 48.38 -33.84 3.41
CA VAL D 121 47.37 -32.81 3.61
C VAL D 121 47.32 -31.81 2.46
N GLN D 122 48.21 -31.94 1.47
CA GLN D 122 48.19 -31.11 0.27
C GLN D 122 47.57 -31.81 -0.92
N ALA D 123 46.90 -32.94 -0.70
CA ALA D 123 46.23 -33.63 -1.79
C ALA D 123 45.14 -32.74 -2.38
N ALA D 124 45.04 -32.76 -3.71
CA ALA D 124 44.10 -31.93 -4.44
C ALA D 124 43.05 -32.79 -5.12
N ALA D 125 41.78 -32.51 -4.84
CA ALA D 125 40.67 -33.22 -5.46
C ALA D 125 40.32 -32.49 -6.75
N ASN D 126 40.90 -32.97 -7.85
CA ASN D 126 40.83 -32.29 -9.14
C ASN D 126 39.73 -32.84 -10.04
N GLY D 127 38.86 -33.71 -9.53
CA GLY D 127 37.84 -34.30 -10.36
C GLY D 127 36.82 -33.29 -10.84
N ASP D 128 36.07 -33.69 -11.87
CA ASP D 128 35.03 -32.81 -12.42
C ASP D 128 33.95 -32.52 -11.37
N PHE D 129 33.59 -33.53 -10.58
CA PHE D 129 32.56 -33.32 -9.56
C PHE D 129 32.95 -32.19 -8.60
N PHE D 130 34.24 -31.97 -8.41
CA PHE D 130 34.72 -30.90 -7.54
C PHE D 130 35.03 -29.61 -8.30
N LYS D 131 34.78 -29.57 -9.60
CA LYS D 131 34.97 -28.35 -10.35
C LYS D 131 33.85 -27.35 -10.04
N LYS D 132 34.08 -26.09 -10.42
CA LYS D 132 33.18 -25.02 -10.02
C LYS D 132 31.75 -25.29 -10.47
N THR D 133 31.50 -25.33 -11.78
CA THR D 133 30.13 -25.56 -12.28
C THR D 133 30.05 -26.51 -13.46
N LYS D 134 31.12 -26.72 -14.23
CA LYS D 134 31.05 -27.55 -15.42
C LYS D 134 30.52 -28.93 -15.07
N GLY D 135 29.34 -29.25 -15.60
CA GLY D 135 28.60 -30.42 -15.15
C GLY D 135 27.68 -30.04 -14.01
N ARG D 136 26.38 -30.25 -14.20
CA ARG D 136 25.40 -29.69 -13.26
C ARG D 136 25.65 -30.07 -11.81
N PRO D 137 25.95 -31.32 -11.47
CA PRO D 137 26.22 -31.67 -10.07
C PRO D 137 27.68 -31.46 -9.70
N GLY D 138 27.88 -31.22 -8.41
CA GLY D 138 29.22 -31.04 -7.87
C GLY D 138 29.25 -29.96 -6.81
N PHE D 139 30.25 -30.05 -5.93
CA PHE D 139 30.48 -29.07 -4.89
C PHE D 139 31.92 -28.57 -4.99
N TYR D 140 32.09 -27.27 -5.09
CA TYR D 140 33.42 -26.65 -5.19
C TYR D 140 33.83 -26.14 -3.83
N PHE D 141 35.06 -26.49 -3.42
CA PHE D 141 35.56 -26.08 -2.11
C PHE D 141 37.04 -25.69 -2.16
N GLY D 142 37.66 -25.65 -3.32
CA GLY D 142 39.08 -25.36 -3.42
C GLY D 142 39.97 -26.57 -3.59
N GLU D 143 39.40 -27.78 -3.59
CA GLU D 143 40.11 -29.01 -3.94
C GLU D 143 41.07 -29.48 -2.85
N LEU D 144 41.28 -28.69 -1.81
CA LEU D 144 42.25 -29.07 -0.79
C LEU D 144 41.54 -29.45 0.51
N PRO D 145 42.10 -30.38 1.29
CA PRO D 145 41.45 -30.75 2.56
C PRO D 145 41.28 -29.58 3.51
N LEU D 146 42.24 -28.65 3.56
CA LEU D 146 42.07 -27.48 4.40
C LEU D 146 40.92 -26.61 3.91
N SER D 147 40.85 -26.37 2.60
CA SER D 147 39.72 -25.62 2.05
C SER D 147 38.41 -26.37 2.24
N LEU D 148 38.44 -27.70 2.14
CA LEU D 148 37.23 -28.48 2.37
C LEU D 148 36.74 -28.33 3.80
N ALA D 149 37.65 -28.37 4.77
CA ALA D 149 37.26 -28.18 6.16
C ALA D 149 36.79 -26.76 6.41
N ALA D 150 37.41 -25.78 5.74
CA ALA D 150 37.00 -24.39 5.92
C ALA D 150 35.61 -24.14 5.36
N CYS D 151 35.34 -24.63 4.15
CA CYS D 151 34.09 -24.36 3.46
C CYS D 151 32.95 -25.26 3.92
N THR D 152 33.21 -26.18 4.84
CA THR D 152 32.16 -26.97 5.46
C THR D 152 31.93 -26.60 6.93
N ASN D 153 32.54 -25.51 7.39
CA ASN D 153 32.33 -25.00 8.74
C ASN D 153 32.83 -26.00 9.78
N GLN D 154 34.11 -26.35 9.67
CA GLN D 154 34.76 -27.28 10.59
C GLN D 154 36.02 -26.60 11.12
N LEU D 155 35.87 -25.85 12.21
CA LEU D 155 37.00 -25.08 12.75
C LEU D 155 38.04 -25.98 13.39
N ALA D 156 37.60 -27.01 14.12
CA ALA D 156 38.55 -27.88 14.82
C ALA D 156 39.45 -28.62 13.82
N ILE D 157 38.87 -29.11 12.73
CA ILE D 157 39.67 -29.80 11.73
C ILE D 157 40.65 -28.84 11.06
N VAL D 158 40.21 -27.60 10.81
CA VAL D 158 41.10 -26.61 10.20
C VAL D 158 42.28 -26.36 11.12
N LYS D 159 42.01 -26.14 12.41
CA LYS D 159 43.09 -25.89 13.36
C LYS D 159 44.04 -27.07 13.43
N PHE D 160 43.50 -28.29 13.51
CA PHE D 160 44.36 -29.46 13.56
C PHE D 160 45.23 -29.56 12.33
N LEU D 161 44.65 -29.37 11.15
CA LEU D 161 45.42 -29.50 9.91
C LEU D 161 46.48 -28.41 9.80
N LEU D 162 46.22 -27.23 10.36
CA LEU D 162 47.21 -26.16 10.29
C LEU D 162 48.34 -26.35 11.28
N GLN D 163 48.03 -26.89 12.47
CA GLN D 163 49.00 -26.94 13.57
C GLN D 163 49.14 -28.37 14.10
N ASN D 164 49.36 -29.31 13.18
CA ASN D 164 49.57 -30.73 13.54
C ASN D 164 51.07 -30.99 13.58
N SER D 165 51.51 -31.90 14.42
CA SER D 165 52.91 -32.19 14.62
C SER D 165 53.48 -33.15 13.58
N TRP D 166 52.66 -33.66 12.66
CA TRP D 166 53.10 -34.60 11.64
C TRP D 166 53.36 -33.91 10.30
N GLN D 167 52.32 -33.31 9.71
CA GLN D 167 52.45 -32.60 8.41
C GLN D 167 51.57 -31.33 8.36
N PRO D 168 51.97 -30.18 8.94
CA PRO D 168 51.11 -28.99 8.88
C PRO D 168 50.65 -28.60 7.47
N ALA D 169 49.41 -28.11 7.41
CA ALA D 169 48.84 -27.67 6.14
C ALA D 169 49.40 -26.32 5.73
N ASP D 170 49.61 -26.15 4.43
CA ASP D 170 50.12 -24.89 3.88
C ASP D 170 48.95 -23.93 3.69
N ILE D 171 48.84 -22.93 4.57
CA ILE D 171 47.73 -21.99 4.54
C ILE D 171 47.74 -21.15 3.27
N SER D 172 48.90 -20.99 2.62
CA SER D 172 49.02 -20.17 1.42
C SER D 172 48.86 -20.98 0.14
N ALA D 173 48.52 -22.25 0.24
CA ALA D 173 48.42 -23.10 -0.95
C ALA D 173 47.31 -22.61 -1.87
N ARG D 174 47.54 -22.73 -3.17
CA ARG D 174 46.58 -22.33 -4.19
C ARG D 174 46.11 -23.56 -4.97
N ASP D 175 44.82 -23.62 -5.24
CA ASP D 175 44.23 -24.76 -5.93
C ASP D 175 44.50 -24.65 -7.42
N SER D 176 43.81 -25.47 -8.22
CA SER D 176 44.06 -25.50 -9.66
C SER D 176 43.81 -24.14 -10.31
N VAL D 177 42.77 -23.43 -9.87
CA VAL D 177 42.40 -22.16 -10.48
C VAL D 177 43.06 -21.01 -9.73
N GLY D 178 44.05 -21.32 -8.90
CA GLY D 178 44.78 -20.32 -8.15
C GLY D 178 44.10 -19.85 -6.88
N ASN D 179 42.93 -20.39 -6.54
CA ASN D 179 42.22 -19.95 -5.36
C ASN D 179 42.85 -20.53 -4.09
N THR D 180 43.05 -19.67 -3.10
CA THR D 180 43.49 -20.10 -1.78
C THR D 180 42.25 -20.42 -0.93
N VAL D 181 42.46 -20.64 0.37
CA VAL D 181 41.33 -20.95 1.23
C VAL D 181 40.41 -19.74 1.37
N LEU D 182 40.97 -18.53 1.41
CA LEU D 182 40.14 -17.32 1.44
C LEU D 182 39.35 -17.18 0.15
N HIS D 183 39.99 -17.44 -0.99
CA HIS D 183 39.28 -17.38 -2.27
C HIS D 183 38.14 -18.38 -2.30
N ALA D 184 38.38 -19.61 -1.84
CA ALA D 184 37.33 -20.62 -1.83
C ALA D 184 36.20 -20.22 -0.89
N LEU D 185 36.53 -19.62 0.26
CA LEU D 185 35.50 -19.15 1.17
C LEU D 185 34.64 -18.08 0.51
N VAL D 186 35.27 -17.18 -0.25
CA VAL D 186 34.49 -16.19 -0.99
C VAL D 186 33.63 -16.87 -2.04
N GLU D 187 34.16 -17.92 -2.68
CA GLU D 187 33.44 -18.60 -3.75
C GLU D 187 32.23 -19.37 -3.24
N VAL D 188 32.29 -19.93 -2.03
CA VAL D 188 31.14 -20.66 -1.51
C VAL D 188 30.12 -19.76 -0.83
N ALA D 189 30.42 -18.48 -0.65
CA ALA D 189 29.44 -17.55 -0.11
C ALA D 189 28.30 -17.36 -1.10
N ASP D 190 27.08 -17.23 -0.56
CA ASP D 190 25.90 -17.10 -1.42
C ASP D 190 24.93 -16.03 -0.92
N ASN D 191 25.38 -15.13 -0.05
CA ASN D 191 24.58 -13.97 0.38
C ASN D 191 23.31 -14.42 1.11
N THR D 192 23.47 -15.36 2.03
CA THR D 192 22.39 -15.79 2.90
C THR D 192 22.88 -15.71 4.34
N VAL D 193 21.94 -15.52 5.27
CA VAL D 193 22.30 -15.09 6.61
C VAL D 193 23.21 -16.12 7.29
N ASP D 194 22.79 -17.38 7.31
CA ASP D 194 23.60 -18.41 7.96
C ASP D 194 24.89 -18.65 7.19
N ASN D 195 24.81 -18.68 5.87
CA ASN D 195 26.01 -18.82 5.05
C ASN D 195 26.97 -17.67 5.31
N THR D 196 26.45 -16.44 5.36
CA THR D 196 27.30 -15.29 5.61
C THR D 196 27.96 -15.37 6.97
N LYS D 197 27.19 -15.71 7.99
CA LYS D 197 27.75 -15.83 9.33
C LYS D 197 28.89 -16.83 9.34
N PHE D 198 28.65 -18.04 8.83
CA PHE D 198 29.69 -19.07 8.88
C PHE D 198 30.90 -18.66 8.05
N VAL D 199 30.68 -18.12 6.85
CA VAL D 199 31.79 -17.79 5.97
C VAL D 199 32.66 -16.70 6.57
N THR D 200 32.04 -15.65 7.13
CA THR D 200 32.84 -14.56 7.67
C THR D 200 33.55 -14.99 8.97
N SER D 201 32.89 -15.79 9.80
CA SER D 201 33.56 -16.29 11.00
C SER D 201 34.77 -17.14 10.63
N MET D 202 34.61 -18.04 9.66
CA MET D 202 35.73 -18.87 9.25
C MET D 202 36.83 -18.03 8.62
N TYR D 203 36.46 -17.02 7.84
CA TYR D 203 37.45 -16.12 7.25
C TYR D 203 38.27 -15.44 8.34
N ASN D 204 37.59 -14.92 9.37
CA ASN D 204 38.29 -14.25 10.45
C ASN D 204 39.22 -15.22 11.19
N GLU D 205 38.73 -16.42 11.49
CA GLU D 205 39.55 -17.38 12.20
C GLU D 205 40.78 -17.77 11.38
N ILE D 206 40.60 -18.00 10.08
CA ILE D 206 41.74 -18.36 9.23
C ILE D 206 42.75 -17.23 9.19
N LEU D 207 42.26 -15.99 9.07
CA LEU D 207 43.18 -14.85 9.04
C LEU D 207 43.99 -14.77 10.32
N ILE D 208 43.33 -14.93 11.47
CA ILE D 208 44.03 -14.85 12.75
C ILE D 208 45.08 -15.96 12.86
N LEU D 209 44.68 -17.19 12.51
CA LEU D 209 45.61 -18.31 12.60
C LEU D 209 46.80 -18.12 11.66
N GLY D 210 46.55 -17.61 10.45
CA GLY D 210 47.64 -17.35 9.53
C GLY D 210 48.59 -16.28 10.04
N ALA D 211 48.04 -15.24 10.66
CA ALA D 211 48.90 -14.22 11.25
C ALA D 211 49.76 -14.81 12.36
N LYS D 212 49.16 -15.64 13.22
CA LYS D 212 49.92 -16.25 14.30
C LYS D 212 51.03 -17.16 13.76
N LEU D 213 50.70 -17.99 12.77
CA LEU D 213 51.68 -18.95 12.27
C LEU D 213 52.73 -18.28 11.40
N HIS D 214 52.32 -17.33 10.56
CA HIS D 214 53.22 -16.64 9.63
C HIS D 214 52.99 -15.14 9.77
N PRO D 215 53.61 -14.50 10.75
CA PRO D 215 53.33 -13.07 10.98
C PRO D 215 53.66 -12.19 9.78
N THR D 216 54.57 -12.62 8.91
CA THR D 216 54.96 -11.80 7.77
C THR D 216 54.16 -12.11 6.51
N LEU D 217 53.54 -13.28 6.43
CA LEU D 217 52.80 -13.65 5.22
C LEU D 217 51.65 -12.67 4.99
N LYS D 218 51.42 -12.33 3.72
CA LYS D 218 50.39 -11.40 3.30
C LYS D 218 49.30 -12.20 2.60
N LEU D 219 48.34 -12.70 3.39
CA LEU D 219 47.37 -13.67 2.88
C LEU D 219 46.40 -13.03 1.89
N GLU D 220 45.83 -11.88 2.22
CA GLU D 220 44.73 -11.29 1.40
C GLU D 220 45.19 -10.58 0.14
N GLU D 221 46.48 -10.51 -0.16
CA GLU D 221 46.93 -9.98 -1.45
C GLU D 221 47.46 -11.06 -2.37
N ILE D 222 47.28 -12.34 -2.03
CA ILE D 222 47.57 -13.42 -2.95
C ILE D 222 46.45 -13.49 -3.98
N THR D 223 46.79 -13.46 -5.25
CA THR D 223 45.82 -13.50 -6.33
C THR D 223 45.71 -14.91 -6.90
N ASN D 224 44.58 -15.16 -7.55
CA ASN D 224 44.36 -16.42 -8.25
C ASN D 224 44.86 -16.27 -9.69
N ARG D 225 44.56 -17.26 -10.53
CA ARG D 225 45.01 -17.21 -11.92
C ARG D 225 44.41 -16.02 -12.66
N LYS D 226 43.23 -15.55 -12.23
CA LYS D 226 42.57 -14.43 -12.87
C LYS D 226 43.08 -13.09 -12.38
N GLY D 227 44.02 -13.06 -11.45
CA GLY D 227 44.53 -11.81 -10.93
C GLY D 227 43.59 -11.11 -9.98
N LEU D 228 42.82 -11.86 -9.21
CA LEU D 228 41.87 -11.31 -8.25
C LEU D 228 42.28 -11.72 -6.84
N THR D 229 42.28 -10.75 -5.94
CA THR D 229 42.41 -11.02 -4.53
C THR D 229 41.05 -11.47 -3.98
N PRO D 230 41.02 -12.05 -2.78
CA PRO D 230 39.72 -12.41 -2.21
C PRO D 230 38.76 -11.23 -2.13
N LEU D 231 39.26 -10.04 -1.83
CA LEU D 231 38.42 -8.84 -1.80
C LEU D 231 37.94 -8.49 -3.20
N ALA D 232 38.86 -8.46 -4.17
CA ALA D 232 38.47 -8.18 -5.55
C ALA D 232 37.54 -9.25 -6.08
N LEU D 233 37.80 -10.52 -5.76
CA LEU D 233 36.90 -11.59 -6.16
C LEU D 233 35.50 -11.40 -5.57
N ALA D 234 35.44 -11.03 -4.28
CA ALA D 234 34.14 -10.81 -3.66
C ALA D 234 33.39 -9.66 -4.34
N ALA D 235 34.09 -8.56 -4.60
CA ALA D 235 33.45 -7.40 -5.22
C ALA D 235 32.97 -7.71 -6.63
N SER D 236 33.78 -8.43 -7.41
CA SER D 236 33.43 -8.73 -8.79
C SER D 236 32.37 -9.81 -8.92
N SER D 237 32.02 -10.50 -7.83
CA SER D 237 31.06 -11.60 -7.87
C SER D 237 29.78 -11.29 -7.13
N GLY D 238 29.67 -10.13 -6.48
CA GLY D 238 28.44 -9.78 -5.79
C GLY D 238 28.28 -10.39 -4.42
N LYS D 239 29.34 -10.92 -3.82
CA LYS D 239 29.27 -11.50 -2.48
C LYS D 239 29.26 -10.35 -1.49
N ILE D 240 28.08 -9.73 -1.34
CA ILE D 240 27.97 -8.47 -0.64
C ILE D 240 28.24 -8.64 0.86
N GLY D 241 27.80 -9.75 1.43
CA GLY D 241 28.06 -9.99 2.85
C GLY D 241 29.54 -10.08 3.16
N VAL D 242 30.27 -10.83 2.34
CA VAL D 242 31.72 -10.93 2.52
C VAL D 242 32.38 -9.58 2.33
N LEU D 243 31.93 -8.81 1.34
CA LEU D 243 32.51 -7.50 1.09
C LEU D 243 32.30 -6.57 2.28
N ALA D 244 31.08 -6.56 2.82
CA ALA D 244 30.80 -5.74 3.99
C ALA D 244 31.64 -6.16 5.18
N TYR D 245 31.78 -7.47 5.40
CA TYR D 245 32.62 -7.93 6.50
C TYR D 245 34.07 -7.48 6.30
N ILE D 246 34.60 -7.60 5.08
CA ILE D 246 36.00 -7.29 4.86
C ILE D 246 36.25 -5.80 5.05
N LEU D 247 35.39 -4.95 4.50
CA LEU D 247 35.68 -3.52 4.49
C LEU D 247 35.60 -2.90 5.88
N GLN D 248 34.87 -3.52 6.81
CA GLN D 248 34.72 -3.00 8.15
C GLN D 248 35.41 -3.87 9.20
N ARG D 249 36.42 -4.65 8.79
CA ARG D 249 37.00 -5.64 9.67
C ARG D 249 37.72 -4.98 10.84
N GLU D 250 37.30 -5.32 12.07
CA GLU D 250 37.90 -4.80 13.29
C GLU D 250 38.33 -5.99 14.15
N ILE D 251 39.64 -6.22 14.23
CA ILE D 251 40.20 -7.29 15.02
C ILE D 251 40.77 -6.67 16.28
N HIS D 252 40.16 -6.98 17.44
CA HIS D 252 40.43 -6.27 18.68
C HIS D 252 41.40 -7.03 19.59
N GLU D 253 42.40 -7.69 19.02
CA GLU D 253 43.35 -8.44 19.83
C GLU D 253 44.77 -7.96 19.56
N PRO D 254 45.65 -7.97 20.57
CA PRO D 254 47.03 -7.55 20.33
C PRO D 254 47.77 -8.54 19.46
N GLU D 255 48.77 -8.03 18.75
CA GLU D 255 49.66 -8.77 17.86
C GLU D 255 48.98 -9.17 16.55
N CYS D 256 47.68 -8.91 16.41
CA CYS D 256 46.98 -9.17 15.15
C CYS D 256 46.08 -8.01 14.74
N ARG D 257 46.12 -6.88 15.46
CA ARG D 257 45.29 -5.74 15.10
C ARG D 257 45.65 -5.16 13.74
N HIS D 258 46.83 -5.48 13.21
CA HIS D 258 47.22 -4.99 11.90
C HIS D 258 46.38 -5.60 10.78
N LEU D 259 45.72 -6.73 11.04
CA LEU D 259 44.85 -7.33 10.04
C LEU D 259 43.57 -6.54 9.84
N SER D 260 43.19 -5.72 10.82
CA SER D 260 41.94 -5.00 10.73
C SER D 260 42.01 -3.93 9.64
N ARG D 261 40.83 -3.55 9.13
CA ARG D 261 40.71 -2.49 8.14
C ARG D 261 40.01 -1.26 8.68
N LYS D 262 39.29 -1.38 9.79
CA LYS D 262 38.63 -0.26 10.44
C LYS D 262 39.31 0.00 11.77
N PHE D 263 39.63 1.26 12.03
CA PHE D 263 40.34 1.67 13.24
C PHE D 263 39.59 2.82 13.91
N THR D 264 39.91 3.03 15.18
CA THR D 264 39.40 4.16 15.95
C THR D 264 40.56 5.11 16.21
N GLU D 265 40.49 6.32 15.65
CA GLU D 265 41.55 7.30 15.86
C GLU D 265 41.48 7.94 17.24
N TRP D 266 40.27 8.16 17.74
CA TRP D 266 40.09 8.75 19.07
C TRP D 266 38.62 8.67 19.44
N ALA D 267 38.36 8.70 20.75
CA ALA D 267 37.01 8.66 21.29
C ALA D 267 36.94 9.61 22.47
N TYR D 268 35.95 10.51 22.44
CA TYR D 268 35.73 11.47 23.51
C TYR D 268 34.24 11.50 23.81
N GLY D 269 33.87 11.12 25.03
CA GLY D 269 32.47 11.08 25.41
C GLY D 269 31.70 10.11 24.54
N PRO D 270 30.65 10.59 23.87
CA PRO D 270 29.86 9.70 23.00
C PRO D 270 30.30 9.68 21.54
N VAL D 271 31.26 10.50 21.15
CA VAL D 271 31.65 10.64 19.75
C VAL D 271 33.03 10.02 19.58
N HIS D 272 33.17 9.18 18.56
CA HIS D 272 34.44 8.53 18.23
C HIS D 272 34.67 8.60 16.73
N SER D 273 35.91 8.89 16.35
CA SER D 273 36.29 9.01 14.94
C SER D 273 36.87 7.68 14.47
N SER D 274 36.33 7.18 13.36
CA SER D 274 36.76 5.91 12.78
C SER D 274 37.63 6.16 11.55
N LEU D 275 38.61 5.28 11.35
CA LEU D 275 39.47 5.32 10.18
C LEU D 275 39.23 4.06 9.35
N TYR D 276 38.96 4.26 8.06
CA TYR D 276 38.66 3.16 7.14
C TYR D 276 39.85 3.00 6.19
N ASP D 277 40.44 1.81 6.19
CA ASP D 277 41.50 1.51 5.25
C ASP D 277 40.99 1.61 3.82
N LEU D 278 41.72 2.32 2.98
CA LEU D 278 41.33 2.55 1.59
C LEU D 278 42.20 1.82 0.60
N SER D 279 43.21 1.07 1.05
CA SER D 279 44.03 0.32 0.13
C SER D 279 43.18 -0.65 -0.68
N CYS D 280 43.38 -0.63 -2.00
CA CYS D 280 42.65 -1.47 -2.95
C CYS D 280 41.18 -1.10 -3.08
N ILE D 281 40.79 0.12 -2.71
CA ILE D 281 39.40 0.53 -2.77
C ILE D 281 39.18 1.46 -3.95
N ASP D 282 39.92 2.56 -4.00
CA ASP D 282 39.77 3.54 -5.08
C ASP D 282 41.01 3.69 -5.93
N THR D 283 42.08 2.95 -5.66
CA THR D 283 43.25 2.93 -6.53
C THR D 283 44.04 1.67 -6.21
N CYS D 284 44.18 0.78 -7.20
CA CYS D 284 44.91 -0.46 -7.02
C CYS D 284 45.87 -0.79 -8.15
N GLU D 285 45.69 -0.21 -9.35
CA GLU D 285 46.55 -0.45 -10.51
C GLU D 285 46.31 -1.84 -11.11
N LYS D 286 45.53 -2.68 -10.42
CA LYS D 286 45.05 -3.94 -11.01
C LYS D 286 43.54 -3.95 -11.12
N ASN D 287 42.82 -3.85 -10.01
CA ASN D 287 41.37 -3.64 -10.04
C ASN D 287 40.93 -3.18 -8.66
N SER D 288 40.56 -1.91 -8.55
CA SER D 288 40.04 -1.40 -7.29
C SER D 288 38.60 -1.87 -7.09
N VAL D 289 38.16 -1.88 -5.84
CA VAL D 289 36.80 -2.31 -5.53
C VAL D 289 35.79 -1.42 -6.25
N LEU D 290 36.04 -0.11 -6.27
CA LEU D 290 35.11 0.82 -6.93
C LEU D 290 35.04 0.55 -8.42
N GLU D 291 36.20 0.40 -9.07
CA GLU D 291 36.21 0.11 -10.50
C GLU D 291 35.54 -1.23 -10.79
N VAL D 292 35.80 -2.24 -9.95
CA VAL D 292 35.22 -3.55 -10.16
C VAL D 292 33.70 -3.49 -10.05
N ILE D 293 33.19 -2.78 -9.06
CA ILE D 293 31.74 -2.72 -8.87
C ILE D 293 31.08 -1.88 -9.95
N ALA D 294 31.66 -0.72 -10.25
CA ALA D 294 31.03 0.21 -11.18
C ALA D 294 30.94 -0.36 -12.58
N TYR D 295 31.98 -1.07 -13.03
CA TYR D 295 32.04 -1.60 -14.38
C TYR D 295 31.69 -3.08 -14.45
N SER D 296 31.05 -3.63 -13.42
CA SER D 296 30.63 -5.01 -13.46
C SER D 296 29.51 -5.20 -14.48
N SER D 297 29.37 -6.43 -14.95
CA SER D 297 28.32 -6.74 -15.91
C SER D 297 26.96 -6.69 -15.23
N SER D 298 25.91 -6.60 -16.06
CA SER D 298 24.55 -6.53 -15.54
C SER D 298 24.13 -7.81 -14.82
N GLU D 299 24.78 -8.94 -15.13
CA GLU D 299 24.43 -10.20 -14.48
C GLU D 299 24.94 -10.30 -13.05
N THR D 300 25.83 -9.41 -12.61
CA THR D 300 26.39 -9.50 -11.27
C THR D 300 25.26 -9.39 -10.24
N PRO D 301 25.12 -10.35 -9.32
CA PRO D 301 23.89 -10.44 -8.51
C PRO D 301 23.53 -9.17 -7.75
N ASN D 302 24.51 -8.50 -7.13
CA ASN D 302 24.24 -7.42 -6.20
C ASN D 302 24.87 -6.10 -6.64
N ARG D 303 24.98 -5.87 -7.95
CA ARG D 303 25.81 -4.77 -8.43
C ARG D 303 25.27 -3.43 -7.97
N HIS D 304 23.95 -3.28 -7.91
CA HIS D 304 23.37 -2.00 -7.50
C HIS D 304 23.34 -1.82 -5.99
N ASP D 305 23.54 -2.89 -5.22
CA ASP D 305 23.50 -2.82 -3.76
C ASP D 305 24.86 -2.72 -3.11
N MET D 306 25.95 -3.00 -3.84
CA MET D 306 27.26 -3.09 -3.20
C MET D 306 27.82 -1.71 -2.85
N LEU D 307 27.42 -0.66 -3.57
CA LEU D 307 27.87 0.68 -3.24
C LEU D 307 27.28 1.20 -1.93
N LEU D 308 26.28 0.51 -1.38
CA LEU D 308 25.72 0.90 -0.09
C LEU D 308 26.56 0.42 1.09
N VAL D 309 27.55 -0.45 0.86
CA VAL D 309 28.40 -0.90 1.95
C VAL D 309 29.16 0.28 2.51
N GLU D 310 29.28 0.32 3.83
CA GLU D 310 29.46 1.55 4.61
C GLU D 310 30.46 2.54 4.01
N PRO D 311 31.75 2.20 3.91
CA PRO D 311 32.73 3.22 3.48
C PRO D 311 32.52 3.74 2.06
N LEU D 312 32.03 2.89 1.16
CA LEU D 312 32.06 3.23 -0.27
C LEU D 312 31.14 4.40 -0.59
N ASN D 313 29.96 4.44 0.02
CA ASN D 313 29.02 5.53 -0.26
C ASN D 313 29.61 6.87 0.16
N ARG D 314 30.15 6.94 1.38
CA ARG D 314 30.76 8.17 1.85
C ARG D 314 31.95 8.56 1.01
N LEU D 315 32.76 7.58 0.58
CA LEU D 315 33.90 7.88 -0.26
C LEU D 315 33.46 8.47 -1.60
N LEU D 316 32.41 7.92 -2.21
CA LEU D 316 31.92 8.45 -3.46
C LEU D 316 31.36 9.85 -3.28
N GLN D 317 30.60 10.08 -2.21
CA GLN D 317 30.06 11.40 -1.94
C GLN D 317 31.19 12.40 -1.71
N ASP D 318 32.25 11.98 -1.03
CA ASP D 318 33.40 12.84 -0.81
C ASP D 318 34.06 13.22 -2.12
N LYS D 319 34.26 12.25 -3.01
CA LYS D 319 34.83 12.58 -4.32
C LYS D 319 33.94 13.56 -5.07
N TRP D 320 32.63 13.28 -5.09
CA TRP D 320 31.67 14.18 -5.73
C TRP D 320 31.86 15.60 -5.23
N ASP D 321 31.62 15.81 -3.93
CA ASP D 321 31.63 17.14 -3.36
C ASP D 321 32.98 17.81 -3.47
N ARG D 322 34.07 17.04 -3.47
CA ARG D 322 35.38 17.67 -3.46
C ARG D 322 35.77 18.16 -4.85
N PHE D 323 35.64 17.33 -5.88
CA PHE D 323 36.04 17.80 -7.19
C PHE D 323 35.16 17.40 -8.37
N VAL D 324 34.24 16.45 -8.25
CA VAL D 324 33.60 15.93 -9.45
C VAL D 324 32.35 16.73 -9.81
N LYS D 325 31.66 17.28 -8.82
CA LYS D 325 30.43 18.02 -9.09
C LYS D 325 30.68 19.23 -9.98
N ARG D 326 31.77 19.96 -9.73
CA ARG D 326 32.07 21.14 -10.53
C ARG D 326 32.39 20.76 -11.98
N ILE D 327 33.18 19.70 -12.18
CA ILE D 327 33.49 19.26 -13.53
C ILE D 327 32.23 18.79 -14.24
N PHE D 328 31.35 18.09 -13.53
CA PHE D 328 30.10 17.64 -14.13
C PHE D 328 29.23 18.82 -14.53
N TYR D 329 29.15 19.84 -13.69
CA TYR D 329 28.39 21.04 -14.03
C TYR D 329 28.97 21.74 -15.26
N PHE D 330 30.30 21.81 -15.34
CA PHE D 330 30.91 22.41 -16.51
C PHE D 330 30.60 21.62 -17.78
N ASN D 331 30.65 20.28 -17.68
CA ASN D 331 30.28 19.45 -18.82
C ASN D 331 28.84 19.68 -19.26
N PHE D 332 27.93 19.77 -18.28
CA PHE D 332 26.53 20.02 -18.58
C PHE D 332 26.35 21.38 -19.27
N PHE D 333 27.04 22.40 -18.78
CA PHE D 333 26.96 23.72 -19.39
C PHE D 333 27.48 23.70 -20.82
N VAL D 334 28.58 22.99 -21.06
CA VAL D 334 29.13 22.91 -22.41
C VAL D 334 28.16 22.19 -23.33
N TYR D 335 27.52 21.12 -22.85
CA TYR D 335 26.55 20.42 -23.68
C TYR D 335 25.35 21.30 -23.99
N CYS D 336 24.90 22.09 -23.01
CA CYS D 336 23.79 23.02 -23.26
C CYS D 336 24.17 24.04 -24.33
N LEU D 337 25.38 24.60 -24.24
CA LEU D 337 25.83 25.53 -25.26
C LEU D 337 25.87 24.86 -26.63
N TYR D 338 26.37 23.63 -26.68
CA TYR D 338 26.45 22.92 -27.95
C TYR D 338 25.07 22.71 -28.55
N MET D 339 24.09 22.32 -27.72
CA MET D 339 22.75 22.10 -28.23
C MET D 339 22.08 23.39 -28.68
N ILE D 340 22.31 24.49 -27.96
CA ILE D 340 21.76 25.77 -28.37
C ILE D 340 22.33 26.19 -29.71
N ILE D 341 23.64 26.04 -29.88
CA ILE D 341 24.27 26.43 -31.14
C ILE D 341 23.78 25.55 -32.29
N PHE D 342 23.67 24.23 -32.04
CA PHE D 342 23.16 23.32 -33.06
C PHE D 342 21.73 23.69 -33.45
N THR D 343 20.88 23.98 -32.45
CA THR D 343 19.50 24.36 -32.75
C THR D 343 19.42 25.64 -33.56
N ALA D 344 20.22 26.65 -33.19
CA ALA D 344 20.21 27.89 -33.96
C ALA D 344 20.69 27.66 -35.39
N ALA D 345 21.75 26.89 -35.57
CA ALA D 345 22.26 26.65 -36.92
C ALA D 345 21.23 25.91 -37.76
N ALA D 346 20.58 24.90 -37.19
CA ALA D 346 19.56 24.14 -37.93
C ALA D 346 18.34 25.00 -38.24
N TYR D 347 17.97 25.88 -37.31
CA TYR D 347 16.79 26.71 -37.50
C TYR D 347 16.93 27.65 -38.70
N TYR D 348 18.15 28.11 -38.98
CA TYR D 348 18.40 29.06 -40.05
C TYR D 348 19.01 28.40 -41.28
N ARG D 349 18.76 27.11 -41.46
CA ARG D 349 19.27 26.44 -42.65
C ARG D 349 18.71 27.08 -43.91
N PRO D 350 19.52 27.27 -44.95
CA PRO D 350 18.98 27.79 -46.21
C PRO D 350 18.01 26.82 -46.85
N VAL D 351 17.00 27.38 -47.52
CA VAL D 351 15.95 26.60 -48.16
C VAL D 351 15.92 26.91 -49.65
N GLU D 352 17.08 27.18 -50.23
CA GLU D 352 17.16 27.69 -51.59
C GLU D 352 17.16 26.56 -52.63
N GLY D 353 18.17 25.69 -52.58
CA GLY D 353 18.28 24.63 -53.55
C GLY D 353 18.79 23.33 -52.96
N LEU D 354 19.81 22.77 -53.58
CA LEU D 354 20.48 21.61 -53.03
C LEU D 354 21.75 22.02 -52.29
N PRO D 355 22.18 21.24 -51.32
CA PRO D 355 23.48 21.49 -50.69
C PRO D 355 24.61 21.06 -51.59
N PRO D 356 25.84 21.53 -51.35
CA PRO D 356 26.19 22.53 -50.34
C PRO D 356 25.69 23.91 -50.74
N TYR D 357 25.50 24.79 -49.76
CA TYR D 357 24.91 26.10 -49.99
C TYR D 357 26.00 27.16 -49.96
N LYS D 358 26.01 28.01 -50.99
CA LYS D 358 27.05 29.02 -51.10
C LYS D 358 27.00 29.99 -49.93
N LEU D 359 28.17 30.45 -49.51
CA LEU D 359 28.29 31.31 -48.35
C LEU D 359 28.08 32.76 -48.76
N LYS D 360 26.98 33.36 -48.30
CA LYS D 360 26.73 34.77 -48.55
C LYS D 360 27.66 35.63 -47.68
N ASN D 361 27.88 36.87 -48.14
CA ASN D 361 28.75 37.80 -47.43
C ASN D 361 27.91 38.63 -46.47
N THR D 362 27.53 38.01 -45.36
CA THR D 362 26.72 38.67 -44.35
C THR D 362 27.14 38.17 -42.98
N VAL D 363 26.87 38.97 -41.96
CA VAL D 363 27.21 38.57 -40.59
C VAL D 363 26.41 37.32 -40.20
N GLY D 364 25.12 37.30 -40.52
CA GLY D 364 24.31 36.15 -40.19
C GLY D 364 24.79 34.88 -40.87
N ASP D 365 25.21 35.00 -42.13
CA ASP D 365 25.71 33.83 -42.86
C ASP D 365 26.98 33.28 -42.20
N TYR D 366 27.90 34.17 -41.82
CA TYR D 366 29.13 33.72 -41.16
C TYR D 366 28.83 33.06 -39.83
N PHE D 367 27.92 33.65 -39.05
CA PHE D 367 27.54 33.04 -37.78
C PHE D 367 26.91 31.68 -37.99
N ARG D 368 26.07 31.54 -39.02
CA ARG D 368 25.45 30.26 -39.30
C ARG D 368 26.49 29.20 -39.66
N VAL D 369 27.45 29.57 -40.52
CA VAL D 369 28.48 28.60 -40.90
C VAL D 369 29.33 28.22 -39.70
N THR D 370 29.62 29.19 -38.83
CA THR D 370 30.32 28.89 -37.59
C THR D 370 29.53 27.89 -36.75
N GLY D 371 28.22 28.11 -36.61
CA GLY D 371 27.40 27.18 -35.86
C GLY D 371 27.40 25.78 -36.44
N GLU D 372 27.41 25.69 -37.74
CA GLU D 372 27.39 24.39 -38.42
C GLU D 372 28.71 23.69 -38.18
N ILE D 373 29.84 24.43 -38.23
CA ILE D 373 31.14 23.84 -37.96
C ILE D 373 31.21 23.33 -36.53
N LEU D 374 30.70 24.11 -35.58
CA LEU D 374 30.70 23.68 -34.19
C LEU D 374 29.83 22.43 -33.99
N SER D 375 28.67 22.39 -34.66
CA SER D 375 27.80 21.22 -34.54
C SER D 375 28.48 19.96 -35.07
N VAL D 376 29.13 20.07 -36.22
CA VAL D 376 29.85 18.91 -36.77
C VAL D 376 31.00 18.51 -35.86
N SER D 377 31.67 19.50 -35.26
CA SER D 377 32.75 19.19 -34.33
C SER D 377 32.24 18.40 -33.14
N GLY D 378 31.10 18.82 -32.57
CA GLY D 378 30.52 18.06 -31.47
C GLY D 378 30.12 16.66 -31.88
N GLY D 379 29.59 16.52 -33.09
CA GLY D 379 29.26 15.18 -33.58
C GLY D 379 30.49 14.29 -33.69
N VAL D 380 31.58 14.83 -34.22
CA VAL D 380 32.82 14.07 -34.33
C VAL D 380 33.33 13.69 -32.94
N TYR D 381 33.27 14.64 -32.01
CA TYR D 381 33.72 14.38 -30.65
C TYR D 381 32.93 13.24 -30.02
N PHE D 382 31.61 13.24 -30.17
CA PHE D 382 30.81 12.18 -29.55
C PHE D 382 30.98 10.85 -30.27
N PHE D 383 31.17 10.87 -31.59
CA PHE D 383 31.45 9.63 -32.31
C PHE D 383 32.74 8.99 -31.80
N PHE D 384 33.79 9.81 -31.61
CA PHE D 384 35.04 9.26 -31.11
C PHE D 384 34.94 8.87 -29.64
N ARG D 385 34.14 9.57 -28.85
CA ARG D 385 33.92 9.16 -27.46
C ARG D 385 33.23 7.80 -27.42
N GLY D 386 32.26 7.58 -28.30
CA GLY D 386 31.61 6.27 -28.36
C GLY D 386 32.56 5.17 -28.78
N ILE D 387 33.40 5.44 -29.78
CA ILE D 387 34.40 4.44 -30.18
C ILE D 387 35.34 4.15 -29.00
N GLN D 388 35.78 5.19 -28.31
CA GLN D 388 36.68 5.01 -27.18
C GLN D 388 36.03 4.19 -26.08
N TYR D 389 34.75 4.45 -25.79
CA TYR D 389 34.05 3.65 -24.79
C TYR D 389 33.96 2.19 -25.22
N PHE D 390 33.61 1.95 -26.48
CA PHE D 390 33.49 0.57 -26.95
C PHE D 390 34.82 -0.17 -26.85
N LEU D 391 35.92 0.53 -27.11
CA LEU D 391 37.23 -0.12 -27.04
C LEU D 391 37.69 -0.32 -25.59
N GLN D 392 37.46 0.67 -24.72
CA GLN D 392 37.99 0.61 -23.36
C GLN D 392 37.20 -0.34 -22.49
N ARG D 393 35.88 -0.39 -22.65
CA ARG D 393 35.04 -1.24 -21.81
C ARG D 393 34.69 -2.57 -22.45
N ARG D 394 34.83 -2.64 -23.77
CA ARG D 394 34.52 -3.87 -24.55
C ARG D 394 33.23 -4.52 -24.04
N PRO D 395 32.05 -3.93 -24.31
CA PRO D 395 30.77 -4.54 -23.93
C PRO D 395 30.61 -5.93 -24.54
N SER D 396 29.97 -6.82 -23.79
CA SER D 396 29.85 -8.22 -24.15
C SER D 396 28.69 -8.51 -25.10
N LEU D 397 28.16 -7.48 -25.77
CA LEU D 397 27.10 -7.63 -26.76
C LEU D 397 25.75 -7.93 -26.11
N LYS D 398 25.74 -8.17 -24.80
CA LYS D 398 24.52 -8.27 -24.02
C LYS D 398 24.36 -7.09 -23.07
N SER D 399 25.42 -6.75 -22.33
CA SER D 399 25.45 -5.49 -21.62
C SER D 399 25.47 -4.31 -22.57
N LEU D 400 25.74 -4.55 -23.86
CA LEU D 400 25.69 -3.46 -24.84
C LEU D 400 24.29 -2.88 -24.94
N PHE D 401 23.28 -3.73 -25.16
CA PHE D 401 21.91 -3.29 -25.31
C PHE D 401 21.05 -3.53 -24.07
N VAL D 402 21.66 -3.93 -22.96
CA VAL D 402 20.94 -4.09 -21.70
C VAL D 402 21.54 -3.14 -20.67
N ASP D 403 22.80 -2.81 -20.85
CA ASP D 403 23.47 -1.74 -20.14
C ASP D 403 23.91 -0.69 -21.15
N SER D 404 24.59 0.35 -20.67
CA SER D 404 25.19 1.35 -21.55
C SER D 404 24.15 1.99 -22.48
N TYR D 405 22.98 2.33 -21.95
CA TYR D 405 21.98 3.01 -22.76
C TYR D 405 22.46 4.40 -23.18
N SER D 406 23.01 5.17 -22.23
CA SER D 406 23.40 6.54 -22.54
C SER D 406 24.54 6.60 -23.54
N GLU D 407 25.51 5.68 -23.43
CA GLU D 407 26.60 5.65 -24.40
C GLU D 407 26.05 5.38 -25.80
N ILE D 408 25.13 4.44 -25.93
CA ILE D 408 24.53 4.14 -27.22
C ILE D 408 23.75 5.33 -27.75
N LEU D 409 22.99 6.00 -26.89
CA LEU D 409 22.17 7.12 -27.37
C LEU D 409 23.03 8.26 -27.87
N PHE D 410 24.09 8.60 -27.14
CA PHE D 410 24.98 9.66 -27.61
C PHE D 410 25.69 9.26 -28.90
N PHE D 411 26.10 8.00 -28.99
CA PHE D 411 26.75 7.52 -30.21
C PHE D 411 25.80 7.57 -31.40
N VAL D 412 24.54 7.21 -31.20
CA VAL D 412 23.58 7.22 -32.31
C VAL D 412 23.29 8.64 -32.76
N GLN D 413 23.21 9.57 -31.80
CA GLN D 413 23.06 10.98 -32.17
C GLN D 413 24.24 11.45 -33.02
N SER D 414 25.46 11.08 -32.62
CA SER D 414 26.62 11.46 -33.42
C SER D 414 26.58 10.83 -34.81
N LEU D 415 26.10 9.58 -34.90
CA LEU D 415 26.00 8.92 -36.19
C LEU D 415 25.03 9.65 -37.10
N PHE D 416 23.89 10.09 -36.57
CA PHE D 416 22.96 10.87 -37.37
C PHE D 416 23.60 12.16 -37.86
N MET D 417 24.37 12.82 -36.99
CA MET D 417 25.06 14.04 -37.40
C MET D 417 26.03 13.78 -38.55
N LEU D 418 26.82 12.69 -38.45
CA LEU D 418 27.82 12.43 -39.48
C LEU D 418 27.16 12.00 -40.79
N VAL D 419 26.08 11.22 -40.71
CA VAL D 419 25.33 10.88 -41.91
C VAL D 419 24.78 12.14 -42.56
N SER D 420 24.32 13.09 -41.74
CA SER D 420 23.85 14.35 -42.29
C SER D 420 24.96 15.07 -43.04
N VAL D 421 26.16 15.08 -42.48
CA VAL D 421 27.29 15.72 -43.17
C VAL D 421 27.54 15.04 -44.51
N VAL D 422 27.57 13.72 -44.52
CA VAL D 422 27.84 12.97 -45.74
C VAL D 422 26.78 13.26 -46.80
N LEU D 423 25.51 13.25 -46.41
CA LEU D 423 24.44 13.55 -47.35
C LEU D 423 24.53 14.98 -47.85
N TYR D 424 24.88 15.91 -46.96
CA TYR D 424 24.96 17.31 -47.34
C TYR D 424 26.01 17.54 -48.42
N PHE D 425 27.17 16.91 -48.28
CA PHE D 425 28.18 17.09 -49.34
C PHE D 425 27.93 16.20 -50.55
N SER D 426 26.99 15.26 -50.47
CA SER D 426 26.54 14.50 -51.62
C SER D 426 25.36 15.16 -52.33
N GLN D 427 25.03 16.41 -51.98
CA GLN D 427 24.00 17.19 -52.66
C GLN D 427 22.60 16.60 -52.47
N ARG D 428 22.39 15.88 -51.39
CA ARG D 428 21.10 15.29 -51.08
C ARG D 428 20.39 16.10 -50.00
N LYS D 429 19.09 16.33 -50.20
CA LYS D 429 18.31 17.09 -49.24
C LYS D 429 17.84 16.24 -48.06
N GLU D 430 18.04 14.92 -48.09
CA GLU D 430 17.77 14.06 -46.95
C GLU D 430 18.69 14.33 -45.77
N TYR D 431 19.75 15.10 -45.99
CA TYR D 431 20.59 15.54 -44.88
C TYR D 431 19.76 16.26 -43.84
N VAL D 432 18.69 16.95 -44.24
CA VAL D 432 17.82 17.62 -43.29
C VAL D 432 17.11 16.61 -42.40
N ALA D 433 16.63 15.49 -42.96
CA ALA D 433 15.99 14.46 -42.15
C ALA D 433 16.96 13.89 -41.13
N SER D 434 18.18 13.56 -41.59
CA SER D 434 19.17 13.03 -40.67
C SER D 434 19.50 14.05 -39.58
N MET D 435 19.60 15.33 -39.95
CA MET D 435 19.94 16.38 -39.01
C MET D 435 18.85 16.59 -37.97
N VAL D 436 17.57 16.55 -38.37
CA VAL D 436 16.51 16.74 -37.39
C VAL D 436 16.43 15.57 -36.45
N PHE D 437 16.69 14.34 -36.93
CA PHE D 437 16.77 13.22 -36.00
C PHE D 437 17.89 13.44 -34.98
N SER D 438 19.05 13.90 -35.46
CA SER D 438 20.15 14.20 -34.56
C SER D 438 19.75 15.26 -33.53
N LEU D 439 19.05 16.31 -33.98
CA LEU D 439 18.66 17.40 -33.09
C LEU D 439 17.69 16.92 -32.01
N ALA D 440 16.69 16.12 -32.39
CA ALA D 440 15.74 15.61 -31.41
C ALA D 440 16.43 14.72 -30.39
N MET D 441 17.33 13.83 -30.86
CA MET D 441 18.05 12.99 -29.92
C MET D 441 18.96 13.81 -29.02
N GLY D 442 19.58 14.85 -29.57
CA GLY D 442 20.44 15.70 -28.77
C GLY D 442 19.68 16.38 -27.64
N TRP D 443 18.45 16.83 -27.92
CA TRP D 443 17.68 17.45 -26.85
C TRP D 443 17.20 16.41 -25.84
N THR D 444 16.74 15.24 -26.27
CA THR D 444 16.30 14.25 -25.29
C THR D 444 17.47 13.69 -24.48
N ASN D 445 18.69 13.73 -25.01
CA ASN D 445 19.86 13.26 -24.28
C ASN D 445 20.26 14.19 -23.14
N MET D 446 19.64 15.38 -23.04
CA MET D 446 19.83 16.22 -21.87
C MET D 446 19.45 15.50 -20.59
N LEU D 447 18.53 14.53 -20.67
CA LEU D 447 18.11 13.81 -19.48
C LEU D 447 19.26 13.06 -18.82
N TYR D 448 20.36 12.83 -19.55
CA TYR D 448 21.53 12.20 -18.95
C TYR D 448 22.06 13.03 -17.78
N TYR D 449 22.01 14.35 -17.88
CA TYR D 449 22.60 15.21 -16.87
C TYR D 449 21.73 15.38 -15.63
N THR D 450 20.51 14.83 -15.62
CA THR D 450 19.74 14.81 -14.37
C THR D 450 20.46 14.02 -13.29
N ARG D 451 21.22 12.99 -13.67
CA ARG D 451 22.20 12.44 -12.75
C ARG D 451 23.20 13.53 -12.41
N GLY D 452 23.50 13.68 -11.14
CA GLY D 452 24.11 14.90 -10.65
C GLY D 452 23.20 15.69 -9.76
N PHE D 453 21.91 15.36 -9.73
CA PHE D 453 20.94 15.90 -8.79
C PHE D 453 20.08 14.73 -8.33
N GLN D 454 19.93 14.58 -7.02
CA GLN D 454 19.33 13.35 -6.50
C GLN D 454 17.89 13.16 -6.98
N GLN D 455 17.05 14.19 -6.82
CA GLN D 455 15.63 14.03 -7.13
C GLN D 455 15.41 13.83 -8.63
N MET D 456 16.02 14.69 -9.45
CA MET D 456 15.88 14.55 -10.89
C MET D 456 16.53 13.26 -11.39
N GLY D 457 17.66 12.87 -10.80
CA GLY D 457 18.30 11.63 -11.21
C GLY D 457 17.44 10.40 -10.93
N ILE D 458 16.83 10.35 -9.75
CA ILE D 458 15.94 9.24 -9.44
C ILE D 458 14.71 9.27 -10.34
N TYR D 459 14.22 10.47 -10.65
CA TYR D 459 13.11 10.59 -11.59
C TYR D 459 13.46 10.04 -12.96
N ALA D 460 14.67 10.35 -13.46
CA ALA D 460 15.10 9.82 -14.75
C ALA D 460 15.24 8.30 -14.71
N VAL D 461 15.74 7.75 -13.60
CA VAL D 461 15.82 6.30 -13.46
C VAL D 461 14.42 5.69 -13.53
N MET D 462 13.46 6.30 -12.84
CA MET D 462 12.09 5.79 -12.90
C MET D 462 11.53 5.87 -14.32
N ILE D 463 11.87 6.93 -15.05
CA ILE D 463 11.43 7.03 -16.45
C ILE D 463 11.98 5.87 -17.27
N GLU D 464 13.26 5.56 -17.08
CA GLU D 464 13.85 4.44 -17.79
C GLU D 464 13.13 3.13 -17.45
N LYS D 465 12.86 2.91 -16.17
CA LYS D 465 12.21 1.67 -15.76
C LYS D 465 10.79 1.57 -16.32
N MET D 466 10.06 2.68 -16.30
CA MET D 466 8.71 2.67 -16.86
C MET D 466 8.75 2.32 -18.34
N ILE D 467 9.66 2.96 -19.09
CA ILE D 467 9.80 2.64 -20.50
C ILE D 467 10.09 1.15 -20.68
N LEU D 468 11.03 0.61 -19.90
CA LEU D 468 11.50 -0.74 -20.19
C LEU D 468 10.49 -1.81 -19.79
N ARG D 469 9.64 -1.55 -18.79
CA ARG D 469 8.65 -2.55 -18.41
C ARG D 469 7.25 -2.24 -18.92
N ASP D 470 6.67 -1.14 -18.42
CA ASP D 470 5.22 -0.94 -18.57
C ASP D 470 4.90 -0.51 -19.99
N LEU D 471 5.62 0.48 -20.50
CA LEU D 471 5.35 0.98 -21.84
C LEU D 471 5.59 -0.09 -22.89
N CYS D 472 6.63 -0.91 -22.71
CA CYS D 472 6.92 -1.95 -23.69
C CYS D 472 5.80 -2.99 -23.75
N ARG D 473 5.37 -3.51 -22.60
CA ARG D 473 4.28 -4.49 -22.62
C ARG D 473 3.00 -3.88 -23.21
N PHE D 474 2.68 -2.66 -22.76
CA PHE D 474 1.50 -1.99 -23.26
C PHE D 474 1.57 -1.80 -24.77
N MET D 475 2.73 -1.41 -25.28
CA MET D 475 2.85 -1.13 -26.71
C MET D 475 2.69 -2.39 -27.52
N PHE D 476 3.24 -3.51 -27.06
CA PHE D 476 3.02 -4.75 -27.82
C PHE D 476 1.53 -5.04 -27.95
N VAL D 477 0.82 -5.06 -26.81
CA VAL D 477 -0.61 -5.41 -26.88
C VAL D 477 -1.37 -4.37 -27.70
N TYR D 478 -1.07 -3.09 -27.48
CA TYR D 478 -1.79 -2.02 -28.15
C TYR D 478 -1.58 -2.05 -29.65
N LEU D 479 -0.35 -2.30 -30.10
CA LEU D 479 -0.10 -2.33 -31.53
C LEU D 479 -0.80 -3.53 -32.17
N VAL D 480 -0.85 -4.66 -31.47
CA VAL D 480 -1.63 -5.78 -32.00
C VAL D 480 -3.08 -5.37 -32.21
N PHE D 481 -3.70 -4.77 -31.18
CA PHE D 481 -5.11 -4.40 -31.28
C PHE D 481 -5.33 -3.35 -32.36
N LEU D 482 -4.44 -2.36 -32.45
CA LEU D 482 -4.59 -1.31 -33.44
C LEU D 482 -4.48 -1.87 -34.86
N PHE D 483 -3.48 -2.72 -35.10
CA PHE D 483 -3.33 -3.28 -36.44
C PHE D 483 -4.53 -4.15 -36.80
N GLY D 484 -5.00 -4.98 -35.87
CA GLY D 484 -6.12 -5.84 -36.17
C GLY D 484 -7.39 -5.07 -36.51
N PHE D 485 -7.73 -4.08 -35.68
CA PHE D 485 -8.94 -3.32 -35.95
C PHE D 485 -8.79 -2.44 -37.18
N SER D 486 -7.58 -1.94 -37.45
CA SER D 486 -7.36 -1.16 -38.66
C SER D 486 -7.53 -2.01 -39.91
N THR D 487 -7.02 -3.24 -39.90
CA THR D 487 -7.19 -4.09 -41.07
C THR D 487 -8.66 -4.45 -41.26
N ALA D 488 -9.38 -4.71 -40.17
CA ALA D 488 -10.81 -4.98 -40.30
C ALA D 488 -11.55 -3.77 -40.88
N VAL D 489 -11.25 -2.57 -40.38
CA VAL D 489 -11.96 -1.38 -40.83
C VAL D 489 -11.64 -1.09 -42.28
N VAL D 490 -10.37 -1.15 -42.66
CA VAL D 490 -9.98 -0.85 -44.03
C VAL D 490 -10.54 -1.90 -44.99
N THR D 491 -10.64 -3.16 -44.56
CA THR D 491 -11.30 -4.16 -45.38
C THR D 491 -12.77 -3.80 -45.58
N LEU D 492 -13.44 -3.36 -44.51
CA LEU D 492 -14.84 -2.99 -44.64
C LEU D 492 -15.04 -1.79 -45.56
N ILE D 493 -14.07 -0.87 -45.60
CA ILE D 493 -14.22 0.34 -46.41
C ILE D 493 -14.13 -0.01 -47.89
N GLU D 494 -15.01 0.59 -48.68
CA GLU D 494 -15.14 0.23 -50.09
C GLU D 494 -14.14 0.97 -50.96
N ASP D 495 -13.97 2.27 -50.75
CA ASP D 495 -13.06 3.09 -51.54
C ASP D 495 -12.94 4.44 -50.84
N GLY D 496 -12.24 5.36 -51.49
CA GLY D 496 -12.12 6.72 -50.99
C GLY D 496 -10.78 7.00 -50.35
N LYS D 497 -10.77 8.09 -49.57
CA LYS D 497 -9.54 8.60 -48.99
C LYS D 497 -8.98 7.71 -47.88
N TYR D 498 -9.79 6.82 -47.32
CA TYR D 498 -9.38 6.00 -46.18
C TYR D 498 -9.25 4.52 -46.54
N ASN D 499 -9.21 4.20 -47.83
CA ASN D 499 -9.07 2.81 -48.27
C ASN D 499 -7.63 2.36 -48.32
N SER D 500 -6.75 2.98 -47.54
CA SER D 500 -5.38 2.54 -47.37
C SER D 500 -5.13 2.23 -45.90
N LEU D 501 -4.25 1.26 -45.67
CA LEU D 501 -3.97 0.83 -44.29
C LEU D 501 -3.36 1.97 -43.47
N TYR D 502 -2.48 2.77 -44.07
CA TYR D 502 -1.84 3.84 -43.34
C TYR D 502 -2.86 4.86 -42.84
N SER D 503 -3.78 5.29 -43.72
CA SER D 503 -4.75 6.31 -43.35
C SER D 503 -5.68 5.82 -42.24
N THR D 504 -6.15 4.59 -42.34
CA THR D 504 -7.06 4.06 -41.33
C THR D 504 -6.33 3.82 -40.01
N CYS D 505 -5.08 3.36 -40.07
CA CYS D 505 -4.30 3.21 -38.85
C CYS D 505 -4.12 4.55 -38.14
N LEU D 506 -3.86 5.60 -38.92
CA LEU D 506 -3.75 6.94 -38.33
C LEU D 506 -5.07 7.39 -37.72
N GLU D 507 -6.18 7.16 -38.41
CA GLU D 507 -7.49 7.53 -37.86
C GLU D 507 -7.74 6.80 -36.54
N LEU D 508 -7.43 5.52 -36.46
CA LEU D 508 -7.66 4.78 -35.22
C LEU D 508 -6.70 5.21 -34.12
N PHE D 509 -5.46 5.55 -34.48
CA PHE D 509 -4.53 6.06 -33.47
C PHE D 509 -4.98 7.39 -32.90
N LYS D 510 -5.69 8.21 -33.69
CA LYS D 510 -6.21 9.47 -33.17
C LYS D 510 -7.11 9.26 -31.95
N PHE D 511 -7.82 8.14 -31.87
CA PHE D 511 -8.64 7.85 -30.69
C PHE D 511 -7.78 7.78 -29.43
N THR D 512 -6.54 7.32 -29.55
CA THR D 512 -5.68 7.16 -28.38
C THR D 512 -5.28 8.51 -27.78
N ILE D 513 -5.26 9.57 -28.59
CA ILE D 513 -4.83 10.88 -28.12
C ILE D 513 -6.01 11.84 -27.97
N GLY D 514 -7.22 11.31 -27.80
CA GLY D 514 -8.37 12.16 -27.57
C GLY D 514 -8.89 12.88 -28.80
N MET D 515 -8.62 12.39 -30.00
CA MET D 515 -8.99 13.06 -31.23
C MET D 515 -9.79 12.19 -32.18
N GLY D 516 -10.30 11.05 -31.73
CA GLY D 516 -10.97 10.13 -32.63
C GLY D 516 -12.31 10.67 -33.10
N ASP D 517 -12.62 10.42 -34.37
CA ASP D 517 -13.77 11.02 -35.02
C ASP D 517 -15.06 10.21 -34.85
N LEU D 518 -15.02 8.90 -35.05
CA LEU D 518 -16.18 8.00 -35.00
C LEU D 518 -17.08 8.13 -36.22
N GLU D 519 -16.83 9.13 -37.06
CA GLU D 519 -17.55 9.30 -38.32
C GLU D 519 -16.60 9.76 -39.41
N PHE D 520 -15.33 9.33 -39.34
CA PHE D 520 -14.32 9.86 -40.26
C PHE D 520 -14.56 9.43 -41.70
N THR D 521 -15.40 8.43 -41.93
CA THR D 521 -15.76 8.05 -43.29
C THR D 521 -17.17 7.49 -43.30
N GLU D 522 -17.78 7.49 -44.49
CA GLU D 522 -19.04 6.80 -44.73
C GLU D 522 -18.94 5.86 -45.93
N ASN D 523 -17.74 5.61 -46.44
CA ASN D 523 -17.55 4.84 -47.67
C ASN D 523 -17.58 3.34 -47.37
N TYR D 524 -18.79 2.86 -47.10
CA TYR D 524 -18.98 1.45 -46.76
C TYR D 524 -20.44 1.10 -46.96
N ASP D 525 -20.72 -0.18 -46.99
CA ASP D 525 -22.01 -0.70 -46.61
C ASP D 525 -21.93 -1.15 -45.15
N PHE D 526 -23.09 -1.38 -44.54
CA PHE D 526 -23.14 -1.89 -43.17
C PHE D 526 -22.47 -0.92 -42.20
N LYS D 527 -23.11 0.23 -42.04
CA LYS D 527 -22.71 1.18 -41.01
C LYS D 527 -22.67 0.56 -39.62
N ALA D 528 -23.59 -0.36 -39.34
CA ALA D 528 -23.60 -1.01 -38.04
C ALA D 528 -22.29 -1.72 -37.77
N VAL D 529 -21.75 -2.42 -38.77
CA VAL D 529 -20.48 -3.12 -38.61
C VAL D 529 -19.36 -2.12 -38.33
N PHE D 530 -19.35 -1.00 -39.07
CA PHE D 530 -18.33 0.02 -38.88
C PHE D 530 -18.35 0.56 -37.45
N ILE D 531 -19.53 0.92 -36.96
CA ILE D 531 -19.62 1.50 -35.63
C ILE D 531 -19.31 0.44 -34.57
N ILE D 532 -19.73 -0.81 -34.78
CA ILE D 532 -19.42 -1.86 -33.82
C ILE D 532 -17.91 -2.07 -33.73
N LEU D 533 -17.22 -2.11 -34.87
CA LEU D 533 -15.77 -2.24 -34.86
C LEU D 533 -15.12 -1.08 -34.12
N LEU D 534 -15.55 0.15 -34.43
CA LEU D 534 -14.93 1.32 -33.79
C LEU D 534 -15.19 1.31 -32.28
N LEU D 535 -16.41 0.98 -31.86
CA LEU D 535 -16.73 0.97 -30.44
C LEU D 535 -15.96 -0.13 -29.70
N ALA D 536 -15.84 -1.31 -30.31
CA ALA D 536 -15.05 -2.38 -29.70
C ALA D 536 -13.59 -1.95 -29.55
N TYR D 537 -13.01 -1.37 -30.61
CA TYR D 537 -11.65 -0.88 -30.52
C TYR D 537 -11.51 0.17 -29.43
N VAL D 538 -12.45 1.10 -29.36
CA VAL D 538 -12.39 2.17 -28.35
C VAL D 538 -12.44 1.57 -26.94
N ILE D 539 -13.40 0.68 -26.70
CA ILE D 539 -13.55 0.11 -25.37
C ILE D 539 -12.29 -0.67 -24.99
N LEU D 540 -11.73 -1.44 -25.93
CA LEU D 540 -10.59 -2.27 -25.59
C LEU D 540 -9.32 -1.45 -25.37
N THR D 541 -9.09 -0.41 -26.18
CA THR D 541 -7.84 0.34 -26.07
C THR D 541 -7.99 1.54 -25.15
N TYR D 542 -8.86 2.48 -25.52
CA TYR D 542 -8.94 3.74 -24.78
C TYR D 542 -9.43 3.53 -23.36
N ILE D 543 -10.54 2.82 -23.19
CA ILE D 543 -11.16 2.71 -21.88
C ILE D 543 -10.47 1.67 -21.01
N LEU D 544 -10.00 0.58 -21.61
CA LEU D 544 -9.38 -0.49 -20.83
C LEU D 544 -7.86 -0.35 -20.76
N LEU D 545 -7.18 -0.37 -21.90
CA LEU D 545 -5.73 -0.58 -21.91
C LEU D 545 -4.97 0.64 -21.40
N LEU D 546 -5.38 1.84 -21.79
CA LEU D 546 -4.68 3.05 -21.33
C LEU D 546 -4.84 3.25 -19.82
N ASN D 547 -6.04 3.07 -19.30
CA ASN D 547 -6.26 3.22 -17.87
C ASN D 547 -5.56 2.10 -17.10
N MET D 548 -5.52 0.90 -17.67
CA MET D 548 -4.74 -0.18 -17.08
C MET D 548 -3.26 0.18 -17.05
N LEU D 549 -2.78 0.85 -18.09
CA LEU D 549 -1.39 1.30 -18.11
C LEU D 549 -1.12 2.25 -16.96
N ILE D 550 -2.05 3.17 -16.70
CA ILE D 550 -1.88 4.07 -15.55
C ILE D 550 -1.80 3.28 -14.24
N ALA D 551 -2.70 2.30 -14.07
CA ALA D 551 -2.70 1.51 -12.84
C ALA D 551 -1.41 0.71 -12.69
N LEU D 552 -0.92 0.12 -13.78
CA LEU D 552 0.31 -0.64 -13.73
C LEU D 552 1.51 0.25 -13.45
N MET D 553 1.52 1.46 -14.01
CA MET D 553 2.58 2.42 -13.68
C MET D 553 2.55 2.76 -12.20
N GLY D 554 1.35 2.90 -11.62
CA GLY D 554 1.25 3.14 -10.19
C GLY D 554 1.87 2.02 -9.38
N GLU D 555 1.56 0.78 -9.76
CA GLU D 555 2.17 -0.37 -9.08
C GLU D 555 3.70 -0.33 -9.19
N THR D 556 4.21 -0.10 -10.40
CA THR D 556 5.66 -0.06 -10.59
C THR D 556 6.29 1.03 -9.74
N VAL D 557 5.72 2.24 -9.77
CA VAL D 557 6.26 3.34 -8.99
C VAL D 557 6.29 2.96 -7.51
N ASN D 558 5.24 2.30 -7.03
CA ASN D 558 5.22 1.84 -5.66
C ASN D 558 6.36 0.87 -5.36
N LYS D 559 6.76 0.05 -6.33
CA LYS D 559 7.69 -1.03 -6.04
C LYS D 559 9.17 -0.71 -6.30
N ILE D 560 9.53 0.43 -6.88
CA ILE D 560 10.89 0.58 -7.38
C ILE D 560 11.64 1.76 -6.74
N ALA D 561 11.16 2.29 -5.62
CA ALA D 561 11.82 3.47 -5.05
C ALA D 561 13.27 3.19 -4.69
N GLN D 562 13.50 2.15 -3.88
CA GLN D 562 14.85 1.83 -3.43
C GLN D 562 15.73 1.41 -4.59
N GLU D 563 15.19 0.60 -5.51
CA GLU D 563 15.95 0.22 -6.69
C GLU D 563 16.37 1.42 -7.49
N SER D 564 15.48 2.39 -7.67
CA SER D 564 15.80 3.57 -8.47
C SER D 564 16.87 4.41 -7.79
N LYS D 565 16.78 4.58 -6.47
CA LYS D 565 17.81 5.32 -5.76
C LYS D 565 19.17 4.64 -5.88
N ASN D 566 19.21 3.31 -5.74
CA ASN D 566 20.48 2.60 -5.84
C ASN D 566 21.05 2.68 -7.26
N ILE D 567 20.17 2.59 -8.28
CA ILE D 567 20.63 2.70 -9.65
C ILE D 567 21.20 4.10 -9.91
N TRP D 568 20.54 5.14 -9.38
CA TRP D 568 21.07 6.48 -9.55
C TRP D 568 22.43 6.61 -8.88
N LYS D 569 22.60 6.01 -7.71
CA LYS D 569 23.90 6.07 -7.04
C LYS D 569 24.97 5.38 -7.86
N LEU D 570 24.66 4.24 -8.47
CA LEU D 570 25.62 3.58 -9.33
C LEU D 570 25.94 4.43 -10.57
N GLN D 571 24.94 5.09 -11.13
CA GLN D 571 25.19 5.97 -12.27
C GLN D 571 26.13 7.10 -11.90
N ARG D 572 25.92 7.71 -10.74
CA ARG D 572 26.82 8.78 -10.32
C ARG D 572 28.21 8.25 -10.03
N ALA D 573 28.31 7.03 -9.50
CA ALA D 573 29.61 6.41 -9.30
C ALA D 573 30.35 6.22 -10.63
N ILE D 574 29.63 5.78 -11.66
CA ILE D 574 30.23 5.64 -12.98
C ILE D 574 30.73 6.99 -13.48
N THR D 575 29.92 8.03 -13.30
CA THR D 575 30.34 9.38 -13.68
C THR D 575 31.61 9.80 -12.93
N ILE D 576 31.68 9.50 -11.64
CA ILE D 576 32.83 9.90 -10.83
C ILE D 576 34.09 9.19 -11.30
N LEU D 577 34.00 7.88 -11.55
CA LEU D 577 35.15 7.15 -12.05
C LEU D 577 35.58 7.66 -13.42
N ASP D 578 34.61 7.92 -14.30
CA ASP D 578 34.95 8.43 -15.63
C ASP D 578 35.64 9.79 -15.53
N THR D 579 35.17 10.65 -14.63
CA THR D 579 35.82 11.95 -14.46
C THR D 579 37.24 11.77 -13.92
N GLU D 580 37.41 10.91 -12.92
CA GLU D 580 38.75 10.70 -12.38
C GLU D 580 39.71 10.18 -13.43
N LYS D 581 39.22 9.43 -14.42
CA LYS D 581 40.08 8.99 -15.51
C LYS D 581 40.12 9.97 -16.69
N SER D 582 39.23 10.96 -16.71
CA SER D 582 39.20 11.96 -17.78
C SER D 582 38.62 13.23 -17.18
N PHE D 583 39.50 14.13 -16.74
CA PHE D 583 39.14 15.30 -15.96
C PHE D 583 39.63 16.61 -16.58
N ARG D 588 47.19 14.98 -9.99
CA ARG D 588 46.95 14.06 -8.89
C ARG D 588 46.10 14.72 -7.80
N LYS D 589 45.02 15.38 -8.21
CA LYS D 589 44.09 15.98 -7.25
C LYS D 589 43.08 14.97 -6.72
N ALA D 590 42.64 14.03 -7.55
CA ALA D 590 41.56 13.12 -7.20
C ALA D 590 42.02 12.02 -6.27
N PHE D 591 42.50 12.38 -5.07
CA PHE D 591 43.11 11.39 -4.19
C PHE D 591 42.34 11.35 -2.88
N ARG D 592 41.94 10.13 -2.50
CA ARG D 592 40.90 9.87 -1.50
C ARG D 592 40.98 10.70 -0.22
N SER D 593 42.02 10.51 0.58
CA SER D 593 42.00 10.94 1.98
C SER D 593 43.44 11.10 2.46
N GLY D 594 43.62 11.16 3.77
CA GLY D 594 44.94 11.36 4.34
C GLY D 594 45.68 10.07 4.64
N LYS D 595 46.99 10.13 4.51
CA LYS D 595 47.85 9.01 4.90
C LYS D 595 48.13 9.10 6.39
N LEU D 596 47.69 8.09 7.14
CA LEU D 596 47.74 8.11 8.59
C LEU D 596 48.31 6.81 9.12
N LEU D 597 48.95 6.91 10.29
CA LEU D 597 49.41 5.75 11.04
C LEU D 597 48.25 5.28 11.92
N GLN D 598 47.86 4.01 11.77
CA GLN D 598 46.54 3.61 12.24
C GLN D 598 46.54 2.40 13.18
N VAL D 599 47.51 1.49 13.04
CA VAL D 599 47.64 0.38 13.97
C VAL D 599 48.96 0.43 14.71
N GLY D 600 49.69 1.53 14.59
CA GLY D 600 51.02 1.60 15.13
C GLY D 600 52.02 0.96 14.20
N PHE D 601 52.05 -0.37 14.21
CA PHE D 601 53.13 -1.10 13.58
C PHE D 601 52.64 -2.49 13.22
N THR D 602 53.37 -3.14 12.34
CA THR D 602 53.10 -4.50 11.93
C THR D 602 53.54 -5.44 13.03
N PRO D 603 53.37 -6.76 12.86
CA PRO D 603 54.06 -7.70 13.76
C PRO D 603 55.55 -7.42 13.83
N ASP D 604 56.16 -7.08 12.70
CA ASP D 604 57.48 -6.49 12.72
C ASP D 604 57.40 -5.06 13.23
N GLY D 605 58.52 -4.57 13.78
CA GLY D 605 58.50 -3.28 14.46
C GLY D 605 58.13 -2.11 13.58
N LYS D 606 58.24 -2.27 12.26
CA LYS D 606 58.03 -1.14 11.36
C LYS D 606 56.63 -0.57 11.51
N ASP D 607 56.53 0.75 11.50
CA ASP D 607 55.24 1.42 11.51
C ASP D 607 54.63 1.40 10.12
N ASP D 608 53.32 1.16 10.05
CA ASP D 608 52.62 1.02 8.78
C ASP D 608 51.71 2.23 8.58
N TYR D 609 51.90 2.90 7.45
CA TYR D 609 51.07 4.02 7.05
C TYR D 609 50.05 3.54 6.01
N ARG D 610 48.80 3.92 6.20
CA ARG D 610 47.72 3.53 5.31
C ARG D 610 46.85 4.73 4.99
N TRP D 611 46.41 4.83 3.73
CA TRP D 611 45.45 5.85 3.35
C TRP D 611 44.09 5.51 3.94
N CYS D 612 43.55 6.42 4.74
CA CYS D 612 42.37 6.14 5.54
C CYS D 612 41.32 7.21 5.34
N PHE D 613 40.06 6.79 5.36
CA PHE D 613 38.92 7.68 5.27
C PHE D 613 38.32 7.83 6.66
N ARG D 614 38.20 9.07 7.13
CA ARG D 614 37.72 9.34 8.48
C ARG D 614 36.21 9.54 8.46
N VAL D 615 35.53 8.86 9.39
CA VAL D 615 34.09 8.97 9.55
C VAL D 615 33.78 9.22 11.02
N ASP D 616 33.02 10.27 11.30
CA ASP D 616 32.63 10.61 12.66
C ASP D 616 31.35 9.87 13.03
N GLU D 617 31.32 9.33 14.24
CA GLU D 617 30.19 8.58 14.75
C GLU D 617 29.83 9.09 16.14
N VAL D 618 28.55 9.00 16.48
CA VAL D 618 28.05 9.32 17.82
C VAL D 618 27.17 8.17 18.28
N ASN D 619 27.38 7.72 19.51
CA ASN D 619 26.59 6.64 20.09
C ASN D 619 26.33 6.97 21.55
N TRP D 620 25.07 7.20 21.90
CA TRP D 620 24.69 7.51 23.27
C TRP D 620 24.35 6.28 24.09
N THR D 621 24.30 5.10 23.47
CA THR D 621 23.85 3.89 24.16
C THR D 621 25.03 3.12 24.75
N THR D 622 25.96 2.69 23.90
CA THR D 622 27.13 1.95 24.36
C THR D 622 28.20 2.94 24.78
N TRP D 623 28.00 3.48 26.00
CA TRP D 623 28.92 4.48 26.52
C TRP D 623 30.33 3.94 26.73
N ASN D 624 30.48 2.62 26.88
CA ASN D 624 31.78 2.06 27.27
C ASN D 624 32.87 2.49 26.30
N THR D 625 32.68 2.23 25.00
CA THR D 625 33.64 2.62 23.96
C THR D 625 35.04 2.12 24.31
N ASN D 626 35.14 0.87 24.76
CA ASN D 626 36.43 0.27 25.07
C ASN D 626 37.12 -0.10 23.76
N VAL D 627 38.12 0.69 23.38
CA VAL D 627 38.79 0.53 22.08
C VAL D 627 40.29 0.74 22.25
N GLY D 628 41.04 0.33 21.23
CA GLY D 628 42.46 0.57 21.18
C GLY D 628 42.80 1.83 20.40
N ILE D 629 42.38 2.98 20.93
CA ILE D 629 42.54 4.27 20.27
C ILE D 629 43.98 4.47 19.84
N ILE D 630 44.17 5.13 18.70
CA ILE D 630 45.49 5.40 18.16
C ILE D 630 46.10 6.66 18.77
N ASN D 631 45.36 7.75 18.76
CA ASN D 631 45.83 9.04 19.24
C ASN D 631 45.04 9.45 20.48
N GLU D 632 45.74 9.77 21.55
CA GLU D 632 45.13 10.53 22.63
C GLU D 632 45.15 12.01 22.27
N ASP D 633 44.50 12.82 23.11
CA ASP D 633 44.28 14.21 22.72
C ASP D 633 43.37 14.25 21.50
N PRO D 634 42.10 13.87 21.65
CA PRO D 634 41.23 13.72 20.48
C PRO D 634 41.12 14.99 19.66
N GLY D 635 40.95 14.82 18.36
CA GLY D 635 40.78 15.94 17.45
C GLY D 635 42.03 16.23 16.65
#